data_7KBT
#
_entry.id   7KBT
#
_cell.length_a   132.243
_cell.length_b   132.243
_cell.length_c   380.029
_cell.angle_alpha   90.00
_cell.angle_beta   90.00
_cell.angle_gamma   90.00
#
_symmetry.space_group_name_H-M   'P 41 21 2'
#
loop_
_entity.id
_entity.type
_entity.pdbx_description
1 polymer 'Coagulation factor VIII,Coagulation factor VIII,Coagulation factor VIII,Coagulation factor VIII,Coagulation factor VIII'
2 polymer 'G99 heavy chain'
3 polymer 'G99 light chain'
4 branched 2-acetamido-2-deoxy-beta-D-glucopyranose-(1-4)-2-acetamido-2-deoxy-beta-D-glucopyranose
5 non-polymer 2-acetamido-2-deoxy-beta-D-glucopyranose
6 non-polymer 'COPPER (II) ION'
7 non-polymer 'ZINC ION'
8 non-polymer 'CALCIUM ION'
#
loop_
_entity_poly.entity_id
_entity_poly.type
_entity_poly.pdbx_seq_one_letter_code
_entity_poly.pdbx_strand_id
1 'polypeptide(L)'
;MQLELSTCVFLCLLPLGFSAIRRYYLGAVELSWDYRQSELLRELHVDTRFPATAPGALPLGPSVLYKKTVFVEFTDQLFS
VARPRPPWMGLLGPTIQAEVYDTVVVTLKNMASHPVSLHAVGVSFWKSSEGAEYEDHTSQREKEDDKVLPGKSQTYVWQV
LKENGPTASDPPCLTYSYLSHVDLVKDLNSGLIGALLVCREGSLTRERTQNLHEFVLLFAVFDEGKSWHSARNDSWTRAM
DPAPARAQPAMHTVNGYVNRSLPGLIGCHKKSVYWHVIGMGTSPEVHSIFLEGHTFLVRHHRQASLEISPLTFLTAQTFL
MDLGQFLLFCHISSHHHGGMEAHVRVESCAEEPQLRRKADEEEDYDDNLYDSDMDVVRLDGDDVSPFIQIRSVAKKHPKT
WVHYIAAEEEDWDYAPLVLAPDDRSYKSQYLNNGPQRIGRKYKKVRFMAYTDETFKTREAIQHESGILGPLLYGEVGDTL
LIIFKNQASRPYNIYPHGITDVRPLYSRRLPKGVKHLKDFPILPGEIFKYKWTVTVEDGPTKSDPRCLTRYYSSFVNMER
DLASGLIGPLLICYKESVDQRGNQIMSDKRNVILFSVFDENRSWYLTENIQRFLPNPAGVQLEDPEFQASNIMHSINGYV
FDSLQLSVCLHEVAYWYILSIGAQTDFLSVFFSGYTFKHKMVYEDTLTLFPFSGETVFMSMENPGLWILGCHNSDFRNRG
MTALLKVSSCDKNTGDYYEDSYEDISAYLLSKNNAIEPRSFAQNSRPPSASAPKPPVLRRHQRDISLPTFQPEEDKMDYD
DIFSTETKGEDFDIYGEDENQDPRSFQKRTRHYFIAAVEQLWDYGMSESPRALRNRAQNGEVPRFKKVVFREFADGSFTQ
PSYRGELNKHLGLLGPYIRAEVEDNIMVTFKNQASRPYSFYSSLISYPDDQEQGAEPRHNFVQPNETRTYFWKVQHHMAP
TEDEFDCKAWAYFSDVDLEKDVHSGLIGPLLICRANTLNAAHGRQVTVQEFALFFTIFDETKSWYFTENVERNCRAPCHL
QMEDPTLKENYRFHAINGYVMDTLPGLVMAQNQRIRWYLLSMGSNENIHSIHFSGHVFSVRKKEEYKMAVYNLYPGVFET
VEMLPSKVGIWRIECLIGEHLQAGMSTTFLVYSKKCQTPLGMASGHIRDFQITASGQYGQWAPKLARLHYSGSINAWSTK
EPFSWIKVDLLAPMIIHGIKTQGARQKFSSLYISQFIIMYSLDGKKWQTYRGNSTGTLMVFFGNVDSSGIKHNIFNPPII
ARYIRLHPTHYSIRSTLRMELMGCDLNSCSMPLGMESKAISDAQITASSYFTNMFATWSPSKARLHLQGRSNAWRPQVNN
PKEWLQVDFQKTMKVTGVTTQGVKSLLTSMYVKEFLISSSQDGHQWTLFFQNGKVKVFQGNQDSFTPVVNSLDPPLLTRY
LRIHPQSWVHQIALRMEVLGCEAQDLY
;
A
2 'polypeptide(L)'
;QVQLQQSGAELMKPGASVKISCKATGYTFSSYWIEWVKQRPGHGLEWIGEILPGSGSTNYNERFKGKASFTADSSSNTAY
MQLSSLTSEDSAVYYCTRTSYYFGSSYDFDVWGAGTTVTVSSAKTTAPSVYPLAPVCGDTTGSSVTLGCLVKGYFPEPVT
LTWNSGSLSSGVHTFPALLQSDLYTLSSSVTVTSSTWPSQSITCNVAHPASSTKVDKKIEPRGP
;
E
3 'polypeptide(L)'
;DIQMTQSPSSLSASLGERVSLTCRASQEISGYLSWLQQKPDGTIKRLIYAASTLDSSVPKRFSGSRSGSDYSLTISSLDS
EDFAVYYCLQYASYPYTFGGGTKVEIKRADAAPTVSIFPPSSEQLTSGGASVVCFLNNFYPKDINVKWKIDGSERQNGVL
NSWTDQDSKDSTYSMSSTLTLTKDEYERHNSYTCEATHKTSTSPIVKSFNRNEC
;
F
#
# COMPACT_ATOMS: atom_id res chain seq x y z
N ALA A 20 3.71 16.68 -19.78
CA ALA A 20 3.06 15.92 -18.72
C ALA A 20 4.07 15.21 -17.85
N ILE A 21 5.26 15.81 -17.71
CA ILE A 21 6.25 15.38 -16.74
C ILE A 21 6.46 16.54 -15.77
N ARG A 22 5.80 16.48 -14.62
CA ARG A 22 5.90 17.54 -13.63
C ARG A 22 7.05 17.25 -12.69
N ARG A 23 7.99 18.19 -12.57
CA ARG A 23 9.20 17.99 -11.79
C ARG A 23 9.08 18.75 -10.48
N TYR A 24 9.35 18.08 -9.37
CA TYR A 24 9.25 18.65 -8.03
C TYR A 24 10.49 18.28 -7.25
N TYR A 25 11.00 19.24 -6.47
CA TYR A 25 12.27 19.12 -5.78
C TYR A 25 12.05 19.34 -4.28
N LEU A 26 11.38 18.39 -3.63
CA LEU A 26 11.22 18.46 -2.19
C LEU A 26 12.53 18.13 -1.48
N GLY A 27 12.65 18.62 -0.24
CA GLY A 27 13.70 18.20 0.66
C GLY A 27 13.28 18.20 2.11
N LEU A 31 14.22 21.95 11.48
CA LEU A 31 14.24 23.37 11.79
C LEU A 31 13.62 23.63 13.16
N SER A 32 13.80 24.85 13.67
CA SER A 32 13.17 25.25 14.92
C SER A 32 11.76 25.79 14.68
N TRP A 33 10.85 25.47 15.60
CA TRP A 33 9.46 25.88 15.49
C TRP A 33 8.90 26.05 16.90
N ASP A 34 8.25 27.18 17.17
CA ASP A 34 7.56 27.39 18.44
C ASP A 34 6.04 27.39 18.31
N TYR A 35 5.53 27.33 17.08
CA TYR A 35 4.11 27.23 16.73
C TYR A 35 3.40 28.58 16.66
N ARG A 36 3.63 29.48 17.61
CA ARG A 36 2.92 30.75 17.50
C ARG A 36 3.66 31.77 16.64
N GLN A 37 4.97 31.89 16.82
CA GLN A 37 5.78 32.82 16.03
C GLN A 37 5.87 32.36 14.57
N SER A 38 4.97 32.88 13.74
CA SER A 38 5.14 32.93 12.29
C SER A 38 6.52 33.48 11.91
N GLU A 39 6.98 33.16 10.70
CA GLU A 39 8.18 33.72 10.05
C GLU A 39 9.44 33.03 10.55
N LEU A 40 9.34 32.01 11.40
CA LEU A 40 10.42 31.03 11.50
C LEU A 40 10.67 30.23 10.22
N LEU A 41 9.77 30.24 9.24
CA LEU A 41 10.09 29.62 7.96
C LEU A 41 11.01 30.48 7.09
N ARG A 42 11.61 31.51 7.66
CA ARG A 42 12.63 32.38 7.08
C ARG A 42 14.05 31.81 7.10
N GLU A 43 14.28 30.54 7.44
CA GLU A 43 15.47 29.84 6.94
C GLU A 43 15.79 30.06 5.47
N LEU A 44 14.93 30.74 4.71
CA LEU A 44 15.32 31.21 3.39
C LEU A 44 16.28 32.39 3.47
N HIS A 45 16.18 33.19 4.53
CA HIS A 45 16.86 34.49 4.57
C HIS A 45 16.94 35.06 5.99
N ASP A 47 17.63 37.69 9.11
CA ASP A 47 16.95 38.21 10.29
C ASP A 47 17.33 37.45 11.56
N THR A 48 18.45 37.86 12.17
CA THR A 48 19.00 37.15 13.32
C THR A 48 18.36 37.70 14.59
N ARG A 49 17.63 36.85 15.29
CA ARG A 49 16.93 37.25 16.51
C ARG A 49 17.82 37.06 17.74
N TYR A 66 11.98 23.88 19.48
CA TYR A 66 12.04 22.42 19.39
C TYR A 66 12.76 22.00 18.11
N LYS A 67 13.35 20.80 18.11
CA LYS A 67 13.95 20.26 16.91
C LYS A 67 12.88 19.60 16.04
N LYS A 68 12.73 20.09 14.81
CA LYS A 68 11.73 19.60 13.87
C LYS A 68 12.38 19.38 12.50
N THR A 69 11.89 18.37 11.78
CA THR A 69 12.32 18.11 10.41
C THR A 69 11.09 18.11 9.52
N VAL A 70 11.08 19.00 8.53
CA VAL A 70 9.91 19.24 7.68
C VAL A 70 10.31 19.10 6.23
N PHE A 71 9.30 19.13 5.36
CA PHE A 71 9.49 19.08 3.91
C PHE A 71 9.57 20.51 3.36
N VAL A 72 10.58 20.76 2.51
CA VAL A 72 10.72 22.06 1.86
C VAL A 72 10.93 21.89 0.36
N GLU A 73 10.50 22.89 -0.41
CA GLU A 73 10.63 22.87 -1.86
C GLU A 73 11.91 23.56 -2.31
N PHE A 74 12.16 23.51 -3.62
CA PHE A 74 13.35 24.10 -4.21
C PHE A 74 13.01 24.47 -5.65
N THR A 75 13.81 25.34 -6.24
CA THR A 75 13.52 25.78 -7.60
C THR A 75 13.98 24.75 -8.62
N ASP A 76 15.03 24.01 -8.30
CA ASP A 76 15.85 23.32 -9.29
C ASP A 76 16.38 22.00 -8.75
N GLN A 77 16.97 21.25 -9.66
CA GLN A 77 17.74 19.99 -9.73
C GLN A 77 19.17 20.14 -9.19
N LEU A 78 19.52 21.28 -8.59
CA LEU A 78 20.84 21.44 -7.98
C LEU A 78 20.77 21.74 -6.48
N PHE A 79 19.60 21.50 -5.86
CA PHE A 79 19.48 21.29 -4.42
C PHE A 79 20.10 22.36 -3.53
N SER A 80 20.24 23.60 -4.01
CA SER A 80 20.81 24.62 -3.14
C SER A 80 19.97 25.87 -2.96
N VAL A 81 18.80 25.96 -3.60
CA VAL A 81 18.07 27.23 -3.68
C VAL A 81 16.67 27.05 -3.10
N ALA A 82 16.39 27.81 -2.04
CA ALA A 82 15.09 27.83 -1.37
C ALA A 82 14.05 28.63 -2.13
N ARG A 83 12.78 28.27 -1.96
CA ARG A 83 11.67 28.98 -2.58
C ARG A 83 10.95 29.77 -1.49
N PRO A 84 10.13 30.77 -1.86
CA PRO A 84 9.12 31.28 -0.91
C PRO A 84 7.91 30.37 -0.79
N ARG A 85 7.59 29.99 0.45
CA ARG A 85 6.40 29.22 0.76
C ARG A 85 5.38 30.13 1.44
N PRO A 86 4.08 29.92 1.22
CA PRO A 86 3.08 30.90 1.69
C PRO A 86 3.06 31.00 3.20
N PRO A 87 2.37 32.03 3.73
CA PRO A 87 2.14 32.06 5.19
C PRO A 87 1.37 30.86 5.70
N TRP A 88 0.31 30.47 5.00
CA TRP A 88 -0.70 29.57 5.56
C TRP A 88 -0.27 28.11 5.58
N MET A 89 0.68 27.71 4.74
CA MET A 89 1.01 26.29 4.69
C MET A 89 1.74 25.85 5.96
N GLY A 90 2.48 26.75 6.60
CA GLY A 90 3.21 26.45 7.83
C GLY A 90 4.21 25.33 7.61
N LEU A 91 4.10 24.31 8.45
CA LEU A 91 5.00 23.16 8.43
C LEU A 91 4.68 22.22 7.27
N LEU A 92 3.49 22.31 6.70
CA LEU A 92 2.97 21.34 5.74
C LEU A 92 3.91 21.21 4.56
N GLY A 93 4.12 19.97 4.11
CA GLY A 93 4.93 19.73 2.94
C GLY A 93 4.31 20.42 1.74
N PRO A 94 5.08 20.49 0.66
CA PRO A 94 4.57 21.05 -0.59
C PRO A 94 3.29 20.39 -1.06
N THR A 95 2.35 21.23 -1.50
CA THR A 95 1.13 20.72 -2.11
C THR A 95 1.50 20.21 -3.50
N ILE A 96 1.13 18.97 -3.78
CA ILE A 96 1.36 18.35 -5.08
C ILE A 96 0.08 18.29 -5.90
N GLN A 97 0.16 18.77 -7.13
CA GLN A 97 -0.96 18.80 -8.07
C GLN A 97 -0.51 18.02 -9.29
N ALA A 98 -1.43 17.30 -9.93
CA ALA A 98 -1.07 16.54 -11.13
C ALA A 98 -2.33 16.26 -11.94
N GLU A 99 -2.31 15.18 -12.72
CA GLU A 99 -3.51 14.71 -13.37
C GLU A 99 -3.36 13.24 -13.73
N VAL A 100 -4.49 12.65 -14.13
CA VAL A 100 -4.50 11.34 -14.76
C VAL A 100 -3.61 11.33 -16.00
N TYR A 101 -2.81 10.27 -16.11
CA TYR A 101 -1.93 9.89 -17.21
C TYR A 101 -0.61 10.64 -17.20
N ASP A 102 -0.41 11.62 -16.32
CA ASP A 102 0.88 12.27 -16.19
C ASP A 102 1.88 11.37 -15.46
N THR A 103 3.04 11.94 -15.16
CA THR A 103 4.02 11.33 -14.27
C THR A 103 4.65 12.42 -13.42
N VAL A 104 4.70 12.18 -12.12
CA VAL A 104 5.42 13.03 -11.18
C VAL A 104 6.85 12.52 -11.07
N VAL A 105 7.80 13.43 -10.94
CA VAL A 105 9.20 13.06 -10.70
C VAL A 105 9.75 13.93 -9.58
N VAL A 106 9.72 13.42 -8.35
CA VAL A 106 10.28 14.09 -7.19
C VAL A 106 11.73 13.62 -7.05
N THR A 107 12.63 14.52 -6.66
CA THR A 107 13.97 14.12 -6.25
C THR A 107 14.15 14.54 -4.79
N LEU A 108 14.28 13.56 -3.90
CA LEU A 108 14.53 13.84 -2.50
C LEU A 108 16.00 13.75 -2.14
N LYS A 109 16.45 14.68 -1.29
CA LYS A 109 17.82 14.74 -0.79
C LYS A 109 17.74 14.90 0.72
N ASN A 110 18.25 13.92 1.47
CA ASN A 110 18.05 13.92 2.90
C ASN A 110 19.13 14.81 3.52
N MET A 111 18.69 15.82 4.26
CA MET A 111 19.57 16.80 4.89
C MET A 111 19.26 16.94 6.37
N ALA A 112 19.08 15.82 7.05
CA ALA A 112 18.60 15.80 8.42
C ALA A 112 19.46 14.86 9.24
N SER A 113 19.36 15.00 10.57
CA SER A 113 19.94 14.03 11.50
C SER A 113 19.66 12.59 11.05
N HIS A 114 18.39 12.23 11.02
CA HIS A 114 17.91 10.87 10.91
C HIS A 114 17.52 10.58 9.46
N PRO A 115 17.27 9.32 9.12
CA PRO A 115 16.82 8.99 7.77
C PRO A 115 15.33 9.25 7.60
N VAL A 116 14.94 9.40 6.33
CA VAL A 116 13.56 9.70 5.95
C VAL A 116 13.29 9.03 4.62
N SER A 117 12.06 8.55 4.45
CA SER A 117 11.57 8.05 3.18
C SER A 117 10.46 8.93 2.62
N LEU A 118 9.97 8.52 1.45
CA LEU A 118 8.89 9.21 0.73
C LEU A 118 7.86 8.16 0.31
N HIS A 119 6.77 8.06 1.09
CA HIS A 119 5.71 7.08 0.90
C HIS A 119 4.43 7.77 0.42
N ALA A 120 4.05 7.52 -0.82
CA ALA A 120 2.85 8.15 -1.37
C ALA A 120 1.62 7.31 -1.08
N VAL A 121 0.48 7.98 -0.93
CA VAL A 121 -0.80 7.32 -0.66
C VAL A 121 -1.72 7.52 -1.86
N GLY A 122 -2.38 6.44 -2.28
CA GLY A 122 -3.39 6.57 -3.32
C GLY A 122 -2.89 6.69 -4.74
N VAL A 123 -1.62 6.36 -4.99
CA VAL A 123 -1.13 6.19 -6.35
C VAL A 123 -0.51 4.81 -6.49
N SER A 124 -0.05 4.47 -7.69
CA SER A 124 0.63 3.22 -7.96
C SER A 124 2.10 3.53 -8.18
N PHE A 125 2.97 2.64 -7.71
CA PHE A 125 4.40 2.76 -7.91
C PHE A 125 5.00 1.37 -8.07
N TRP A 126 6.32 1.35 -8.32
CA TRP A 126 7.01 0.23 -8.93
C TRP A 126 7.86 -0.56 -7.95
N LYS A 127 7.80 -0.27 -6.64
CA LYS A 127 8.61 -0.94 -5.60
C LYS A 127 9.99 -0.30 -5.46
N SER A 128 10.43 0.38 -6.51
CA SER A 128 11.56 1.30 -6.45
C SER A 128 11.24 2.58 -5.68
N SER A 129 10.01 2.74 -5.19
CA SER A 129 9.46 4.03 -4.80
C SER A 129 8.59 3.94 -3.55
N GLU A 130 8.51 2.77 -2.91
CA GLU A 130 7.59 2.58 -1.79
C GLU A 130 8.08 3.21 -0.49
N GLY A 131 9.36 3.57 -0.39
CA GLY A 131 9.89 4.17 0.81
C GLY A 131 9.59 3.48 2.13
N ALA A 132 9.41 2.16 2.12
CA ALA A 132 9.26 1.41 3.35
C ALA A 132 10.06 0.12 3.27
N GLU A 133 10.55 -0.33 4.43
CA GLU A 133 11.35 -1.54 4.50
C GLU A 133 10.60 -2.52 5.37
N TYR A 134 10.46 -3.74 4.87
CA TYR A 134 9.83 -4.86 5.57
C TYR A 134 10.12 -6.10 4.73
N GLU A 135 9.61 -7.24 5.19
CA GLU A 135 9.89 -8.52 4.54
C GLU A 135 9.18 -8.56 3.18
N ASP A 136 9.77 -7.86 2.21
CA ASP A 136 9.10 -7.66 0.93
C ASP A 136 9.73 -8.48 -0.19
N HIS A 137 10.78 -9.25 0.13
CA HIS A 137 11.47 -10.13 -0.81
C HIS A 137 12.05 -9.35 -2.00
N THR A 138 12.68 -8.21 -1.70
CA THR A 138 12.97 -7.18 -2.69
C THR A 138 14.48 -7.05 -2.85
N SER A 139 14.95 -7.06 -4.10
CA SER A 139 16.36 -6.78 -4.40
C SER A 139 16.83 -5.53 -3.68
N GLN A 140 18.11 -5.54 -3.27
CA GLN A 140 18.68 -4.42 -2.55
C GLN A 140 18.68 -3.12 -3.35
N ARG A 141 18.76 -3.18 -4.69
CA ARG A 141 18.61 -1.98 -5.49
C ARG A 141 17.25 -1.33 -5.29
N GLU A 142 16.19 -2.12 -5.35
CA GLU A 142 14.83 -1.67 -5.00
C GLU A 142 14.60 -1.45 -3.46
N LYS A 143 15.60 -1.51 -2.58
CA LYS A 143 15.43 -1.17 -1.17
C LYS A 143 16.14 0.12 -0.76
N GLU A 144 16.75 0.86 -1.69
CA GLU A 144 17.29 2.17 -1.34
C GLU A 144 16.17 3.09 -0.87
N ASP A 145 15.09 3.18 -1.65
CA ASP A 145 13.92 3.95 -1.26
C ASP A 145 13.51 3.67 0.19
N ASP A 146 13.69 2.42 0.65
CA ASP A 146 13.12 2.01 1.94
C ASP A 146 13.69 2.82 3.10
N LYS A 147 14.91 3.34 2.93
CA LYS A 147 15.58 4.17 3.93
C LYS A 147 16.59 5.01 3.15
N VAL A 148 16.48 6.33 3.28
CA VAL A 148 17.39 7.26 2.61
C VAL A 148 18.27 7.93 3.65
N LEU A 149 19.56 7.74 3.52
CA LEU A 149 20.52 8.22 4.50
C LEU A 149 20.90 9.66 4.17
N PRO A 150 21.44 10.41 5.14
CA PRO A 150 21.87 11.79 4.86
C PRO A 150 22.76 11.91 3.63
N GLY A 151 22.50 12.95 2.85
CA GLY A 151 22.92 13.00 1.45
C GLY A 151 22.06 12.16 0.52
N LYS A 152 22.69 11.67 -0.55
CA LYS A 152 22.05 10.80 -1.53
C LYS A 152 20.78 11.44 -2.08
N GLN A 154 17.47 10.37 -3.79
CA GLN A 154 16.44 9.42 -4.20
C GLN A 154 15.26 10.12 -4.88
N THR A 155 15.15 9.89 -6.19
CA THR A 155 13.90 10.03 -6.92
C THR A 155 12.98 8.85 -6.67
N TYR A 156 11.68 9.08 -6.90
CA TYR A 156 10.65 8.10 -6.56
C TYR A 156 9.84 7.67 -7.77
N VAL A 157 9.21 8.59 -8.50
CA VAL A 157 8.38 8.31 -9.67
C VAL A 157 7.10 7.57 -9.27
N TRP A 158 5.96 8.20 -9.52
CA TRP A 158 4.62 7.70 -9.27
C TRP A 158 3.83 7.79 -10.56
N GLN A 159 2.76 7.01 -10.67
CA GLN A 159 2.21 6.66 -11.98
C GLN A 159 0.88 7.31 -12.34
N VAL A 160 -0.05 7.45 -11.40
CA VAL A 160 -1.40 7.98 -11.63
C VAL A 160 -2.04 7.38 -12.88
N LEU A 161 -2.44 6.12 -12.81
CA LEU A 161 -3.09 5.50 -13.96
C LEU A 161 -4.55 5.91 -14.02
N LYS A 162 -5.24 5.47 -15.09
CA LYS A 162 -6.65 5.79 -15.25
C LYS A 162 -7.48 5.25 -14.09
N GLU A 163 -7.24 4.00 -13.69
CA GLU A 163 -7.90 3.43 -12.54
C GLU A 163 -7.50 4.08 -11.21
N ASN A 164 -6.53 5.00 -11.21
CA ASN A 164 -6.09 5.66 -9.99
C ASN A 164 -6.90 6.91 -9.67
N GLY A 165 -7.51 7.54 -10.66
CA GLY A 165 -8.11 8.85 -10.50
C GLY A 165 -9.56 8.78 -10.04
N PRO A 166 -10.16 9.95 -9.84
CA PRO A 166 -11.48 10.02 -9.21
C PRO A 166 -12.58 9.67 -10.20
N THR A 167 -13.75 9.34 -9.65
CA THR A 167 -14.92 9.04 -10.46
C THR A 167 -15.69 10.32 -10.78
N ALA A 168 -16.85 10.17 -11.43
CA ALA A 168 -17.72 11.29 -11.74
C ALA A 168 -18.29 11.94 -10.48
N SER A 169 -18.68 11.13 -9.49
CA SER A 169 -19.30 11.65 -8.28
C SER A 169 -18.29 12.27 -7.32
N ASP A 170 -17.01 11.97 -7.48
CA ASP A 170 -15.99 12.39 -6.53
C ASP A 170 -15.77 13.91 -6.63
N PRO A 171 -15.21 14.53 -5.60
CA PRO A 171 -14.79 15.93 -5.70
C PRO A 171 -13.93 16.13 -6.95
N PRO A 172 -13.73 17.37 -7.41
CA PRO A 172 -12.83 17.56 -8.56
C PRO A 172 -11.38 17.19 -8.30
N CYS A 173 -11.03 16.83 -7.07
CA CYS A 173 -9.62 16.65 -6.72
C CYS A 173 -9.51 15.96 -5.35
N LEU A 174 -9.06 14.71 -5.33
CA LEU A 174 -9.06 13.93 -4.11
C LEU A 174 -7.94 14.38 -3.19
N THR A 175 -8.21 14.29 -1.88
CA THR A 175 -7.29 14.73 -0.85
C THR A 175 -6.51 13.55 -0.28
N TYR A 176 -5.21 13.50 -0.57
CA TYR A 176 -4.32 12.47 -0.05
C TYR A 176 -3.15 13.11 0.65
N SER A 177 -2.17 12.30 1.06
CA SER A 177 -1.00 12.85 1.73
C SER A 177 0.19 11.95 1.46
N TYR A 178 1.36 12.38 1.93
CA TYR A 178 2.58 11.59 1.85
C TYR A 178 3.42 11.84 3.09
N LEU A 179 4.28 10.88 3.42
CA LEU A 179 5.03 10.98 4.66
C LEU A 179 6.32 10.16 4.55
N SER A 180 7.22 10.40 5.51
CA SER A 180 8.32 9.49 5.78
C SER A 180 7.82 8.21 6.46
N HIS A 181 8.32 7.07 5.98
CA HIS A 181 7.83 5.76 6.43
C HIS A 181 8.95 4.90 6.99
N VAL A 182 9.94 5.51 7.63
CA VAL A 182 11.00 4.72 8.26
C VAL A 182 10.65 4.42 9.71
N ASP A 183 10.06 5.38 10.45
CA ASP A 183 9.51 5.18 11.78
C ASP A 183 8.29 6.11 11.90
N LEU A 184 7.14 5.64 11.41
CA LEU A 184 5.89 6.39 11.43
C LEU A 184 5.71 7.25 12.68
N VAL A 185 5.76 6.62 13.86
CA VAL A 185 5.58 7.34 15.12
C VAL A 185 6.56 8.51 15.18
N LYS A 186 7.84 8.22 14.94
CA LYS A 186 8.87 9.25 14.90
C LYS A 186 8.62 10.24 13.76
N ASP A 187 8.44 9.73 12.54
CA ASP A 187 8.47 10.57 11.34
C ASP A 187 7.35 11.59 11.37
N LEU A 188 6.12 11.15 11.61
CA LEU A 188 5.00 12.07 11.76
C LEU A 188 5.25 13.06 12.89
N ASN A 189 5.61 12.57 14.07
CA ASN A 189 5.77 13.42 15.25
C ASN A 189 6.88 14.45 15.10
N SER A 190 7.55 14.46 13.94
CA SER A 190 8.66 15.37 13.70
C SER A 190 8.43 16.36 12.57
N GLY A 191 7.41 16.16 11.74
CA GLY A 191 6.99 17.21 10.83
C GLY A 191 7.01 16.76 9.38
N LEU A 192 7.11 15.44 9.18
CA LEU A 192 7.16 14.85 7.84
C LEU A 192 5.76 14.46 7.40
N ILE A 193 5.10 15.40 6.72
CA ILE A 193 3.74 15.22 6.19
C ILE A 193 3.41 16.37 5.25
N GLY A 194 3.09 16.04 4.00
CA GLY A 194 2.64 17.05 3.04
C GLY A 194 1.36 16.60 2.34
N ALA A 195 0.81 17.52 1.57
CA ALA A 195 -0.48 17.30 0.90
C ALA A 195 -0.31 16.66 -0.47
N LEU A 196 -1.25 15.80 -0.85
CA LEU A 196 -1.28 15.16 -2.15
C LEU A 196 -2.64 15.38 -2.80
N LEU A 197 -2.65 16.02 -3.98
CA LEU A 197 -3.88 16.38 -4.66
C LEU A 197 -3.96 15.66 -6.01
N VAL A 198 -4.93 14.76 -6.16
CA VAL A 198 -5.06 13.93 -7.35
C VAL A 198 -6.36 14.32 -8.06
N CYS A 199 -6.27 15.19 -9.06
CA CYS A 199 -7.46 15.71 -9.73
C CYS A 199 -7.67 15.00 -11.07
N ARG A 200 -8.92 14.96 -11.52
CA ARG A 200 -9.28 14.50 -12.86
C ARG A 200 -8.86 15.49 -13.95
N GLU A 201 -8.72 14.96 -15.17
CA GLU A 201 -8.04 15.55 -16.33
C GLU A 201 -8.64 16.86 -16.83
N GLY A 202 -7.89 17.96 -16.71
CA GLY A 202 -8.46 19.30 -16.73
C GLY A 202 -8.03 20.25 -15.62
N SER A 203 -6.74 20.27 -15.28
CA SER A 203 -6.21 21.34 -14.44
C SER A 203 -5.83 22.59 -15.22
N LEU A 204 -5.56 22.47 -16.53
CA LEU A 204 -5.05 23.61 -17.29
C LEU A 204 -6.18 24.53 -17.73
N THR A 205 -7.25 24.56 -16.95
CA THR A 205 -8.39 25.42 -17.19
C THR A 205 -8.27 26.72 -16.39
N ARG A 206 -8.62 27.84 -17.04
CA ARG A 206 -8.45 29.17 -16.46
C ARG A 206 -9.36 29.33 -15.24
N GLU A 207 -8.92 28.88 -14.06
CA GLU A 207 -9.67 29.22 -12.87
C GLU A 207 -9.66 30.72 -12.60
N ARG A 208 -10.82 31.26 -12.25
CA ARG A 208 -10.96 32.63 -11.78
C ARG A 208 -10.11 32.91 -10.54
N THR A 209 -8.83 33.26 -10.70
CA THR A 209 -7.93 33.32 -9.55
C THR A 209 -8.21 34.51 -8.62
N GLN A 210 -9.48 34.87 -8.43
CA GLN A 210 -9.98 35.58 -7.26
C GLN A 210 -10.60 34.67 -6.20
N ASN A 211 -11.43 33.73 -6.63
CA ASN A 211 -11.92 32.55 -5.91
C ASN A 211 -10.86 31.48 -5.62
N LEU A 212 -11.25 30.21 -5.84
CA LEU A 212 -10.36 29.06 -5.69
C LEU A 212 -9.75 28.98 -4.32
N HIS A 213 -8.68 29.74 -4.04
CA HIS A 213 -8.03 29.62 -2.73
C HIS A 213 -7.68 28.15 -2.48
N GLU A 214 -8.56 27.44 -1.77
CA GLU A 214 -8.51 26.00 -1.56
C GLU A 214 -7.24 25.64 -0.79
N PHE A 215 -7.28 25.85 0.51
CA PHE A 215 -6.14 25.68 1.40
C PHE A 215 -6.21 24.34 2.13
N VAL A 216 -5.19 23.49 1.88
CA VAL A 216 -5.05 22.26 2.65
C VAL A 216 -4.93 22.58 4.14
N LEU A 217 -5.66 21.81 4.95
CA LEU A 217 -5.83 22.03 6.39
C LEU A 217 -5.39 20.81 7.19
N LEU A 218 -4.08 20.65 7.35
CA LEU A 218 -3.58 19.56 8.20
C LEU A 218 -4.02 19.80 9.63
N PHE A 219 -4.67 18.80 10.22
CA PHE A 219 -5.11 18.86 11.61
C PHE A 219 -4.30 17.86 12.45
N ALA A 220 -3.02 18.14 12.61
CA ALA A 220 -2.06 17.19 13.15
C ALA A 220 -1.78 17.46 14.63
N VAL A 221 -1.98 16.43 15.45
CA VAL A 221 -1.37 16.37 16.77
C VAL A 221 0.09 15.93 16.65
N PHE A 222 0.97 16.63 17.34
CA PHE A 222 2.38 16.27 17.44
C PHE A 222 2.73 15.95 18.89
N ASP A 223 3.32 14.79 19.12
CA ASP A 223 3.77 14.40 20.46
C ASP A 223 5.27 14.63 20.45
N GLU A 224 5.65 15.89 20.68
CA GLU A 224 7.05 16.31 20.73
C GLU A 224 7.88 15.59 21.79
N GLY A 225 7.25 14.86 22.71
CA GLY A 225 8.07 14.10 23.62
C GLY A 225 8.42 12.72 23.15
N LYS A 226 7.88 12.32 21.99
CA LYS A 226 8.16 11.04 21.36
C LYS A 226 8.29 11.23 19.86
N SER A 227 8.98 12.29 19.45
CA SER A 227 9.59 12.39 18.14
C SER A 227 11.03 11.89 18.17
N TRP A 228 11.65 11.89 16.99
CA TRP A 228 13.08 11.60 16.83
C TRP A 228 13.94 12.29 17.87
N HIS A 229 14.05 13.60 17.74
CA HIS A 229 14.74 14.45 18.71
C HIS A 229 14.00 14.48 20.04
N SER A 230 14.66 14.01 21.10
CA SER A 230 14.22 14.25 22.47
C SER A 230 15.29 13.83 23.48
N ALA A 231 14.88 13.18 24.56
CA ALA A 231 15.81 12.65 25.55
C ALA A 231 16.21 11.21 25.22
N ALA A 247 7.04 13.77 31.48
CA ALA A 247 7.17 13.85 30.03
C ALA A 247 7.21 15.29 29.57
N GLN A 248 7.18 15.50 28.25
CA GLN A 248 7.22 16.86 27.74
C GLN A 248 5.77 17.30 27.52
N PRO A 249 5.38 18.01 26.42
CA PRO A 249 3.95 18.16 26.18
C PRO A 249 3.51 17.62 24.83
N ALA A 250 2.21 17.68 24.54
CA ALA A 250 1.64 17.11 23.32
C ALA A 250 0.74 18.17 22.70
N MET A 251 1.07 18.61 21.49
CA MET A 251 0.45 19.79 20.90
C MET A 251 -0.59 19.40 19.85
N HIS A 252 -1.86 19.67 20.15
CA HIS A 252 -2.95 19.62 19.17
C HIS A 252 -2.89 20.90 18.34
N THR A 253 -2.59 20.80 17.05
CA THR A 253 -2.36 22.01 16.27
C THR A 253 -3.28 22.06 15.06
N VAL A 254 -3.35 23.24 14.45
CA VAL A 254 -3.86 23.43 13.09
C VAL A 254 -2.72 23.95 12.23
N ASN A 255 -2.34 23.18 11.21
CA ASN A 255 -1.21 23.49 10.33
C ASN A 255 0.09 23.72 11.12
N GLY A 256 0.11 23.32 12.38
CA GLY A 256 1.27 23.41 13.23
C GLY A 256 1.34 24.62 14.13
N TYR A 257 0.34 25.49 14.12
CA TYR A 257 0.26 26.63 15.02
C TYR A 257 -0.79 26.40 16.09
N VAL A 258 -0.54 26.92 17.28
CA VAL A 258 -1.50 26.83 18.38
C VAL A 258 -2.08 28.20 18.67
N ASN A 259 -3.19 28.20 19.41
CA ASN A 259 -3.85 29.38 19.94
C ASN A 259 -3.99 30.50 18.89
N ARG A 260 -4.89 30.24 17.94
CA ARG A 260 -5.43 31.21 16.98
C ARG A 260 -4.37 31.87 16.09
N SER A 261 -3.11 31.42 16.14
CA SER A 261 -2.00 32.13 15.51
C SER A 261 -1.77 31.83 14.02
N LEU A 262 -2.54 30.95 13.37
CA LEU A 262 -2.25 30.67 11.95
C LEU A 262 -2.54 31.90 11.11
N PRO A 263 -1.56 32.48 10.43
CA PRO A 263 -1.82 33.62 9.54
C PRO A 263 -2.17 33.29 8.09
N GLY A 264 -3.05 34.11 7.54
CA GLY A 264 -3.19 34.30 6.10
C GLY A 264 -4.41 33.67 5.45
N LEU A 265 -5.26 33.00 6.21
CA LEU A 265 -6.38 32.28 5.61
C LEU A 265 -7.55 33.24 5.39
N ILE A 266 -7.48 33.98 4.29
CA ILE A 266 -8.47 35.01 3.97
C ILE A 266 -9.20 34.57 2.71
N GLY A 267 -10.53 34.69 2.72
CA GLY A 267 -11.32 34.34 1.57
C GLY A 267 -12.36 35.41 1.25
N CYS A 268 -12.69 35.50 -0.03
CA CYS A 268 -13.63 36.50 -0.52
C CYS A 268 -15.08 36.07 -0.41
N HIS A 269 -15.93 37.04 -0.10
CA HIS A 269 -17.32 36.93 0.34
C HIS A 269 -18.17 36.05 -0.57
N LYS A 270 -18.97 36.66 -1.44
CA LYS A 270 -19.97 35.94 -2.22
C LYS A 270 -19.40 34.93 -3.22
N LYS A 271 -18.38 34.17 -2.80
CA LYS A 271 -17.81 33.09 -3.59
C LYS A 271 -17.77 31.84 -2.70
N SER A 272 -17.17 30.76 -3.18
CA SER A 272 -17.15 29.51 -2.43
C SER A 272 -15.70 29.04 -2.32
N VAL A 273 -15.40 28.35 -1.22
CA VAL A 273 -14.05 27.88 -0.96
C VAL A 273 -14.05 26.36 -0.76
N TYR A 274 -13.09 25.69 -1.39
CA TYR A 274 -12.92 24.25 -1.26
C TYR A 274 -11.88 23.95 -0.18
N TRP A 275 -11.98 22.78 0.43
CA TRP A 275 -11.07 22.40 1.52
C TRP A 275 -10.60 20.96 1.37
N HIS A 276 -9.32 20.81 1.03
CA HIS A 276 -8.65 19.52 1.05
C HIS A 276 -8.20 19.27 2.48
N VAL A 277 -8.90 18.39 3.18
CA VAL A 277 -8.76 18.24 4.62
C VAL A 277 -7.97 16.98 4.91
N ILE A 278 -6.93 17.11 5.73
CA ILE A 278 -6.11 15.97 6.14
C ILE A 278 -6.00 15.96 7.64
N GLY A 279 -6.50 14.90 8.27
CA GLY A 279 -6.21 14.67 9.66
C GLY A 279 -4.87 13.97 9.82
N MET A 280 -4.25 14.15 10.99
CA MET A 280 -3.02 13.41 11.26
C MET A 280 -2.83 13.31 12.76
N GLY A 281 -2.09 12.28 13.18
CA GLY A 281 -1.94 11.95 14.58
C GLY A 281 -1.49 10.53 14.76
N THR A 282 -0.75 10.25 15.84
CA THR A 282 -0.22 8.91 16.04
C THR A 282 -0.89 8.14 17.17
N SER A 283 -1.98 8.66 17.75
CA SER A 283 -2.77 7.78 18.60
C SER A 283 -4.22 7.81 18.09
N PRO A 284 -5.19 7.13 18.75
CA PRO A 284 -6.61 7.42 18.49
C PRO A 284 -6.99 8.90 18.62
N GLU A 285 -7.98 9.15 19.48
CA GLU A 285 -8.55 10.47 19.74
C GLU A 285 -9.24 11.04 18.51
N VAL A 286 -10.44 11.57 18.68
CA VAL A 286 -11.18 12.15 17.56
C VAL A 286 -11.37 13.65 17.77
N HIS A 287 -11.70 14.32 16.66
CA HIS A 287 -11.90 15.77 16.62
C HIS A 287 -13.20 16.10 15.91
N SER A 288 -14.06 16.87 16.57
CA SER A 288 -15.33 17.36 16.02
C SER A 288 -15.12 18.82 15.61
N ILE A 289 -14.93 19.07 14.31
CA ILE A 289 -14.42 20.35 13.84
C ILE A 289 -15.58 21.19 13.31
N PHE A 290 -15.67 22.43 13.78
CA PHE A 290 -16.79 23.32 13.51
C PHE A 290 -16.28 24.65 12.97
N LEU A 291 -17.19 25.42 12.37
CA LEU A 291 -16.90 26.78 11.95
C LEU A 291 -18.11 27.63 12.37
N GLU A 292 -17.90 28.50 13.36
CA GLU A 292 -18.92 29.27 14.08
C GLU A 292 -20.23 29.48 13.32
N GLY A 293 -20.21 30.21 12.21
CA GLY A 293 -21.46 30.59 11.59
C GLY A 293 -21.80 29.88 10.29
N HIS A 294 -21.38 28.62 10.16
CA HIS A 294 -21.14 28.03 8.86
C HIS A 294 -21.40 26.53 8.92
N THR A 295 -21.68 25.95 7.76
CA THR A 295 -21.95 24.54 7.58
C THR A 295 -20.92 23.91 6.63
N PHE A 296 -20.65 22.63 6.83
CA PHE A 296 -19.80 21.89 5.90
C PHE A 296 -20.61 21.01 4.98
N LEU A 297 -20.22 21.00 3.71
CA LEU A 297 -20.68 20.08 2.69
C LEU A 297 -19.58 19.07 2.39
N VAL A 298 -19.86 17.79 2.62
CA VAL A 298 -18.88 16.73 2.41
C VAL A 298 -19.60 15.60 1.68
N ARG A 299 -18.81 14.78 0.97
CA ARG A 299 -19.32 13.98 -0.13
C ARG A 299 -20.37 14.82 -0.85
N HIS A 300 -21.63 14.68 -0.44
CA HIS A 300 -22.70 15.61 -0.82
C HIS A 300 -23.73 15.71 0.30
N HIS A 301 -23.27 15.85 1.54
CA HIS A 301 -24.14 15.80 2.71
C HIS A 301 -23.89 17.06 3.52
N ARG A 302 -24.97 17.66 4.02
CA ARG A 302 -24.85 18.72 5.00
C ARG A 302 -24.41 18.14 6.34
N GLN A 303 -23.17 18.42 6.73
CA GLN A 303 -22.65 18.00 8.03
C GLN A 303 -22.29 19.24 8.85
N ALA A 304 -22.56 19.14 10.15
CA ALA A 304 -22.39 20.26 11.06
C ALA A 304 -20.95 20.31 11.55
N SER A 305 -20.43 19.16 11.96
CA SER A 305 -19.02 18.96 12.24
C SER A 305 -18.37 18.22 11.08
N LEU A 306 -17.03 18.22 11.08
CA LEU A 306 -16.26 17.29 10.28
C LEU A 306 -15.84 16.14 11.17
N GLU A 307 -16.26 14.94 10.80
CA GLU A 307 -15.88 13.74 11.53
C GLU A 307 -14.53 13.29 10.99
N ILE A 308 -13.48 13.52 11.78
CA ILE A 308 -12.11 13.19 11.41
C ILE A 308 -11.42 12.58 12.62
N SER A 309 -10.28 11.97 12.36
CA SER A 309 -9.66 10.95 13.20
C SER A 309 -8.40 10.56 12.44
N PRO A 310 -7.27 10.35 13.15
CA PRO A 310 -5.94 10.29 12.49
C PRO A 310 -5.94 10.53 10.99
N LEU A 311 -5.72 9.52 10.17
CA LEU A 311 -5.46 9.76 8.75
C LEU A 311 -6.75 9.58 7.94
N THR A 312 -7.69 10.45 8.30
CA THR A 312 -8.92 10.68 7.57
C THR A 312 -8.68 11.71 6.48
N PHE A 313 -9.30 11.51 5.32
CA PHE A 313 -9.13 12.43 4.21
C PHE A 313 -10.51 12.76 3.64
N LEU A 314 -10.75 14.06 3.46
CA LEU A 314 -11.99 14.62 2.94
C LEU A 314 -11.66 15.70 1.92
N THR A 315 -12.63 15.97 1.06
CA THR A 315 -12.74 17.28 0.43
C THR A 315 -14.13 17.82 0.78
N ALA A 316 -14.15 18.75 1.72
CA ALA A 316 -15.34 19.49 2.09
C ALA A 316 -15.33 20.86 1.44
N GLN A 317 -16.51 21.35 1.06
CA GLN A 317 -16.65 22.73 0.61
C GLN A 317 -17.70 23.43 1.48
N THR A 318 -17.47 24.72 1.74
CA THR A 318 -18.36 25.59 2.49
C THR A 318 -18.47 26.96 1.83
N PHE A 319 -19.51 27.71 2.21
CA PHE A 319 -19.92 28.92 1.51
C PHE A 319 -20.10 30.04 2.52
N LEU A 320 -19.54 31.21 2.21
CA LEU A 320 -19.24 32.26 3.18
C LEU A 320 -20.20 33.41 2.85
N MET A 321 -21.28 33.52 3.63
CA MET A 321 -22.30 34.54 3.38
C MET A 321 -22.17 35.79 4.24
N ASP A 322 -21.50 35.72 5.37
CA ASP A 322 -21.41 36.85 6.29
C ASP A 322 -19.98 37.38 6.27
N LEU A 323 -19.82 38.64 5.87
CA LEU A 323 -18.54 39.31 6.07
C LEU A 323 -18.14 39.26 7.54
N GLY A 324 -16.86 39.12 7.81
CA GLY A 324 -16.38 39.20 9.17
C GLY A 324 -15.31 38.15 9.40
N GLN A 325 -15.12 37.81 10.68
CA GLN A 325 -14.09 36.89 11.12
C GLN A 325 -14.73 35.87 12.06
N PHE A 326 -14.47 34.58 11.81
CA PHE A 326 -15.18 33.50 12.47
C PHE A 326 -14.21 32.43 12.98
N LEU A 327 -14.54 31.88 14.14
CA LEU A 327 -13.64 30.98 14.86
C LEU A 327 -13.82 29.56 14.35
N LEU A 328 -12.74 29.00 13.81
CA LEU A 328 -12.62 27.57 13.53
C LEU A 328 -12.03 26.86 14.74
N PHE A 329 -12.64 25.75 15.14
CA PHE A 329 -12.28 25.16 16.42
C PHE A 329 -12.86 23.76 16.59
N CYS A 330 -12.11 22.92 17.28
CA CYS A 330 -12.55 21.59 17.71
C CYS A 330 -13.39 21.67 18.98
N HIS A 331 -14.46 20.86 19.04
CA HIS A 331 -15.49 21.06 20.06
C HIS A 331 -15.52 19.96 21.12
N ILE A 332 -14.45 19.17 21.24
CA ILE A 332 -14.44 18.03 22.16
C ILE A 332 -14.27 18.53 23.59
N SER A 333 -15.04 17.96 24.52
CA SER A 333 -15.09 18.39 25.90
C SER A 333 -13.70 18.58 26.55
N SER A 334 -12.77 17.66 26.27
CA SER A 334 -11.42 17.73 26.85
C SER A 334 -10.60 18.94 26.44
N HIS A 335 -10.58 19.96 27.30
CA HIS A 335 -9.91 21.23 27.04
C HIS A 335 -8.45 21.13 26.62
N HIS A 336 -7.77 20.00 26.88
CA HIS A 336 -6.47 19.74 26.27
C HIS A 336 -6.50 19.99 24.76
N HIS A 337 -7.40 19.29 24.08
CA HIS A 337 -7.96 19.64 22.78
C HIS A 337 -8.43 21.09 22.75
N GLY A 338 -7.56 22.01 22.34
CA GLY A 338 -7.75 23.44 22.53
C GLY A 338 -6.50 24.17 22.11
N GLY A 339 -5.80 23.54 21.18
CA GLY A 339 -4.79 24.16 20.34
C GLY A 339 -5.35 24.31 18.94
N MET A 340 -6.07 23.28 18.48
CA MET A 340 -6.94 23.37 17.31
C MET A 340 -7.88 24.56 17.38
N GLU A 341 -7.38 25.74 17.00
CA GLU A 341 -8.17 26.98 17.01
C GLU A 341 -7.53 27.96 16.03
N ALA A 342 -8.29 28.36 15.00
CA ALA A 342 -7.80 29.33 14.03
C ALA A 342 -8.94 30.26 13.64
N HIS A 343 -8.56 31.47 13.21
CA HIS A 343 -9.49 32.49 12.77
C HIS A 343 -9.68 32.37 11.25
N VAL A 344 -10.87 32.70 10.76
CA VAL A 344 -11.10 32.90 9.32
C VAL A 344 -11.67 34.29 9.06
N ARG A 345 -10.97 35.06 8.23
CA ARG A 345 -11.40 36.38 7.79
C ARG A 345 -11.94 36.28 6.37
N VAL A 346 -13.12 36.85 6.14
CA VAL A 346 -13.72 36.89 4.81
C VAL A 346 -13.87 38.34 4.36
N GLU A 347 -13.58 38.62 3.09
CA GLU A 347 -13.25 39.97 2.65
C GLU A 347 -13.72 40.32 1.24
N SER A 348 -12.95 41.17 0.55
CA SER A 348 -13.10 41.49 -0.87
C SER A 348 -11.78 41.31 -1.60
N CYS A 349 -11.86 41.09 -2.92
CA CYS A 349 -10.66 40.76 -3.69
C CYS A 349 -10.41 41.72 -4.84
N ALA A 350 -11.06 41.52 -5.99
CA ALA A 350 -10.90 42.48 -7.08
C ALA A 350 -12.02 42.46 -8.09
N GLU A 351 -11.77 41.80 -9.22
CA GLU A 351 -12.77 41.48 -10.22
C GLU A 351 -12.86 39.97 -10.46
N LYS A 396 -46.57 25.19 -0.23
CA LYS A 396 -47.64 26.06 0.24
C LYS A 396 -47.13 27.47 0.50
N HIS A 397 -47.33 27.96 1.72
CA HIS A 397 -46.86 29.28 2.12
C HIS A 397 -46.23 29.14 3.50
N PRO A 398 -45.09 29.78 3.73
CA PRO A 398 -44.29 29.46 4.92
C PRO A 398 -45.01 29.78 6.22
N LYS A 399 -45.17 28.77 7.06
CA LYS A 399 -45.83 28.89 8.35
C LYS A 399 -45.07 29.85 9.25
N THR A 400 -45.76 30.36 10.27
CA THR A 400 -45.10 30.96 11.42
C THR A 400 -45.48 30.17 12.67
N TRP A 401 -44.50 29.54 13.30
CA TRP A 401 -44.71 28.73 14.49
C TRP A 401 -44.39 29.54 15.74
N VAL A 402 -45.22 29.37 16.78
CA VAL A 402 -45.08 30.14 17.99
C VAL A 402 -44.88 29.16 19.14
N HIS A 403 -43.83 29.37 19.93
CA HIS A 403 -43.55 28.53 21.09
C HIS A 403 -43.23 29.43 22.27
N TYR A 404 -43.83 29.12 23.41
CA TYR A 404 -43.48 29.74 24.69
C TYR A 404 -42.68 28.76 25.54
N ILE A 405 -41.42 29.08 25.81
CA ILE A 405 -40.54 28.16 26.52
C ILE A 405 -39.95 28.89 27.72
N ALA A 406 -39.91 28.20 28.86
CA ALA A 406 -39.34 28.73 30.10
C ALA A 406 -38.22 27.84 30.61
N ALA A 407 -37.06 28.43 30.87
CA ALA A 407 -36.13 27.83 31.83
C ALA A 407 -36.73 27.87 33.23
N GLU A 408 -36.75 26.72 33.90
CA GLU A 408 -37.24 26.66 35.27
C GLU A 408 -36.78 25.34 35.90
N GLU A 409 -36.63 25.36 37.22
CA GLU A 409 -35.98 24.29 37.94
C GLU A 409 -36.99 23.22 38.35
N GLU A 410 -36.50 21.98 38.50
CA GLU A 410 -37.34 20.87 38.90
C GLU A 410 -36.47 19.80 39.55
N ASP A 411 -37.12 18.82 40.18
CA ASP A 411 -36.45 17.62 40.65
C ASP A 411 -36.55 16.55 39.57
N TRP A 412 -35.40 16.07 39.09
CA TRP A 412 -35.35 15.12 37.99
C TRP A 412 -34.95 13.73 38.49
N ASP A 413 -35.69 12.70 38.10
CA ASP A 413 -35.36 11.35 38.53
C ASP A 413 -34.76 10.58 37.35
N TYR A 414 -33.52 10.12 37.53
CA TYR A 414 -32.79 9.31 36.55
C TYR A 414 -33.22 7.85 36.55
N ALA A 415 -33.76 7.40 37.67
CA ALA A 415 -34.17 6.01 37.89
C ALA A 415 -35.47 6.01 38.67
N PRO A 416 -36.62 6.10 37.99
CA PRO A 416 -37.88 6.08 38.73
C PRO A 416 -38.35 4.68 39.09
N LEU A 417 -37.48 3.70 38.89
CA LEU A 417 -37.76 2.29 39.12
C LEU A 417 -36.65 1.91 40.08
N VAL A 418 -37.01 1.43 41.27
CA VAL A 418 -35.99 1.09 42.27
C VAL A 418 -35.03 0.03 41.73
N LEU A 419 -33.73 0.26 41.93
CA LEU A 419 -32.72 -0.70 41.51
C LEU A 419 -32.70 -1.89 42.46
N ALA A 420 -31.56 -2.14 43.10
CA ALA A 420 -31.44 -3.39 43.84
C ALA A 420 -30.31 -3.39 44.86
N PRO A 421 -30.54 -2.89 46.08
CA PRO A 421 -29.48 -2.46 47.02
C PRO A 421 -28.10 -3.10 46.91
N ASP A 422 -28.03 -4.30 46.34
CA ASP A 422 -26.81 -5.10 46.19
C ASP A 422 -25.61 -4.30 45.69
N ASP A 423 -24.76 -3.84 46.60
CA ASP A 423 -23.64 -3.01 46.16
C ASP A 423 -22.27 -3.63 46.36
N ARG A 424 -21.97 -4.73 45.66
CA ARG A 424 -20.67 -4.98 45.07
C ARG A 424 -20.70 -4.87 43.55
N SER A 425 -21.66 -4.14 43.01
CA SER A 425 -21.94 -4.10 41.57
C SER A 425 -22.39 -2.70 41.21
N TYR A 426 -21.58 -1.71 41.61
CA TYR A 426 -21.61 -0.30 41.21
C TYR A 426 -23.00 0.32 41.19
N LYS A 427 -23.99 -0.43 40.67
CA LYS A 427 -25.37 0.02 40.42
C LYS A 427 -25.91 0.94 41.50
N SER A 428 -25.64 0.55 42.75
CA SER A 428 -26.07 1.32 43.92
C SER A 428 -25.53 2.73 43.91
N GLN A 429 -24.21 2.85 43.71
CA GLN A 429 -23.50 4.11 43.93
C GLN A 429 -24.13 5.27 43.17
N TYR A 430 -24.47 5.07 41.90
CA TYR A 430 -24.93 6.20 41.10
C TYR A 430 -26.37 6.62 41.42
N LEU A 431 -27.12 5.82 42.19
CA LEU A 431 -28.55 6.07 42.31
C LEU A 431 -29.12 5.87 43.72
N ASN A 432 -28.56 4.99 44.54
CA ASN A 432 -29.04 4.79 45.91
C ASN A 432 -28.61 5.94 46.83
N ASN A 433 -29.37 6.09 47.91
CA ASN A 433 -29.22 7.15 48.91
C ASN A 433 -28.62 6.59 50.19
N GLY A 434 -27.80 7.40 50.86
CA GLY A 434 -27.19 7.02 52.10
C GLY A 434 -25.93 7.80 52.40
N PRO A 435 -24.98 7.20 53.17
CA PRO A 435 -23.81 7.92 53.73
C PRO A 435 -23.26 9.10 52.92
N GLN A 436 -22.09 8.96 52.31
CA GLN A 436 -21.59 10.06 51.47
C GLN A 436 -21.91 9.77 50.02
N ARG A 437 -23.17 9.39 49.82
CA ARG A 437 -23.75 9.21 48.50
C ARG A 437 -25.08 9.94 48.46
N ILE A 438 -25.21 10.89 47.53
CA ILE A 438 -26.52 11.33 47.08
C ILE A 438 -27.17 10.13 46.42
N GLY A 439 -28.25 10.36 45.69
CA GLY A 439 -28.92 9.24 45.07
C GLY A 439 -29.33 9.50 43.63
N ARG A 440 -30.62 9.77 43.48
CA ARG A 440 -31.36 9.64 42.24
C ARG A 440 -32.18 10.87 41.90
N LYS A 441 -32.52 11.68 42.89
CA LYS A 441 -33.23 12.95 42.73
C LYS A 441 -32.18 14.05 42.80
N TYR A 442 -31.79 14.58 41.64
CA TYR A 442 -30.93 15.75 41.56
C TYR A 442 -31.78 16.93 41.11
N LYS A 443 -31.55 18.10 41.70
CA LYS A 443 -32.21 19.30 41.19
C LYS A 443 -31.50 19.81 39.94
N LYS A 444 -32.27 20.01 38.87
CA LYS A 444 -31.74 20.48 37.59
C LYS A 444 -32.68 21.54 37.04
N VAL A 445 -32.27 22.17 35.94
CA VAL A 445 -33.08 23.13 35.22
C VAL A 445 -33.31 22.60 33.80
N ARG A 446 -34.54 22.76 33.30
CA ARG A 446 -34.93 22.23 31.99
C ARG A 446 -35.49 23.35 31.13
N PHE A 447 -35.85 22.99 29.89
CA PHE A 447 -36.70 23.81 29.04
C PHE A 447 -38.13 23.29 29.16
N MET A 448 -39.08 24.19 29.35
CA MET A 448 -40.47 23.77 29.55
C MET A 448 -41.43 24.63 28.75
N ALA A 449 -42.25 23.97 27.92
CA ALA A 449 -43.18 24.64 27.03
C ALA A 449 -44.42 25.07 27.78
N TYR A 450 -44.85 26.32 27.59
CA TYR A 450 -46.11 26.81 28.13
C TYR A 450 -47.04 27.22 26.99
N THR A 451 -48.28 27.53 27.37
CA THR A 451 -49.34 27.70 26.39
C THR A 451 -49.57 29.14 25.95
N ASP A 452 -49.18 30.13 26.74
CA ASP A 452 -49.46 31.51 26.37
C ASP A 452 -48.46 32.43 27.06
N GLU A 453 -48.56 33.73 26.74
CA GLU A 453 -47.70 34.76 27.29
C GLU A 453 -47.76 34.86 28.81
N THR A 454 -48.73 34.23 29.46
CA THR A 454 -48.89 34.37 30.91
C THR A 454 -47.94 33.45 31.67
N PHE A 455 -47.54 32.34 31.07
CA PHE A 455 -46.64 31.36 31.69
C PHE A 455 -47.18 30.87 33.03
N LYS A 456 -48.49 30.94 33.21
CA LYS A 456 -49.15 30.43 34.41
C LYS A 456 -49.73 29.03 34.22
N THR A 457 -49.67 28.47 33.02
CA THR A 457 -50.16 27.12 32.77
C THR A 457 -49.26 26.42 31.76
N ARG A 458 -48.97 25.16 32.01
CA ARG A 458 -48.00 24.38 31.25
C ARG A 458 -48.64 23.61 30.12
N GLU A 459 -47.93 23.54 28.98
CA GLU A 459 -48.35 22.70 27.88
C GLU A 459 -48.06 21.22 28.22
N ALA A 460 -48.33 20.35 27.26
CA ALA A 460 -48.32 18.90 27.48
C ALA A 460 -46.90 18.38 27.69
N ILE A 461 -46.61 17.90 28.89
CA ILE A 461 -45.39 17.10 29.09
C ILE A 461 -45.56 15.80 28.32
N GLN A 462 -44.56 14.93 28.33
CA GLN A 462 -44.78 13.58 27.79
C GLN A 462 -43.70 12.65 28.30
N HIS A 463 -44.12 11.57 28.96
CA HIS A 463 -43.15 10.55 29.34
C HIS A 463 -42.53 9.97 28.08
N GLU A 464 -41.22 9.70 28.14
CA GLU A 464 -40.38 9.01 27.15
C GLU A 464 -39.35 10.00 26.63
N SER A 465 -39.79 11.24 26.42
CA SER A 465 -38.92 12.33 26.00
C SER A 465 -38.27 13.04 27.18
N GLY A 466 -38.31 12.44 28.37
CA GLY A 466 -37.90 13.09 29.60
C GLY A 466 -36.68 13.98 29.53
N ILE A 467 -36.67 15.04 30.33
CA ILE A 467 -35.64 16.10 30.43
C ILE A 467 -35.57 17.03 29.23
N LEU A 468 -35.73 16.53 28.01
CA LEU A 468 -35.50 17.37 26.84
C LEU A 468 -36.70 18.27 26.54
N GLY A 469 -36.41 19.52 26.20
CA GLY A 469 -37.40 20.53 25.92
C GLY A 469 -38.33 20.21 24.77
N PRO A 470 -39.23 21.15 24.47
CA PRO A 470 -40.32 20.87 23.53
C PRO A 470 -39.81 20.66 22.11
N LEU A 471 -40.45 19.75 21.38
CA LEU A 471 -40.06 19.45 20.01
C LEU A 471 -40.34 20.68 19.12
N LEU A 472 -39.29 21.20 18.48
CA LEU A 472 -39.38 22.43 17.69
C LEU A 472 -39.23 22.11 16.21
N TYR A 473 -40.36 21.96 15.51
CA TYR A 473 -40.32 21.66 14.08
C TYR A 473 -40.23 22.96 13.28
N GLY A 474 -39.71 22.85 12.07
CA GLY A 474 -39.68 24.02 11.20
C GLY A 474 -39.14 23.79 9.80
N GLU A 475 -40.01 23.81 8.79
CA GLU A 475 -39.54 23.61 7.43
C GLU A 475 -38.81 24.85 6.92
N VAL A 476 -37.97 24.62 5.90
CA VAL A 476 -37.23 25.67 5.18
C VAL A 476 -38.16 26.76 4.65
N GLY A 477 -37.96 27.99 5.12
CA GLY A 477 -38.80 29.12 4.80
C GLY A 477 -39.60 29.64 5.97
N ASP A 478 -39.99 28.76 6.90
CA ASP A 478 -40.86 29.13 8.00
C ASP A 478 -40.12 30.06 8.96
N THR A 479 -40.85 30.55 9.97
CA THR A 479 -40.24 31.28 11.07
C THR A 479 -40.75 30.68 12.37
N LEU A 480 -39.88 30.61 13.37
CA LEU A 480 -40.26 30.22 14.73
C LEU A 480 -40.06 31.38 15.69
N LEU A 481 -41.14 31.78 16.35
CA LEU A 481 -41.08 32.75 17.45
C LEU A 481 -40.91 31.98 18.75
N ILE A 482 -39.70 32.01 19.29
CA ILE A 482 -39.39 31.34 20.56
C ILE A 482 -39.44 32.44 21.62
N ILE A 483 -40.66 32.70 22.12
CA ILE A 483 -40.87 33.47 23.35
C ILE A 483 -40.29 32.74 24.55
N PHE A 484 -39.28 33.35 25.17
CA PHE A 484 -38.54 32.78 26.29
C PHE A 484 -38.78 33.61 27.55
N LYS A 485 -39.16 32.95 28.63
CA LYS A 485 -39.25 33.58 29.95
C LYS A 485 -38.37 32.83 30.93
N ASN A 486 -37.57 33.56 31.70
CA ASN A 486 -36.84 32.87 32.72
C ASN A 486 -37.72 32.72 33.97
N GLN A 487 -37.25 31.88 34.90
CA GLN A 487 -37.96 31.57 36.15
C GLN A 487 -37.03 30.73 37.02
N ALA A 488 -35.76 31.08 37.03
CA ALA A 488 -34.69 30.24 37.57
C ALA A 488 -33.97 30.93 38.72
N SER A 489 -32.65 30.78 38.77
CA SER A 489 -31.85 31.49 39.74
C SER A 489 -30.58 32.02 39.10
N ARG A 490 -29.87 31.19 38.39
CA ARG A 490 -28.80 31.72 37.57
C ARG A 490 -29.34 32.30 36.26
N PRO A 491 -28.65 33.28 35.68
CA PRO A 491 -29.09 33.82 34.38
C PRO A 491 -28.78 32.82 33.27
N TYR A 492 -29.84 32.35 32.59
CA TYR A 492 -29.71 31.42 31.48
C TYR A 492 -30.08 32.15 30.18
N ASN A 493 -30.59 31.38 29.20
CA ASN A 493 -30.41 31.71 27.79
C ASN A 493 -30.85 30.53 26.93
N ILE A 494 -31.12 30.77 25.65
CA ILE A 494 -31.52 29.71 24.74
C ILE A 494 -31.10 30.08 23.32
N TYR A 495 -30.33 29.21 22.68
CA TYR A 495 -29.71 29.54 21.41
C TYR A 495 -29.50 28.27 20.59
N PRO A 496 -29.75 28.30 19.29
CA PRO A 496 -29.71 27.06 18.51
C PRO A 496 -28.37 26.90 17.80
N HIS A 497 -27.74 25.73 17.96
CA HIS A 497 -26.58 25.37 17.17
C HIS A 497 -27.03 24.66 15.90
N GLY A 498 -26.79 25.28 14.75
CA GLY A 498 -27.30 24.81 13.48
C GLY A 498 -27.71 25.89 12.50
N ILE A 499 -28.42 26.91 13.00
CA ILE A 499 -28.89 28.01 12.17
C ILE A 499 -27.93 29.19 12.34
N THR A 500 -27.48 29.74 11.21
CA THR A 500 -26.68 30.95 11.26
C THR A 500 -27.53 32.19 11.57
N ASP A 501 -28.67 32.35 10.89
CA ASP A 501 -29.42 33.60 10.97
C ASP A 501 -30.39 33.55 12.14
N VAL A 502 -29.90 33.99 13.31
CA VAL A 502 -30.68 34.04 14.53
C VAL A 502 -30.43 35.42 15.15
N ARG A 503 -31.28 36.38 14.82
CA ARG A 503 -31.27 37.73 15.36
C ARG A 503 -32.42 37.93 16.36
N PRO A 504 -32.47 39.07 17.05
CA PRO A 504 -33.69 39.42 17.79
C PRO A 504 -34.87 39.66 16.86
N LEU A 505 -36.07 39.51 17.44
CA LEU A 505 -37.29 39.89 16.74
C LEU A 505 -37.44 41.41 16.70
N TYR A 506 -38.10 41.89 15.64
CA TYR A 506 -38.40 43.30 15.37
C TYR A 506 -37.14 44.10 15.04
N SER A 507 -36.30 44.34 16.04
CA SER A 507 -35.07 45.09 15.85
C SER A 507 -33.97 44.20 15.30
N ARG A 508 -32.99 44.85 14.66
CA ARG A 508 -31.76 44.16 14.27
C ARG A 508 -30.57 44.56 15.12
N ARG A 509 -30.72 45.43 16.11
CA ARG A 509 -29.54 45.88 16.84
C ARG A 509 -29.62 45.36 18.27
N LEU A 510 -28.50 45.02 18.74
CA LEU A 510 -28.28 44.23 19.94
C LEU A 510 -28.10 45.14 21.16
N PRO A 511 -28.39 44.67 22.40
CA PRO A 511 -28.60 45.65 23.48
C PRO A 511 -27.31 46.39 23.86
N LYS A 512 -26.24 45.63 24.10
CA LYS A 512 -24.94 46.23 24.45
C LYS A 512 -23.80 45.79 23.55
N GLY A 513 -22.59 45.79 24.13
CA GLY A 513 -21.38 45.19 23.58
C GLY A 513 -21.40 43.69 23.41
N VAL A 514 -22.39 43.19 22.68
CA VAL A 514 -22.67 41.76 22.57
C VAL A 514 -22.17 41.36 21.19
N LYS A 515 -21.10 40.57 21.13
CA LYS A 515 -20.58 40.15 19.83
C LYS A 515 -21.51 39.22 19.06
N HIS A 516 -22.42 38.49 19.71
CA HIS A 516 -22.99 37.36 18.97
C HIS A 516 -24.26 36.81 19.62
N LEU A 517 -24.95 37.54 20.52
CA LEU A 517 -26.18 37.07 21.13
C LEU A 517 -25.98 35.78 21.95
N LYS A 518 -24.86 35.10 21.71
CA LYS A 518 -24.63 33.78 22.27
C LYS A 518 -24.43 33.85 23.78
N ASP A 519 -23.62 34.81 24.23
CA ASP A 519 -23.24 34.97 25.62
C ASP A 519 -24.07 36.00 26.38
N PHE A 520 -25.11 36.55 25.77
CA PHE A 520 -25.96 37.51 26.48
C PHE A 520 -27.01 36.81 27.33
N PRO A 521 -27.05 37.06 28.64
CA PRO A 521 -27.95 36.32 29.53
C PRO A 521 -29.33 36.95 29.69
N ILE A 522 -30.23 36.12 30.22
CA ILE A 522 -31.62 36.46 30.54
C ILE A 522 -31.79 36.31 32.05
N LEU A 523 -32.60 37.16 32.65
CA LEU A 523 -32.44 37.50 34.07
C LEU A 523 -33.67 37.05 34.84
N PRO A 524 -33.56 35.95 35.61
CA PRO A 524 -34.67 35.36 36.39
C PRO A 524 -36.02 36.08 36.51
N GLY A 525 -36.63 36.50 35.40
CA GLY A 525 -37.71 37.45 35.49
C GLY A 525 -37.71 38.53 34.42
N GLU A 526 -37.03 38.26 33.31
CA GLU A 526 -37.14 39.01 32.07
C GLU A 526 -37.77 38.18 30.96
N ILE A 527 -38.25 38.86 29.92
CA ILE A 527 -38.75 38.20 28.71
C ILE A 527 -37.85 38.64 27.56
N PHE A 528 -37.48 37.70 26.70
CA PHE A 528 -36.86 38.01 25.42
C PHE A 528 -37.67 37.45 24.26
N LYS A 529 -37.62 38.12 23.11
CA LYS A 529 -38.36 37.72 21.92
C LYS A 529 -37.40 37.45 20.77
N TYR A 530 -37.30 36.18 20.35
CA TYR A 530 -36.34 35.77 19.32
C TYR A 530 -37.04 35.45 18.01
N LYS A 531 -36.36 35.74 16.89
CA LYS A 531 -36.82 35.38 15.55
C LYS A 531 -35.85 34.39 14.89
N TRP A 532 -36.14 33.10 14.97
CA TRP A 532 -35.45 32.12 14.13
C TRP A 532 -36.13 32.03 12.76
N THR A 533 -35.35 32.23 11.70
CA THR A 533 -35.82 32.11 10.33
C THR A 533 -35.03 30.97 9.68
N VAL A 534 -35.74 29.92 9.26
CA VAL A 534 -35.08 28.76 8.65
C VAL A 534 -34.85 29.05 7.17
N THR A 535 -33.58 29.13 6.78
CA THR A 535 -33.20 29.39 5.40
C THR A 535 -32.78 28.09 4.69
N VAL A 536 -32.47 28.24 3.40
CA VAL A 536 -32.06 27.10 2.58
C VAL A 536 -30.74 26.49 3.06
N GLU A 537 -29.74 27.34 3.33
CA GLU A 537 -28.39 26.87 3.62
C GLU A 537 -28.28 26.13 4.96
N ASP A 538 -29.35 26.00 5.72
CA ASP A 538 -29.37 25.09 6.86
C ASP A 538 -29.86 23.69 6.52
N GLY A 539 -30.60 23.52 5.42
CA GLY A 539 -31.30 22.29 5.16
C GLY A 539 -30.57 21.23 4.34
N PRO A 540 -31.22 20.06 4.24
CA PRO A 540 -30.70 18.95 3.42
C PRO A 540 -30.47 19.26 1.95
N THR A 541 -29.92 18.28 1.23
CA THR A 541 -29.27 18.49 -0.06
C THR A 541 -29.63 17.35 -1.01
N LYS A 542 -30.93 17.15 -1.23
CA LYS A 542 -31.47 16.13 -2.12
C LYS A 542 -30.99 14.73 -1.80
N SER A 543 -29.66 14.53 -1.84
CA SER A 543 -28.96 13.27 -1.62
C SER A 543 -28.95 12.80 -0.17
N ASP A 544 -29.50 13.56 0.78
CA ASP A 544 -29.52 13.10 2.16
C ASP A 544 -30.94 13.25 2.73
N PRO A 545 -31.23 12.86 3.97
CA PRO A 545 -32.64 12.58 4.32
C PRO A 545 -33.47 13.82 4.55
N ARG A 546 -34.78 13.63 4.38
CA ARG A 546 -35.80 14.66 4.56
C ARG A 546 -35.63 15.61 5.75
N CYS A 547 -35.31 15.08 6.93
CA CYS A 547 -35.06 15.92 8.09
C CYS A 547 -33.66 15.66 8.63
N LEU A 548 -33.05 16.68 9.25
CA LEU A 548 -31.78 16.47 9.94
C LEU A 548 -31.80 17.07 11.34
N THR A 549 -31.11 16.39 12.25
CA THR A 549 -31.35 16.50 13.69
C THR A 549 -30.40 17.53 14.29
N ARG A 550 -30.94 18.58 14.90
CA ARG A 550 -30.11 19.59 15.56
C ARG A 550 -30.59 19.80 17.00
N TYR A 551 -30.20 20.92 17.60
CA TYR A 551 -30.42 21.13 19.03
C TYR A 551 -30.11 22.57 19.39
N TYR A 552 -30.71 23.02 20.49
CA TYR A 552 -30.44 24.32 21.10
C TYR A 552 -29.94 24.13 22.54
N SER A 553 -29.37 25.20 23.09
CA SER A 553 -28.96 25.24 24.50
C SER A 553 -28.52 26.65 24.87
N SER A 554 -28.58 26.94 26.16
CA SER A 554 -27.98 28.14 26.73
C SER A 554 -26.48 28.21 26.52
N PHE A 555 -25.96 29.43 26.27
CA PHE A 555 -24.55 29.63 26.00
C PHE A 555 -23.85 30.66 26.88
N VAL A 556 -24.51 31.24 27.88
CA VAL A 556 -23.84 32.20 28.77
C VAL A 556 -22.61 31.56 29.40
N ASN A 557 -22.68 30.25 29.67
CA ASN A 557 -21.58 29.42 30.15
C ASN A 557 -21.98 28.03 29.66
N MET A 558 -21.78 27.84 28.35
CA MET A 558 -21.96 26.61 27.59
C MET A 558 -21.84 25.34 28.43
N GLU A 559 -20.65 25.08 28.97
CA GLU A 559 -20.38 23.91 29.82
C GLU A 559 -21.46 23.66 30.86
N ARG A 560 -21.50 24.48 31.92
CA ARG A 560 -22.32 24.15 33.08
C ARG A 560 -23.80 24.37 32.83
N ASP A 561 -24.17 25.13 31.79
CA ASP A 561 -25.59 25.28 31.47
C ASP A 561 -26.15 24.00 30.87
N LEU A 562 -25.55 23.51 29.78
CA LEU A 562 -25.93 22.21 29.23
C LEU A 562 -25.87 21.12 30.30
N ALA A 563 -24.85 21.16 31.16
CA ALA A 563 -24.72 20.19 32.23
C ALA A 563 -25.87 20.28 33.23
N SER A 564 -26.38 21.50 33.47
CA SER A 564 -27.55 21.66 34.32
C SER A 564 -28.83 21.13 33.68
N GLY A 565 -28.86 20.92 32.37
CA GLY A 565 -30.03 20.31 31.75
C GLY A 565 -30.82 21.15 30.76
N LEU A 566 -30.15 22.12 30.14
CA LEU A 566 -30.78 23.00 29.14
C LEU A 566 -30.52 22.44 27.74
N ILE A 567 -31.47 21.65 27.25
CA ILE A 567 -31.31 20.94 25.99
C ILE A 567 -32.70 20.62 25.46
N GLY A 568 -32.83 20.58 24.13
CA GLY A 568 -34.07 20.23 23.48
C GLY A 568 -33.91 20.12 21.98
N PRO A 569 -34.81 19.39 21.32
CA PRO A 569 -34.59 19.04 19.92
C PRO A 569 -35.15 20.05 18.93
N LEU A 570 -34.41 20.23 17.84
CA LEU A 570 -34.78 21.14 16.76
C LEU A 570 -34.58 20.41 15.44
N LEU A 571 -35.68 20.10 14.76
CA LEU A 571 -35.62 19.52 13.43
C LEU A 571 -35.51 20.59 12.35
N ILE A 572 -34.92 20.21 11.22
CA ILE A 572 -34.75 21.12 10.08
C ILE A 572 -34.92 20.32 8.79
N CYS A 573 -35.93 20.68 8.00
CA CYS A 573 -36.46 19.74 7.01
C CYS A 573 -36.60 20.44 5.66
N TYR A 574 -37.33 19.83 4.72
CA TYR A 574 -37.51 20.39 3.39
C TYR A 574 -38.98 20.43 2.99
N LYS A 575 -39.32 21.40 2.15
CA LYS A 575 -40.69 21.77 1.86
C LYS A 575 -41.49 20.60 1.28
N SER A 587 -47.00 9.78 16.86
CA SER A 587 -47.61 11.07 16.57
C SER A 587 -47.11 11.66 15.25
N ASP A 588 -46.92 12.98 15.24
CA ASP A 588 -46.29 13.67 14.12
C ASP A 588 -44.77 13.52 14.14
N LYS A 589 -44.08 14.46 14.78
CA LYS A 589 -42.65 14.35 15.03
C LYS A 589 -42.41 13.86 16.46
N ARG A 590 -41.68 12.75 16.57
CA ARG A 590 -41.86 11.78 17.64
C ARG A 590 -40.57 10.97 17.74
N ASN A 591 -40.49 10.19 18.83
CA ASN A 591 -39.28 9.50 19.27
C ASN A 591 -38.01 10.31 19.03
N VAL A 592 -37.56 11.02 20.06
CA VAL A 592 -36.31 11.75 20.06
C VAL A 592 -35.41 11.09 21.09
N ILE A 593 -34.21 10.69 20.66
CA ILE A 593 -33.27 9.99 21.53
C ILE A 593 -32.05 10.87 21.71
N LEU A 594 -31.84 11.34 22.94
CA LEU A 594 -30.73 12.20 23.34
C LEU A 594 -29.75 11.40 24.18
N PHE A 595 -28.55 11.16 23.64
CA PHE A 595 -27.46 10.57 24.40
C PHE A 595 -26.69 11.68 25.10
N SER A 596 -26.77 11.69 26.43
CA SER A 596 -26.33 12.85 27.21
C SER A 596 -25.72 12.36 28.52
N VAL A 597 -24.41 12.55 28.67
CA VAL A 597 -23.78 12.45 29.98
C VAL A 597 -23.97 13.80 30.67
N PHE A 598 -24.80 13.82 31.71
CA PHE A 598 -24.95 15.00 32.55
C PHE A 598 -23.94 14.95 33.68
N ASP A 599 -22.99 15.88 33.67
CA ASP A 599 -21.95 15.98 34.71
C ASP A 599 -22.45 16.88 35.84
N GLU A 600 -23.09 16.28 36.84
CA GLU A 600 -23.64 17.03 37.97
C GLU A 600 -22.58 17.66 38.86
N ASN A 601 -21.30 17.43 38.61
CA ASN A 601 -20.22 18.12 39.30
C ASN A 601 -19.94 19.52 38.74
N ARG A 602 -20.81 20.04 37.87
CA ARG A 602 -20.58 21.36 37.31
C ARG A 602 -21.88 22.17 37.38
N SER A 603 -23.02 21.48 37.32
CA SER A 603 -24.33 22.07 37.55
C SER A 603 -24.33 23.04 38.72
N TRP A 604 -24.75 24.28 38.43
CA TRP A 604 -24.88 25.37 39.39
C TRP A 604 -25.43 24.94 40.73
N TYR A 605 -26.30 23.92 40.74
CA TYR A 605 -27.06 23.51 41.90
C TYR A 605 -26.36 22.45 42.73
N LEU A 606 -25.10 22.15 42.43
CA LEU A 606 -24.27 21.25 43.21
C LEU A 606 -24.36 21.51 44.72
N THR A 607 -24.16 22.77 45.12
CA THR A 607 -24.17 23.10 46.55
C THR A 607 -25.55 22.86 47.18
N GLU A 608 -26.61 23.35 46.53
CA GLU A 608 -27.97 23.16 47.05
C GLU A 608 -28.32 21.68 47.20
N ASN A 609 -27.93 20.87 46.21
CA ASN A 609 -28.20 19.44 46.26
C ASN A 609 -27.56 18.79 47.48
N ILE A 610 -26.37 19.23 47.88
CA ILE A 610 -25.70 18.59 49.00
C ILE A 610 -26.53 18.75 50.27
N GLN A 611 -27.00 19.97 50.53
CA GLN A 611 -27.81 20.27 51.71
C GLN A 611 -29.05 19.39 51.81
N ARG A 612 -29.84 19.30 50.74
CA ARG A 612 -31.13 18.59 50.86
C ARG A 612 -30.95 17.07 50.98
N PHE A 613 -29.86 16.52 50.44
CA PHE A 613 -29.85 15.08 50.24
C PHE A 613 -28.74 14.36 51.01
N LEU A 614 -28.01 15.05 51.87
CA LEU A 614 -26.90 14.42 52.57
C LEU A 614 -27.17 14.38 54.08
N PRO A 615 -26.52 13.46 54.82
CA PRO A 615 -26.75 13.44 56.26
C PRO A 615 -26.21 14.69 56.92
N ASN A 616 -25.00 15.14 56.51
CA ASN A 616 -24.33 16.32 57.02
C ASN A 616 -23.46 16.99 55.96
N PRO A 617 -23.84 18.17 55.47
CA PRO A 617 -22.96 18.96 54.58
C PRO A 617 -21.54 19.20 55.11
N ALA A 618 -21.29 18.82 56.36
CA ALA A 618 -19.95 18.84 56.94
C ALA A 618 -18.93 18.06 56.11
N GLY A 619 -19.16 16.77 55.94
CA GLY A 619 -18.28 15.92 55.15
C GLY A 619 -17.93 16.45 53.77
N VAL A 620 -16.79 17.15 53.66
CA VAL A 620 -16.51 18.00 52.50
C VAL A 620 -15.89 17.16 51.38
N GLN A 621 -14.64 16.70 51.53
CA GLN A 621 -14.05 15.81 50.53
C GLN A 621 -13.88 16.46 49.15
N LEU A 622 -15.01 16.90 48.57
CA LEU A 622 -15.11 17.62 47.30
C LEU A 622 -14.38 17.03 46.09
N GLU A 623 -13.09 16.73 46.19
CA GLU A 623 -12.38 15.97 45.17
C GLU A 623 -12.15 14.51 45.54
N ASP A 624 -12.87 13.99 46.53
CA ASP A 624 -12.95 12.54 46.67
C ASP A 624 -13.54 11.88 45.42
N PRO A 625 -12.71 11.14 44.68
CA PRO A 625 -13.08 10.72 43.32
C PRO A 625 -14.25 9.76 43.22
N GLU A 626 -14.63 9.08 44.31
CA GLU A 626 -15.85 8.29 44.30
C GLU A 626 -17.09 9.18 44.30
N PHE A 627 -17.14 10.16 45.21
CA PHE A 627 -18.28 11.08 45.22
C PHE A 627 -18.40 11.81 43.90
N GLN A 628 -17.29 12.39 43.41
CA GLN A 628 -17.26 13.07 42.13
C GLN A 628 -17.81 12.17 41.01
N ALA A 629 -17.18 11.01 40.80
CA ALA A 629 -17.69 10.07 39.79
C ALA A 629 -19.00 9.38 40.17
N SER A 630 -19.70 9.76 41.23
CA SER A 630 -21.01 9.20 41.53
C SER A 630 -22.15 10.02 40.95
N ASN A 631 -21.86 11.23 40.46
CA ASN A 631 -22.85 12.10 39.85
C ASN A 631 -22.63 12.30 38.35
N ILE A 632 -21.99 11.34 37.70
CA ILE A 632 -21.81 11.41 36.26
C ILE A 632 -22.82 10.47 35.60
N MET A 633 -24.11 10.78 35.79
CA MET A 633 -25.17 9.95 35.25
C MET A 633 -25.05 9.81 33.74
N HIS A 634 -24.74 8.60 33.28
CA HIS A 634 -24.63 8.30 31.86
C HIS A 634 -26.05 8.03 31.37
N SER A 635 -26.68 9.06 30.83
CA SER A 635 -28.12 9.08 30.59
C SER A 635 -28.44 8.85 29.12
N ILE A 636 -29.60 8.26 28.88
CA ILE A 636 -30.31 8.34 27.61
C ILE A 636 -31.61 9.06 27.87
N ASN A 637 -31.91 10.06 27.05
CA ASN A 637 -32.83 11.12 27.44
C ASN A 637 -32.51 11.54 28.86
N GLY A 638 -33.35 11.15 29.82
CA GLY A 638 -33.10 11.55 31.19
C GLY A 638 -33.02 10.37 32.13
N TYR A 639 -33.20 9.17 31.60
CA TYR A 639 -33.27 7.97 32.42
C TYR A 639 -32.00 7.13 32.27
N VAL A 640 -31.75 6.27 33.26
CA VAL A 640 -30.53 5.47 33.32
C VAL A 640 -30.87 4.07 33.83
N PHE A 641 -29.84 3.21 33.83
CA PHE A 641 -29.97 1.78 34.10
C PHE A 641 -31.33 1.15 33.79
N ASP A 642 -31.80 1.34 32.57
CA ASP A 642 -32.99 0.69 31.99
C ASP A 642 -34.29 1.37 32.41
N SER A 643 -34.25 2.58 32.96
CA SER A 643 -35.48 3.27 33.32
C SER A 643 -36.22 3.87 32.14
N LEU A 644 -35.54 4.13 31.02
CA LEU A 644 -36.24 4.61 29.82
C LEU A 644 -36.73 3.39 29.03
N GLN A 645 -37.98 3.00 29.26
CA GLN A 645 -38.64 2.01 28.44
C GLN A 645 -39.62 2.72 27.51
N LEU A 646 -39.59 2.35 26.23
CA LEU A 646 -40.47 2.98 25.24
C LEU A 646 -41.13 1.94 24.36
N SER A 647 -42.45 2.02 24.25
CA SER A 647 -43.24 1.02 23.53
C SER A 647 -43.31 1.43 22.07
N VAL A 648 -42.98 0.50 21.19
CA VAL A 648 -43.27 0.62 19.76
C VAL A 648 -44.10 -0.58 19.34
N CYS A 649 -44.67 -0.51 18.14
CA CYS A 649 -45.47 -1.61 17.64
C CYS A 649 -44.69 -2.39 16.58
N LEU A 650 -45.39 -3.22 15.81
CA LEU A 650 -44.78 -4.07 14.79
C LEU A 650 -45.14 -3.63 13.39
N HIS A 651 -44.12 -3.45 12.55
CA HIS A 651 -44.14 -2.93 11.19
C HIS A 651 -44.34 -1.41 11.14
N GLU A 652 -44.40 -0.74 12.29
CA GLU A 652 -44.35 0.71 12.38
C GLU A 652 -43.11 1.23 11.64
N VAL A 653 -43.31 1.93 10.53
CA VAL A 653 -42.23 2.63 9.83
C VAL A 653 -41.93 3.93 10.57
N ALA A 654 -40.76 4.00 11.20
CA ALA A 654 -40.44 5.06 12.16
C ALA A 654 -39.12 5.72 11.80
N TYR A 655 -39.10 7.05 11.90
CA TYR A 655 -37.89 7.85 11.83
C TYR A 655 -37.27 7.99 13.21
N TRP A 656 -35.95 8.11 13.27
CA TRP A 656 -35.24 8.26 14.55
C TRP A 656 -34.28 9.43 14.47
N TYR A 657 -34.48 10.41 15.35
CA TYR A 657 -33.66 11.62 15.43
C TYR A 657 -32.75 11.53 16.65
N ILE A 658 -31.44 11.60 16.42
CA ILE A 658 -30.43 11.09 17.36
C ILE A 658 -29.35 12.14 17.56
N LEU A 659 -29.12 12.54 18.82
CA LEU A 659 -28.15 13.57 19.14
C LEU A 659 -27.17 13.06 20.19
N SER A 660 -25.98 13.66 20.19
CA SER A 660 -24.93 13.40 21.19
C SER A 660 -24.46 14.73 21.79
N ILE A 661 -25.11 15.18 22.86
CA ILE A 661 -24.71 16.38 23.59
C ILE A 661 -24.55 16.02 25.05
N GLY A 662 -23.35 16.23 25.60
CA GLY A 662 -23.09 15.90 26.99
C GLY A 662 -21.64 16.15 27.34
N ALA A 663 -21.19 15.54 28.43
CA ALA A 663 -19.77 15.54 28.76
C ALA A 663 -18.97 14.72 27.75
N GLN A 664 -19.00 13.39 27.92
CA GLN A 664 -18.78 12.45 26.84
C GLN A 664 -17.33 12.38 26.37
N THR A 665 -16.88 13.42 25.66
CA THR A 665 -15.50 13.61 25.22
C THR A 665 -15.16 12.63 24.10
N ASP A 666 -15.43 11.35 24.30
CA ASP A 666 -15.17 10.33 23.30
C ASP A 666 -16.44 10.09 22.47
N PHE A 667 -16.24 9.57 21.26
CA PHE A 667 -17.37 9.22 20.41
C PHE A 667 -18.21 8.11 21.03
N LEU A 668 -19.45 7.99 20.56
CA LEU A 668 -20.31 6.87 20.90
C LEU A 668 -20.60 6.00 19.67
N SER A 669 -20.56 4.68 19.86
CA SER A 669 -20.86 3.72 18.80
C SER A 669 -22.16 3.01 19.18
N VAL A 670 -23.27 3.49 18.66
CA VAL A 670 -24.59 3.13 19.16
C VAL A 670 -25.16 1.96 18.35
N PHE A 671 -25.88 1.06 19.03
CA PHE A 671 -26.46 -0.09 18.36
C PHE A 671 -27.87 -0.31 18.88
N PHE A 672 -28.74 -0.83 18.00
CA PHE A 672 -29.94 -1.54 18.41
C PHE A 672 -29.72 -3.03 18.24
N SER A 673 -30.06 -3.81 19.27
CA SER A 673 -30.12 -5.26 19.09
C SER A 673 -30.93 -5.63 17.85
N GLY A 674 -30.84 -6.89 17.42
CA GLY A 674 -31.69 -7.46 16.39
C GLY A 674 -32.15 -6.64 15.20
N TYR A 675 -31.68 -5.40 15.03
CA TYR A 675 -32.25 -4.50 14.04
C TYR A 675 -31.19 -3.91 13.12
N THR A 676 -31.68 -3.26 12.07
CA THR A 676 -30.86 -2.79 10.95
C THR A 676 -31.52 -1.52 10.40
N PHE A 677 -30.95 -0.37 10.72
CA PHE A 677 -31.47 0.93 10.28
C PHE A 677 -30.89 1.33 8.93
N LYS A 678 -31.49 2.35 8.34
CA LYS A 678 -31.00 2.97 7.11
C LYS A 678 -30.21 4.23 7.45
N HIS A 679 -28.92 4.21 7.13
CA HIS A 679 -28.08 5.40 7.24
C HIS A 679 -28.08 6.15 5.93
N LYS A 680 -26.90 6.30 5.31
CA LYS A 680 -26.71 7.18 4.16
C LYS A 680 -27.40 6.59 2.93
N MET A 681 -28.68 6.22 3.06
CA MET A 681 -29.41 5.47 2.03
C MET A 681 -28.80 4.08 1.83
N VAL A 682 -28.48 3.43 2.94
CA VAL A 682 -27.80 2.15 2.99
C VAL A 682 -28.12 1.55 4.34
N TYR A 683 -28.34 0.24 4.37
CA TYR A 683 -28.66 -0.43 5.62
C TYR A 683 -27.36 -0.80 6.32
N GLU A 684 -27.19 -0.29 7.54
CA GLU A 684 -26.06 -0.65 8.40
C GLU A 684 -26.63 -1.08 9.75
N ASP A 685 -25.75 -1.14 10.75
CA ASP A 685 -25.97 -1.94 11.96
C ASP A 685 -25.45 -1.28 13.23
N THR A 686 -24.34 -0.53 13.18
CA THR A 686 -24.00 0.45 14.20
C THR A 686 -23.80 1.81 13.54
N LEU A 687 -24.00 2.87 14.33
CA LEU A 687 -23.98 4.24 13.82
C LEU A 687 -23.07 5.08 14.71
N THR A 688 -21.90 5.43 14.21
CA THR A 688 -20.92 6.12 15.04
C THR A 688 -21.22 7.62 15.04
N LEU A 689 -21.20 8.21 16.23
CA LEU A 689 -21.61 9.59 16.45
C LEU A 689 -20.53 10.34 17.23
N PHE A 690 -19.99 11.39 16.63
CA PHE A 690 -19.04 12.22 17.34
C PHE A 690 -19.79 13.13 18.32
N PRO A 691 -19.08 13.73 19.27
CA PRO A 691 -19.72 14.70 20.15
C PRO A 691 -20.33 15.86 19.37
N PHE A 692 -21.40 16.42 19.94
CA PHE A 692 -22.17 17.51 19.33
C PHE A 692 -22.63 17.20 17.91
N SER A 693 -22.99 15.95 17.64
CA SER A 693 -23.35 15.52 16.30
C SER A 693 -24.72 14.85 16.32
N GLY A 694 -25.45 14.98 15.21
CA GLY A 694 -26.76 14.38 15.10
C GLY A 694 -27.04 13.76 13.74
N GLU A 695 -27.66 12.57 13.71
CA GLU A 695 -27.98 11.91 12.44
C GLU A 695 -29.40 11.37 12.48
N THR A 696 -30.05 11.37 11.32
CA THR A 696 -31.37 10.77 11.11
C THR A 696 -31.25 9.40 10.44
N VAL A 697 -31.84 8.38 11.05
CA VAL A 697 -31.97 7.04 10.48
C VAL A 697 -33.45 6.66 10.39
N PHE A 698 -33.74 5.60 9.60
CA PHE A 698 -35.11 5.24 9.28
C PHE A 698 -35.20 3.71 9.16
N MET A 699 -36.11 3.12 9.91
CA MET A 699 -36.16 1.66 10.00
C MET A 699 -37.61 1.23 10.23
N SER A 700 -37.93 0.01 9.82
CA SER A 700 -39.26 -0.59 9.99
C SER A 700 -39.23 -1.69 11.02
N MET A 701 -40.12 -1.62 12.03
CA MET A 701 -40.07 -2.50 13.19
C MET A 701 -40.65 -3.87 12.82
N GLU A 702 -39.83 -4.70 12.18
CA GLU A 702 -40.29 -6.00 11.72
C GLU A 702 -39.90 -7.15 12.64
N ASN A 703 -39.25 -6.87 13.77
CA ASN A 703 -38.72 -7.91 14.66
C ASN A 703 -39.41 -7.85 16.01
N PRO A 704 -40.46 -8.65 16.23
CA PRO A 704 -41.04 -8.78 17.58
C PRO A 704 -40.02 -9.21 18.63
N GLY A 705 -40.19 -8.67 19.84
CA GLY A 705 -39.30 -8.98 20.95
C GLY A 705 -38.94 -7.80 21.84
N LEU A 706 -38.33 -8.07 22.98
CA LEU A 706 -37.75 -7.02 23.81
C LEU A 706 -36.26 -6.90 23.49
N TRP A 707 -35.81 -5.70 23.20
CA TRP A 707 -34.42 -5.44 22.83
C TRP A 707 -33.87 -4.36 23.75
N ILE A 708 -32.54 -4.23 23.76
CA ILE A 708 -31.89 -3.15 24.50
C ILE A 708 -31.18 -2.22 23.53
N LEU A 709 -31.56 -0.95 23.56
CA LEU A 709 -30.71 0.14 23.10
C LEU A 709 -29.58 0.41 24.08
N GLY A 710 -28.40 0.73 23.55
CA GLY A 710 -27.27 0.99 24.42
C GLY A 710 -26.00 1.27 23.65
N CYS A 711 -24.87 1.11 24.35
CA CYS A 711 -23.73 1.97 24.06
C CYS A 711 -22.57 1.27 23.38
N HIS A 712 -22.33 -0.01 23.65
CA HIS A 712 -21.26 -0.80 23.02
C HIS A 712 -19.86 -0.33 23.42
N ASN A 713 -19.72 0.96 23.71
CA ASN A 713 -18.46 1.51 24.22
C ASN A 713 -18.08 1.07 25.62
N SER A 714 -18.23 -0.22 25.92
CA SER A 714 -17.56 -0.79 27.08
C SER A 714 -17.96 -0.17 28.41
N ASP A 715 -17.47 1.05 28.68
CA ASP A 715 -17.44 1.59 30.03
C ASP A 715 -18.34 2.80 30.28
N PHE A 716 -19.08 3.32 29.29
CA PHE A 716 -20.39 3.89 29.55
C PHE A 716 -21.46 2.83 29.86
N ARG A 717 -21.80 2.00 28.88
CA ARG A 717 -22.74 0.89 29.00
C ARG A 717 -22.83 0.17 30.36
N ASN A 718 -21.73 -0.37 30.89
CA ASN A 718 -21.70 -0.83 32.29
C ASN A 718 -22.15 0.24 33.29
N ARG A 719 -21.83 1.51 33.05
CA ARG A 719 -22.04 2.58 34.01
C ARG A 719 -23.42 3.22 33.87
N GLY A 720 -24.29 2.66 33.03
CA GLY A 720 -25.70 2.99 33.10
C GLY A 720 -26.44 3.22 31.81
N MET A 721 -25.74 3.58 30.74
CA MET A 721 -26.36 4.04 29.50
C MET A 721 -27.13 2.96 28.76
N THR A 722 -28.30 2.52 29.25
CA THR A 722 -28.94 1.36 28.62
C THR A 722 -30.26 1.75 27.96
N ALA A 723 -31.41 1.35 28.55
CA ALA A 723 -32.76 1.57 28.00
C ALA A 723 -33.24 0.41 27.12
N LEU A 724 -34.56 0.21 27.05
CA LEU A 724 -35.18 -1.00 26.51
C LEU A 724 -36.12 -0.57 25.37
N LEU A 725 -36.33 -1.46 24.41
CA LEU A 725 -37.01 -1.07 23.19
C LEU A 725 -38.40 -1.68 23.03
N LYS A 726 -38.69 -2.79 23.71
CA LYS A 726 -39.99 -3.46 23.74
C LYS A 726 -40.90 -3.20 22.54
N VAL A 727 -40.87 -4.05 21.52
CA VAL A 727 -41.71 -3.80 20.34
C VAL A 727 -43.05 -4.49 20.60
N SER A 728 -43.24 -5.73 20.10
CA SER A 728 -44.47 -6.49 20.31
C SER A 728 -45.60 -5.96 19.43
N SER A 729 -46.41 -6.88 18.90
CA SER A 729 -47.56 -6.55 18.10
C SER A 729 -48.72 -6.03 18.97
N CYS A 730 -49.61 -5.30 18.33
CA CYS A 730 -50.60 -4.48 19.01
C CYS A 730 -51.85 -4.25 18.16
N LYS A 828 -34.30 -19.29 -3.23
CA LYS A 828 -35.26 -20.37 -3.29
C LYS A 828 -34.86 -21.50 -2.32
N ARG A 829 -33.54 -21.66 -2.17
CA ARG A 829 -32.96 -22.79 -1.45
C ARG A 829 -33.04 -22.55 0.05
N THR A 830 -32.63 -23.54 0.83
CA THR A 830 -32.31 -23.35 2.25
C THR A 830 -30.85 -23.77 2.45
N ARG A 831 -29.99 -22.78 2.62
CA ARG A 831 -28.55 -22.97 2.73
C ARG A 831 -28.19 -23.25 4.19
N HIS A 832 -27.76 -24.47 4.47
CA HIS A 832 -27.49 -24.93 5.83
C HIS A 832 -26.00 -24.94 6.13
N TYR A 833 -25.61 -24.26 7.21
CA TYR A 833 -24.22 -24.24 7.67
C TYR A 833 -24.14 -24.84 9.07
N PHE A 834 -23.11 -25.64 9.32
CA PHE A 834 -22.91 -26.31 10.60
C PHE A 834 -21.67 -25.74 11.28
N ILE A 835 -21.87 -25.02 12.38
CA ILE A 835 -20.85 -24.15 12.96
C ILE A 835 -20.89 -24.35 14.47
N ALA A 836 -19.71 -24.38 15.10
CA ALA A 836 -19.61 -24.59 16.54
C ALA A 836 -18.56 -23.67 17.12
N ALA A 837 -18.67 -23.44 18.44
CA ALA A 837 -17.67 -22.65 19.16
C ALA A 837 -16.80 -23.59 19.97
N VAL A 838 -15.52 -23.67 19.61
CA VAL A 838 -14.58 -24.64 20.11
C VAL A 838 -13.33 -23.91 20.56
N GLU A 839 -12.61 -24.50 21.52
CA GLU A 839 -11.44 -23.86 22.10
C GLU A 839 -10.19 -24.33 21.36
N GLN A 840 -9.17 -23.48 21.39
CA GLN A 840 -7.89 -23.78 20.75
C GLN A 840 -6.77 -23.08 21.50
N LEU A 841 -5.55 -23.50 21.19
CA LEU A 841 -4.38 -22.69 21.50
C LEU A 841 -4.14 -21.68 20.40
N TRP A 842 -3.42 -20.61 20.75
CA TRP A 842 -3.18 -19.52 19.82
C TRP A 842 -1.95 -18.76 20.28
N ASP A 843 -0.91 -18.75 19.46
CA ASP A 843 0.13 -17.75 19.54
C ASP A 843 -0.20 -16.68 18.51
N TYR A 844 -0.12 -15.43 18.93
CA TYR A 844 -0.59 -14.29 18.15
C TYR A 844 0.34 -13.97 17.03
N GLY A 845 1.31 -14.84 16.79
CA GLY A 845 2.41 -14.60 15.88
C GLY A 845 3.64 -15.22 16.50
N MET A 846 4.20 -16.19 15.78
CA MET A 846 5.44 -16.85 16.20
C MET A 846 6.67 -16.05 15.84
N SER A 847 6.68 -15.39 14.68
CA SER A 847 7.94 -15.00 14.05
C SER A 847 8.64 -13.98 14.94
N GLU A 848 9.89 -14.27 15.33
CA GLU A 848 10.78 -13.43 16.13
C GLU A 848 10.09 -12.74 17.31
N SER A 849 10.84 -11.90 18.02
CA SER A 849 10.41 -11.17 19.21
C SER A 849 10.12 -12.11 20.39
N PRO A 850 10.89 -12.02 21.49
CA PRO A 850 10.65 -12.80 22.71
C PRO A 850 9.24 -12.63 23.26
N VAL A 862 8.11 -16.92 23.33
CA VAL A 862 6.88 -16.87 22.55
C VAL A 862 5.72 -17.40 23.41
N PRO A 863 5.12 -16.50 24.19
CA PRO A 863 3.95 -16.90 24.99
C PRO A 863 2.76 -17.30 24.13
N ARG A 864 2.05 -18.33 24.57
CA ARG A 864 0.85 -18.81 23.89
C ARG A 864 -0.37 -18.60 24.77
N PHE A 865 -1.49 -18.30 24.14
CA PHE A 865 -2.72 -17.88 24.81
C PHE A 865 -3.90 -18.77 24.46
N LYS A 866 -4.75 -19.03 25.44
CA LYS A 866 -5.96 -19.83 25.22
C LYS A 866 -7.08 -18.94 24.67
N LYS A 867 -7.60 -19.30 23.50
CA LYS A 867 -8.70 -18.59 22.87
C LYS A 867 -9.84 -19.55 22.52
N VAL A 868 -10.95 -18.98 22.06
CA VAL A 868 -12.14 -19.75 21.64
C VAL A 868 -12.66 -19.16 20.34
N VAL A 869 -12.99 -20.00 19.36
CA VAL A 869 -13.21 -19.55 18.00
C VAL A 869 -14.33 -20.33 17.33
N PHE A 870 -14.92 -19.70 16.32
CA PHE A 870 -15.94 -20.27 15.45
C PHE A 870 -15.31 -21.04 14.29
N ARG A 871 -15.72 -22.30 14.12
CA ARG A 871 -15.32 -23.07 12.94
C ARG A 871 -16.53 -23.78 12.34
N GLU A 872 -16.43 -24.05 11.03
CA GLU A 872 -17.47 -24.70 10.26
C GLU A 872 -17.29 -26.21 10.28
N PHE A 873 -18.38 -26.95 10.41
CA PHE A 873 -18.34 -28.40 10.32
C PHE A 873 -19.21 -28.87 9.16
N ALA A 874 -19.06 -30.14 8.80
CA ALA A 874 -19.79 -30.66 7.66
C ALA A 874 -21.13 -31.28 8.05
N ASP A 875 -21.11 -32.21 8.99
CA ASP A 875 -22.29 -32.97 9.39
C ASP A 875 -22.96 -32.31 10.59
N GLY A 876 -24.24 -32.64 10.77
CA GLY A 876 -24.83 -32.52 12.10
C GLY A 876 -24.02 -33.19 13.18
N SER A 877 -23.56 -34.41 12.92
CA SER A 877 -22.56 -35.07 13.76
C SER A 877 -21.27 -34.27 13.79
N PHE A 878 -21.17 -33.28 14.66
CA PHE A 878 -20.01 -32.38 14.68
C PHE A 878 -18.68 -33.11 14.89
N THR A 879 -18.20 -33.83 13.88
CA THR A 879 -16.98 -34.62 14.05
C THR A 879 -16.01 -34.44 12.89
N GLN A 880 -16.55 -34.18 11.69
CA GLN A 880 -15.75 -33.90 10.52
C GLN A 880 -15.68 -32.40 10.29
N PRO A 881 -14.55 -31.74 10.57
CA PRO A 881 -14.52 -30.27 10.68
C PRO A 881 -14.29 -29.50 9.39
N SER A 882 -14.41 -30.10 8.21
CA SER A 882 -14.40 -29.36 6.94
C SER A 882 -13.23 -28.37 6.90
N TYR A 883 -12.03 -28.94 7.08
CA TYR A 883 -10.79 -28.17 7.11
C TYR A 883 -10.68 -27.23 5.92
N ARG A 884 -10.05 -26.09 6.15
CA ARG A 884 -9.92 -25.02 5.16
C ARG A 884 -8.45 -24.72 4.90
N GLY A 885 -8.22 -23.98 3.84
CA GLY A 885 -6.86 -23.61 3.45
C GLY A 885 -6.91 -22.85 2.14
N GLU A 886 -5.79 -22.23 1.82
CA GLU A 886 -5.67 -21.41 0.61
C GLU A 886 -6.67 -20.26 0.67
N LEU A 887 -7.89 -20.52 0.22
CA LEU A 887 -8.94 -19.50 0.17
C LEU A 887 -9.39 -19.02 1.55
N ASN A 888 -9.08 -19.75 2.64
CA ASN A 888 -9.58 -19.30 3.93
C ASN A 888 -8.52 -19.34 5.04
N LYS A 889 -7.26 -19.60 4.70
CA LYS A 889 -6.19 -19.62 5.70
C LYS A 889 -6.20 -18.33 6.53
N HIS A 890 -6.45 -17.21 5.85
CA HIS A 890 -6.40 -15.88 6.45
C HIS A 890 -7.41 -15.67 7.55
N LEU A 891 -8.44 -16.51 7.63
CA LEU A 891 -9.51 -16.26 8.59
C LEU A 891 -8.95 -16.08 9.99
N GLY A 892 -7.90 -16.82 10.33
CA GLY A 892 -7.33 -16.62 11.64
C GLY A 892 -8.34 -16.89 12.72
N LEU A 893 -8.30 -16.06 13.76
CA LEU A 893 -9.16 -16.21 14.92
C LEU A 893 -10.64 -16.12 14.54
N LEU A 894 -10.93 -15.82 13.27
CA LEU A 894 -12.27 -15.52 12.79
C LEU A 894 -13.03 -16.79 12.42
N GLY A 895 -14.35 -16.72 12.53
CA GLY A 895 -15.19 -17.81 12.16
C GLY A 895 -15.21 -18.02 10.66
N PRO A 896 -15.87 -19.07 10.21
CA PRO A 896 -15.91 -19.35 8.76
C PRO A 896 -16.85 -18.41 8.04
N TYR A 897 -16.57 -18.20 6.75
CA TYR A 897 -17.49 -17.47 5.89
C TYR A 897 -18.81 -18.20 5.75
N ILE A 898 -19.88 -17.63 6.28
CA ILE A 898 -21.23 -18.13 6.07
C ILE A 898 -21.92 -17.18 5.10
N ARG A 899 -22.20 -17.68 3.89
CA ARG A 899 -22.60 -16.83 2.77
C ARG A 899 -24.02 -17.22 2.34
N ALA A 900 -24.91 -16.24 2.25
CA ALA A 900 -26.21 -16.45 1.66
C ALA A 900 -26.46 -15.39 0.58
N GLU A 901 -27.34 -15.74 -0.36
CA GLU A 901 -27.98 -14.73 -1.19
C GLU A 901 -29.23 -14.19 -0.50
N VAL A 902 -29.99 -13.37 -1.22
CA VAL A 902 -31.21 -12.74 -0.72
C VAL A 902 -32.43 -13.54 -1.15
N GLU A 903 -33.39 -13.66 -0.24
CA GLU A 903 -34.64 -14.43 -0.35
C GLU A 903 -34.53 -15.93 -0.09
N ASP A 904 -33.33 -16.51 -0.08
CA ASP A 904 -33.20 -17.87 0.40
C ASP A 904 -33.10 -17.85 1.94
N ASN A 905 -32.99 -19.04 2.54
CA ASN A 905 -33.10 -19.13 3.98
C ASN A 905 -31.75 -19.54 4.58
N ILE A 906 -31.50 -19.10 5.81
CA ILE A 906 -30.27 -19.41 6.52
C ILE A 906 -30.62 -20.30 7.71
N MET A 907 -29.85 -21.38 7.90
CA MET A 907 -30.11 -22.33 8.96
C MET A 907 -28.76 -22.69 9.57
N VAL A 908 -28.49 -22.19 10.76
CA VAL A 908 -27.24 -22.45 11.49
C VAL A 908 -27.56 -23.32 12.69
N THR A 909 -27.03 -24.54 12.70
CA THR A 909 -26.98 -25.34 13.91
C THR A 909 -25.68 -25.03 14.65
N PHE A 910 -25.81 -24.52 15.87
CA PHE A 910 -24.67 -24.06 16.65
C PHE A 910 -24.53 -24.92 17.89
N LYS A 911 -23.34 -25.47 18.11
CA LYS A 911 -23.05 -26.25 19.30
C LYS A 911 -21.91 -25.61 20.08
N ASN A 912 -22.14 -25.42 21.37
CA ASN A 912 -21.13 -24.84 22.26
C ASN A 912 -20.26 -25.98 22.76
N GLN A 913 -18.98 -25.99 22.38
CA GLN A 913 -18.02 -26.71 23.18
C GLN A 913 -17.63 -25.82 24.36
N ALA A 914 -16.33 -25.59 24.53
CA ALA A 914 -15.80 -24.53 25.38
C ALA A 914 -16.15 -24.63 26.87
N SER A 915 -15.34 -24.00 27.72
CA SER A 915 -15.56 -24.07 29.16
C SER A 915 -16.81 -23.27 29.56
N ARG A 916 -16.89 -22.02 29.09
CA ARG A 916 -17.91 -21.08 29.54
C ARG A 916 -19.15 -21.26 28.68
N PRO A 917 -20.25 -20.52 28.94
CA PRO A 917 -21.30 -20.41 27.93
C PRO A 917 -21.14 -19.24 26.97
N TYR A 918 -21.58 -19.47 25.74
CA TYR A 918 -21.44 -18.52 24.65
C TYR A 918 -22.70 -18.54 23.81
N SER A 919 -22.78 -17.61 22.86
CA SER A 919 -23.99 -17.35 22.11
C SER A 919 -23.65 -17.14 20.64
N PHE A 920 -24.63 -17.41 19.77
CA PHE A 920 -24.57 -16.96 18.38
C PHE A 920 -25.57 -15.83 18.20
N TYR A 921 -25.05 -14.60 18.13
CA TYR A 921 -25.81 -13.40 17.81
C TYR A 921 -25.19 -12.75 16.58
N SER A 922 -26.03 -12.16 15.72
CA SER A 922 -25.52 -11.35 14.62
C SER A 922 -26.05 -9.93 14.63
N SER A 923 -27.35 -9.75 14.89
CA SER A 923 -28.22 -8.59 14.70
C SER A 923 -28.92 -8.66 13.35
N LEU A 924 -28.67 -9.68 12.54
CA LEU A 924 -29.59 -10.05 11.47
C LEU A 924 -30.57 -11.12 11.89
N ILE A 925 -30.24 -11.90 12.93
CA ILE A 925 -31.10 -12.93 13.47
C ILE A 925 -32.49 -12.37 13.76
N SER A 926 -33.49 -12.84 13.01
CA SER A 926 -34.84 -12.29 13.05
C SER A 926 -35.74 -13.39 13.57
N TYR A 927 -36.19 -13.24 14.80
CA TYR A 927 -37.11 -14.18 15.40
C TYR A 927 -38.54 -13.89 14.99
N PRO A 928 -39.39 -14.92 14.95
CA PRO A 928 -40.75 -14.75 14.46
C PRO A 928 -41.72 -14.48 15.61
N ASP A 929 -42.94 -14.10 15.23
CA ASP A 929 -43.96 -13.71 16.19
C ASP A 929 -44.56 -14.89 16.92
N ASP A 930 -43.72 -15.66 17.63
CA ASP A 930 -44.24 -16.64 18.56
C ASP A 930 -44.47 -15.98 19.91
N GLN A 931 -44.95 -16.75 20.90
CA GLN A 931 -45.29 -16.30 22.26
C GLN A 931 -45.89 -14.90 22.24
N GLU A 932 -47.22 -14.80 22.34
CA GLU A 932 -47.86 -13.49 22.37
C GLU A 932 -47.92 -12.85 23.75
N GLN A 933 -47.90 -13.63 24.83
CA GLN A 933 -47.93 -13.04 26.17
C GLN A 933 -46.72 -12.15 26.48
N GLY A 934 -46.91 -10.85 26.21
CA GLY A 934 -45.97 -9.79 26.52
C GLY A 934 -44.81 -9.59 25.54
N ALA A 935 -43.87 -8.79 26.02
CA ALA A 935 -42.52 -8.64 25.46
C ALA A 935 -41.61 -9.72 26.04
N GLU A 936 -40.59 -10.11 25.26
CA GLU A 936 -39.74 -11.20 25.67
C GLU A 936 -38.26 -10.85 25.53
N PRO A 937 -37.46 -10.96 26.58
CA PRO A 937 -36.00 -10.93 26.41
C PRO A 937 -35.60 -12.15 25.59
N ARG A 938 -34.97 -11.94 24.44
CA ARG A 938 -34.62 -13.14 23.66
C ARG A 938 -33.56 -13.92 24.44
N HIS A 939 -34.01 -14.94 25.19
CA HIS A 939 -33.19 -15.97 25.84
C HIS A 939 -31.72 -15.92 25.41
N ASN A 940 -31.47 -16.45 24.22
CA ASN A 940 -30.13 -16.66 23.65
C ASN A 940 -29.38 -17.59 24.61
N PHE A 941 -28.10 -17.34 24.86
CA PHE A 941 -27.37 -17.99 25.94
C PHE A 941 -27.31 -19.50 25.77
N VAL A 942 -26.32 -19.96 25.01
CA VAL A 942 -26.07 -21.37 24.76
C VAL A 942 -25.13 -21.86 25.86
N GLN A 943 -25.64 -22.74 26.71
CA GLN A 943 -24.80 -23.38 27.71
C GLN A 943 -23.67 -24.18 27.06
N PRO A 944 -22.53 -24.31 27.78
CA PRO A 944 -21.35 -25.01 27.27
C PRO A 944 -21.49 -26.40 26.66
N ASN A 945 -22.68 -26.85 26.25
CA ASN A 945 -22.72 -28.20 25.73
C ASN A 945 -24.01 -28.36 24.95
N GLU A 946 -24.98 -27.48 25.24
CA GLU A 946 -26.25 -27.41 24.55
C GLU A 946 -26.05 -27.02 23.09
N THR A 947 -27.13 -27.17 22.29
CA THR A 947 -27.03 -27.00 20.84
C THR A 947 -28.35 -26.40 20.31
N ARG A 948 -28.42 -25.07 20.42
CA ARG A 948 -29.58 -24.31 19.96
C ARG A 948 -29.49 -24.08 18.47
N THR A 949 -30.64 -23.89 17.82
CA THR A 949 -30.70 -23.74 16.37
C THR A 949 -31.48 -22.48 16.02
N TYR A 950 -30.94 -21.70 15.10
CA TYR A 950 -31.52 -20.44 14.67
C TYR A 950 -31.92 -20.52 13.20
N PHE A 951 -33.12 -20.05 12.87
CA PHE A 951 -33.62 -20.09 11.50
C PHE A 951 -34.39 -18.80 11.21
N TRP A 952 -34.12 -18.20 10.05
CA TRP A 952 -34.78 -16.94 9.72
C TRP A 952 -34.58 -16.65 8.23
N LYS A 953 -35.61 -16.13 7.59
CA LYS A 953 -35.49 -15.72 6.20
C LYS A 953 -34.79 -14.37 6.12
N VAL A 954 -34.17 -14.11 4.98
CA VAL A 954 -33.39 -12.89 4.77
C VAL A 954 -34.18 -11.91 3.91
N GLN A 955 -34.43 -10.72 4.45
CA GLN A 955 -35.29 -9.74 3.81
C GLN A 955 -34.47 -8.88 2.84
N HIS A 956 -35.14 -8.36 1.81
CA HIS A 956 -34.49 -7.42 0.89
C HIS A 956 -33.76 -6.30 1.62
N HIS A 957 -34.18 -5.97 2.85
CA HIS A 957 -33.59 -4.87 3.61
C HIS A 957 -32.36 -5.29 4.40
N MET A 958 -32.04 -6.59 4.45
CA MET A 958 -30.82 -7.06 5.05
C MET A 958 -29.68 -7.22 4.06
N ALA A 959 -29.87 -6.74 2.83
CA ALA A 959 -29.03 -7.14 1.71
C ALA A 959 -28.67 -5.89 0.91
N PRO A 960 -27.83 -5.98 -0.12
CA PRO A 960 -27.40 -4.76 -0.81
C PRO A 960 -28.57 -4.13 -1.55
N THR A 961 -28.79 -2.83 -1.29
CA THR A 961 -29.46 -1.94 -2.22
C THR A 961 -28.96 -2.17 -3.65
N GLU A 962 -29.79 -1.84 -4.63
CA GLU A 962 -29.39 -1.97 -6.03
C GLU A 962 -28.19 -1.10 -6.39
N ASP A 963 -27.85 -0.12 -5.56
CA ASP A 963 -26.72 0.76 -5.82
C ASP A 963 -25.43 0.36 -5.09
N GLU A 964 -25.47 -0.69 -4.27
CA GLU A 964 -24.29 -1.16 -3.55
C GLU A 964 -23.61 -2.29 -4.32
N PHE A 965 -22.61 -2.91 -3.71
CA PHE A 965 -21.85 -3.98 -4.35
C PHE A 965 -22.60 -5.30 -4.25
N ASP A 966 -22.21 -6.24 -5.11
CA ASP A 966 -22.86 -7.53 -5.24
C ASP A 966 -23.03 -8.27 -3.92
N CYS A 967 -22.40 -7.80 -2.84
CA CYS A 967 -22.32 -8.62 -1.64
C CYS A 967 -21.98 -7.75 -0.44
N LYS A 968 -22.87 -7.71 0.54
CA LYS A 968 -22.70 -6.87 1.72
C LYS A 968 -22.18 -7.76 2.85
N ALA A 969 -21.43 -7.18 3.77
CA ALA A 969 -20.90 -7.93 4.89
C ALA A 969 -21.55 -7.53 6.20
N TRP A 970 -21.79 -8.54 7.05
CA TRP A 970 -22.35 -8.36 8.38
C TRP A 970 -21.55 -9.27 9.31
N ALA A 971 -21.46 -8.88 10.57
CA ALA A 971 -20.68 -9.62 11.55
C ALA A 971 -21.57 -10.52 12.39
N TYR A 972 -20.93 -11.38 13.18
CA TYR A 972 -21.63 -12.24 14.12
C TYR A 972 -20.65 -12.69 15.20
N PHE A 973 -21.20 -12.88 16.40
CA PHE A 973 -20.38 -13.06 17.60
C PHE A 973 -21.28 -13.52 18.75
N SER A 974 -20.64 -13.86 19.87
CA SER A 974 -21.34 -14.08 21.12
C SER A 974 -21.78 -12.73 21.69
N ASP A 975 -22.90 -12.74 22.44
CA ASP A 975 -23.33 -11.54 23.13
C ASP A 975 -23.76 -11.83 24.56
N VAL A 976 -23.08 -12.77 25.21
CA VAL A 976 -23.28 -12.92 26.65
C VAL A 976 -22.39 -11.96 27.43
N ASP A 977 -21.25 -11.53 26.86
CA ASP A 977 -20.49 -10.36 27.34
C ASP A 977 -19.76 -9.74 26.14
N LEU A 978 -20.49 -8.89 25.40
CA LEU A 978 -20.02 -8.16 24.23
C LEU A 978 -18.52 -7.93 24.14
N GLU A 979 -17.93 -7.29 25.17
CA GLU A 979 -16.52 -6.90 25.10
C GLU A 979 -15.58 -8.06 25.41
N LYS A 980 -15.83 -8.75 26.52
CA LYS A 980 -14.86 -9.71 27.06
C LYS A 980 -14.62 -10.89 26.13
N ASP A 981 -15.66 -11.38 25.45
CA ASP A 981 -15.54 -12.62 24.69
C ASP A 981 -15.43 -12.40 23.19
N VAL A 982 -15.24 -11.15 22.75
CA VAL A 982 -14.61 -10.92 21.45
C VAL A 982 -13.09 -11.01 21.60
N HIS A 983 -12.54 -10.35 22.62
CA HIS A 983 -11.12 -10.48 22.92
C HIS A 983 -10.72 -11.94 23.12
N SER A 984 -11.64 -12.77 23.62
CA SER A 984 -11.36 -14.19 23.72
C SER A 984 -11.31 -14.85 22.34
N GLY A 985 -12.16 -14.41 21.41
CA GLY A 985 -11.96 -14.75 20.01
C GLY A 985 -13.16 -15.12 19.18
N LEU A 986 -14.37 -14.91 19.69
CA LEU A 986 -15.58 -15.34 18.97
C LEU A 986 -16.00 -14.22 18.03
N ILE A 987 -15.81 -14.45 16.73
CA ILE A 987 -16.07 -13.44 15.72
C ILE A 987 -15.97 -14.10 14.35
N GLY A 988 -16.83 -13.69 13.41
CA GLY A 988 -16.80 -14.22 12.06
C GLY A 988 -17.56 -13.34 11.09
N PRO A 989 -17.32 -13.53 9.79
CA PRO A 989 -18.05 -12.75 8.80
C PRO A 989 -19.27 -13.46 8.20
N LEU A 990 -20.36 -12.71 8.04
CA LEU A 990 -21.64 -13.21 7.55
C LEU A 990 -21.95 -12.42 6.28
N LEU A 991 -21.50 -12.94 5.14
CA LEU A 991 -21.72 -12.27 3.86
C LEU A 991 -23.16 -12.43 3.41
N ILE A 992 -23.74 -11.34 2.91
CA ILE A 992 -25.07 -11.38 2.30
C ILE A 992 -24.92 -10.87 0.87
N CYS A 993 -24.84 -11.80 -0.08
CA CYS A 993 -24.66 -11.49 -1.49
C CYS A 993 -25.99 -11.12 -2.14
N ARG A 994 -25.93 -10.66 -3.39
CA ARG A 994 -27.04 -9.98 -4.03
C ARG A 994 -27.52 -10.77 -5.23
N ALA A 995 -28.80 -11.13 -5.22
CA ALA A 995 -29.58 -11.57 -6.38
C ALA A 995 -29.22 -12.98 -6.81
N ASN A 996 -28.64 -13.14 -8.01
CA ASN A 996 -28.23 -14.47 -8.47
C ASN A 996 -26.74 -14.55 -8.76
N THR A 997 -25.92 -13.88 -7.97
CA THR A 997 -24.49 -13.83 -8.28
C THR A 997 -23.72 -14.98 -7.64
N LEU A 998 -24.11 -15.38 -6.44
CA LEU A 998 -23.42 -16.37 -5.63
C LEU A 998 -24.11 -17.72 -5.77
N ASN A 999 -23.40 -18.72 -6.31
CA ASN A 999 -24.09 -19.92 -6.76
C ASN A 999 -23.07 -21.06 -6.85
N ALA A 1000 -23.28 -21.98 -7.80
CA ALA A 1000 -22.53 -23.23 -7.90
C ALA A 1000 -22.77 -24.08 -6.65
N ALA A 1001 -22.00 -25.15 -6.47
CA ALA A 1001 -21.92 -25.84 -5.20
C ALA A 1001 -20.84 -25.28 -4.28
N HIS A 1002 -20.31 -24.09 -4.59
CA HIS A 1002 -19.27 -23.45 -3.79
C HIS A 1002 -19.81 -22.45 -2.79
N GLY A 1003 -21.03 -21.96 -2.98
CA GLY A 1003 -21.62 -20.90 -2.17
C GLY A 1003 -20.87 -19.59 -2.10
N ARG A 1004 -20.55 -19.03 -3.27
CA ARG A 1004 -19.52 -18.01 -3.40
C ARG A 1004 -19.64 -17.40 -4.79
N GLN A 1005 -19.06 -16.21 -4.93
CA GLN A 1005 -19.18 -15.46 -6.18
C GLN A 1005 -18.35 -16.11 -7.28
N VAL A 1006 -17.08 -16.41 -6.98
CA VAL A 1006 -16.09 -17.05 -7.84
C VAL A 1006 -15.71 -16.09 -8.96
N THR A 1007 -16.58 -15.11 -9.24
CA THR A 1007 -16.19 -14.04 -10.15
C THR A 1007 -15.15 -13.16 -9.47
N VAL A 1008 -15.17 -13.10 -8.14
CA VAL A 1008 -14.30 -12.20 -7.38
C VAL A 1008 -13.70 -12.98 -6.20
N GLN A 1009 -12.42 -12.73 -5.94
CA GLN A 1009 -11.72 -13.24 -4.77
C GLN A 1009 -12.10 -12.42 -3.55
N GLU A 1010 -12.51 -13.08 -2.47
CA GLU A 1010 -13.01 -12.37 -1.30
C GLU A 1010 -12.18 -12.73 -0.07
N PHE A 1011 -11.83 -11.71 0.70
CA PHE A 1011 -11.10 -11.84 1.95
C PHE A 1011 -11.75 -10.98 3.02
N ALA A 1012 -11.58 -11.40 4.28
CA ALA A 1012 -12.12 -10.69 5.44
C ALA A 1012 -10.98 -10.35 6.41
N LEU A 1013 -10.91 -9.07 6.79
CA LEU A 1013 -9.86 -8.57 7.66
C LEU A 1013 -10.51 -7.90 8.86
N PHE A 1014 -10.22 -8.42 10.06
CA PHE A 1014 -10.80 -7.95 11.31
C PHE A 1014 -9.71 -7.27 12.12
N PHE A 1015 -9.78 -5.95 12.23
CA PHE A 1015 -8.77 -5.15 12.91
C PHE A 1015 -9.19 -4.90 14.35
N THR A 1016 -8.35 -5.31 15.29
CA THR A 1016 -8.60 -5.08 16.72
C THR A 1016 -7.34 -5.40 17.49
N ILE A 1017 -7.31 -4.96 18.74
CA ILE A 1017 -6.13 -4.99 19.59
C ILE A 1017 -6.48 -5.90 20.78
N PHE A 1018 -6.14 -7.19 20.65
CA PHE A 1018 -6.56 -8.13 21.67
C PHE A 1018 -5.85 -7.89 22.99
N ASP A 1019 -6.63 -7.80 24.05
CA ASP A 1019 -6.12 -7.64 25.41
C ASP A 1019 -6.37 -9.00 26.04
N GLU A 1020 -5.34 -9.83 26.07
CA GLU A 1020 -5.49 -11.18 26.60
C GLU A 1020 -5.71 -11.19 28.11
N THR A 1021 -5.52 -10.05 28.78
CA THR A 1021 -5.90 -9.90 30.18
C THR A 1021 -7.42 -9.96 30.36
N LYS A 1022 -8.18 -9.52 29.36
CA LYS A 1022 -9.64 -9.53 29.42
C LYS A 1022 -10.25 -10.83 28.93
N SER A 1023 -9.48 -11.73 28.33
CA SER A 1023 -10.04 -12.95 27.76
C SER A 1023 -10.18 -13.98 28.87
N TRP A 1024 -11.42 -14.19 29.33
CA TRP A 1024 -11.90 -15.34 30.10
C TRP A 1024 -10.84 -16.36 30.49
N TYR A 1025 -10.25 -17.05 29.51
CA TYR A 1025 -9.28 -18.09 29.80
C TYR A 1025 -7.95 -17.52 30.32
N PHE A 1026 -7.97 -16.31 30.87
CA PHE A 1026 -6.72 -15.67 31.27
C PHE A 1026 -6.17 -16.27 32.57
N THR A 1027 -7.06 -16.67 33.47
CA THR A 1027 -6.64 -17.33 34.70
C THR A 1027 -6.14 -18.74 34.42
N GLU A 1028 -6.79 -19.41 33.46
CA GLU A 1028 -6.32 -20.71 32.98
C GLU A 1028 -4.90 -20.65 32.39
N ASN A 1029 -4.41 -19.45 32.07
CA ASN A 1029 -3.03 -19.23 31.62
C ASN A 1029 -2.12 -18.85 32.78
N VAL A 1030 -2.28 -19.53 33.93
CA VAL A 1030 -1.22 -19.67 34.92
C VAL A 1030 -0.04 -20.51 34.39
N GLU A 1031 -0.04 -20.82 33.09
CA GLU A 1031 0.93 -21.79 32.59
C GLU A 1031 2.34 -21.21 32.51
N ARG A 1032 2.48 -19.88 32.58
CA ARG A 1032 3.78 -19.24 32.71
C ARG A 1032 4.41 -19.60 34.05
N ASN A 1033 5.38 -18.81 34.51
CA ASN A 1033 5.91 -18.94 35.86
C ASN A 1033 5.97 -17.57 36.52
N CYS A 1034 5.95 -17.59 37.86
CA CYS A 1034 5.85 -16.37 38.66
C CYS A 1034 7.12 -15.55 38.57
N THR A 1046 4.59 -5.74 36.95
CA THR A 1046 3.45 -6.46 36.40
C THR A 1046 2.70 -5.59 35.40
N LEU A 1047 3.31 -5.32 34.25
CA LEU A 1047 2.67 -4.51 33.23
C LEU A 1047 2.34 -5.35 31.99
N LYS A 1048 1.22 -4.98 31.35
CA LYS A 1048 0.56 -5.79 30.33
C LYS A 1048 1.15 -5.68 28.92
N GLU A 1049 2.08 -4.76 28.66
CA GLU A 1049 2.37 -4.40 27.27
C GLU A 1049 2.92 -5.54 26.41
N ASN A 1050 3.23 -6.70 26.97
CA ASN A 1050 3.48 -7.89 26.17
C ASN A 1050 2.27 -8.82 26.10
N TYR A 1051 1.20 -8.51 26.83
CA TYR A 1051 -0.09 -9.19 26.71
C TYR A 1051 -1.09 -8.49 25.80
N ARG A 1052 -0.69 -7.47 25.07
CA ARG A 1052 -1.56 -6.85 24.08
C ARG A 1052 -0.98 -7.04 22.69
N PHE A 1053 -1.82 -7.44 21.75
CA PHE A 1053 -1.43 -7.70 20.37
C PHE A 1053 -2.33 -6.91 19.44
N HIS A 1054 -1.73 -6.07 18.61
CA HIS A 1054 -2.43 -5.35 17.56
C HIS A 1054 -2.51 -6.28 16.36
N ALA A 1055 -3.60 -7.04 16.24
CA ALA A 1055 -3.60 -8.24 15.43
C ALA A 1055 -4.79 -8.24 14.48
N ILE A 1056 -4.49 -8.13 13.19
CA ILE A 1056 -5.40 -8.40 12.09
C ILE A 1056 -5.75 -9.89 12.06
N ASN A 1057 -7.01 -10.22 12.33
CA ASN A 1057 -7.54 -11.59 12.31
C ASN A 1057 -6.78 -12.51 13.26
N GLY A 1058 -6.04 -11.96 14.20
CA GLY A 1058 -5.32 -12.72 15.20
C GLY A 1058 -3.85 -12.97 14.91
N TYR A 1059 -3.34 -12.54 13.76
CA TYR A 1059 -1.92 -12.60 13.47
C TYR A 1059 -1.31 -11.20 13.52
N VAL A 1060 -0.08 -11.10 14.01
CA VAL A 1060 0.57 -9.80 14.19
C VAL A 1060 1.94 -9.84 13.52
N MET A 1061 2.32 -8.73 12.88
CA MET A 1061 3.68 -8.55 12.35
C MET A 1061 3.94 -9.33 11.06
N ASP A 1062 3.14 -9.08 10.02
CA ASP A 1062 3.31 -9.73 8.72
C ASP A 1062 3.24 -11.25 8.81
N THR A 1063 2.51 -11.75 9.80
CA THR A 1063 2.42 -13.18 10.09
C THR A 1063 1.18 -13.81 9.46
N LEU A 1064 0.19 -13.01 9.09
CA LEU A 1064 -1.08 -13.52 8.59
C LEU A 1064 -0.94 -14.17 7.22
N PRO A 1065 -1.27 -15.46 7.09
CA PRO A 1065 -1.14 -16.18 5.81
C PRO A 1065 -2.41 -16.10 4.97
N GLY A 1066 -2.38 -16.65 3.76
CA GLY A 1066 -3.60 -16.90 3.02
C GLY A 1066 -3.99 -15.85 2.01
N LEU A 1067 -3.10 -14.90 1.72
CA LEU A 1067 -3.43 -13.73 0.90
C LEU A 1067 -2.76 -13.89 -0.45
N VAL A 1068 -3.41 -14.60 -1.37
CA VAL A 1068 -2.87 -14.82 -2.71
C VAL A 1068 -3.95 -14.42 -3.70
N MET A 1069 -3.58 -13.59 -4.67
CA MET A 1069 -4.53 -12.97 -5.59
C MET A 1069 -3.97 -12.90 -7.00
N ALA A 1070 -4.85 -13.09 -7.99
CA ALA A 1070 -4.43 -13.14 -9.38
C ALA A 1070 -4.23 -11.72 -9.91
N GLN A 1071 -3.16 -11.56 -10.71
CA GLN A 1071 -2.80 -10.34 -11.44
C GLN A 1071 -3.88 -9.27 -11.57
N ASN A 1072 -4.81 -9.41 -12.52
CA ASN A 1072 -5.85 -8.42 -12.78
C ASN A 1072 -7.23 -9.06 -12.67
N GLN A 1073 -7.97 -8.69 -11.63
CA GLN A 1073 -9.06 -9.51 -11.12
C GLN A 1073 -9.58 -8.85 -9.85
N ARG A 1074 -10.78 -8.26 -9.91
CA ARG A 1074 -11.32 -7.55 -8.76
C ARG A 1074 -11.23 -8.41 -7.50
N ILE A 1075 -11.03 -7.75 -6.38
CA ILE A 1075 -10.93 -8.36 -5.07
C ILE A 1075 -11.77 -7.54 -4.09
N ARG A 1076 -12.65 -8.21 -3.35
CA ARG A 1076 -13.56 -7.55 -2.43
C ARG A 1076 -13.15 -7.86 -0.99
N TRP A 1077 -12.98 -6.80 -0.19
CA TRP A 1077 -12.47 -6.86 1.17
C TRP A 1077 -13.53 -6.39 2.16
N TYR A 1078 -13.95 -7.28 3.04
CA TYR A 1078 -14.78 -6.93 4.18
C TYR A 1078 -13.90 -6.60 5.38
N LEU A 1079 -14.00 -5.36 5.88
CA LEU A 1079 -13.14 -4.87 6.95
C LEU A 1079 -13.99 -4.63 8.19
N LEU A 1080 -13.59 -5.24 9.32
CA LEU A 1080 -14.30 -5.11 10.59
C LEU A 1080 -13.34 -4.69 11.70
N SER A 1081 -13.81 -3.80 12.58
CA SER A 1081 -13.20 -3.58 13.89
C SER A 1081 -14.22 -3.79 15.00
N MET A 1082 -13.73 -4.18 16.18
CA MET A 1082 -14.59 -4.45 17.33
C MET A 1082 -13.85 -4.01 18.58
N GLY A 1083 -14.61 -3.66 19.61
CA GLY A 1083 -14.00 -3.48 20.92
C GLY A 1083 -13.97 -2.08 21.50
N SER A 1084 -12.99 -1.85 22.38
CA SER A 1084 -12.86 -0.60 23.11
C SER A 1084 -12.59 0.57 22.17
N ASN A 1085 -12.79 1.78 22.72
CA ASN A 1085 -12.76 3.02 21.95
C ASN A 1085 -11.47 3.25 21.18
N GLU A 1086 -10.36 2.64 21.60
CA GLU A 1086 -9.07 2.82 20.91
C GLU A 1086 -9.09 2.42 19.44
N ASN A 1087 -10.00 1.53 19.02
CA ASN A 1087 -9.95 0.89 17.70
C ASN A 1087 -10.49 1.73 16.55
N ILE A 1088 -9.96 2.95 16.36
CA ILE A 1088 -10.38 3.80 15.25
C ILE A 1088 -9.30 3.73 14.16
N HIS A 1089 -9.11 2.53 13.61
CA HIS A 1089 -7.96 2.23 12.77
C HIS A 1089 -8.14 2.86 11.38
N SER A 1090 -7.02 3.19 10.76
CA SER A 1090 -6.96 3.99 9.53
C SER A 1090 -6.23 3.14 8.48
N ILE A 1091 -6.98 2.27 7.81
CA ILE A 1091 -6.42 1.17 7.02
C ILE A 1091 -5.93 1.67 5.67
N HIS A 1092 -4.71 1.28 5.30
CA HIS A 1092 -4.11 1.70 4.05
C HIS A 1092 -3.67 0.47 3.27
N PHE A 1093 -3.93 0.46 1.96
CA PHE A 1093 -3.39 -0.53 1.03
C PHE A 1093 -2.29 0.14 0.21
N SER A 1094 -1.04 -0.01 0.64
CA SER A 1094 0.06 0.71 0.00
C SER A 1094 0.12 0.42 -1.49
N GLY A 1095 0.32 1.47 -2.28
CA GLY A 1095 0.39 1.32 -3.72
C GLY A 1095 -0.91 1.02 -4.44
N HIS A 1096 -2.03 0.90 -3.73
CA HIS A 1096 -3.31 0.62 -4.36
C HIS A 1096 -4.37 1.58 -3.86
N VAL A 1097 -5.49 1.61 -4.59
CA VAL A 1097 -6.68 2.36 -4.22
C VAL A 1097 -7.89 1.44 -4.41
N PHE A 1098 -8.96 1.75 -3.68
CA PHE A 1098 -10.18 0.96 -3.73
C PHE A 1098 -11.39 1.89 -3.87
N SER A 1099 -12.57 1.28 -3.97
CA SER A 1099 -13.82 2.02 -4.12
C SER A 1099 -14.80 1.60 -3.03
N VAL A 1100 -15.35 2.59 -2.34
CA VAL A 1100 -16.41 2.39 -1.37
C VAL A 1100 -17.72 2.87 -2.02
N ARG A 1101 -18.85 2.29 -1.59
CA ARG A 1101 -20.13 2.59 -2.22
C ARG A 1101 -21.20 2.80 -1.16
N LYS A 1102 -21.80 3.98 -1.18
CA LYS A 1102 -23.01 4.27 -0.41
C LYS A 1102 -23.81 5.27 -1.26
N LYS A 1103 -24.75 4.76 -2.04
CA LYS A 1103 -25.57 5.58 -2.94
C LYS A 1103 -24.84 6.18 -4.13
N GLU A 1104 -23.58 6.58 -3.95
CA GLU A 1104 -22.68 6.78 -5.06
C GLU A 1104 -21.30 6.21 -4.71
N GLU A 1105 -20.41 6.24 -5.69
CA GLU A 1105 -19.15 5.51 -5.61
C GLU A 1105 -18.00 6.52 -5.55
N TYR A 1106 -17.20 6.43 -4.50
CA TYR A 1106 -16.12 7.39 -4.27
C TYR A 1106 -14.77 6.68 -4.19
N LYS A 1107 -13.76 7.27 -4.81
CA LYS A 1107 -12.41 6.72 -4.72
C LYS A 1107 -11.80 7.18 -3.41
N MET A 1108 -11.04 6.28 -2.78
CA MET A 1108 -10.36 6.58 -1.53
C MET A 1108 -9.06 5.79 -1.48
N ALA A 1109 -8.23 6.13 -0.50
CA ALA A 1109 -7.02 5.37 -0.25
C ALA A 1109 -6.87 4.94 1.20
N VAL A 1110 -7.61 5.53 2.14
CA VAL A 1110 -7.59 5.09 3.51
C VAL A 1110 -9.01 5.19 4.04
N TYR A 1111 -9.55 4.07 4.52
CA TYR A 1111 -10.88 4.05 5.11
C TYR A 1111 -10.72 4.09 6.62
N ASN A 1112 -11.49 4.93 7.29
CA ASN A 1112 -11.26 5.19 8.70
C ASN A 1112 -12.24 4.33 9.50
N LEU A 1113 -11.85 3.07 9.64
CA LEU A 1113 -12.67 2.00 10.18
C LEU A 1113 -13.04 2.33 11.62
N TYR A 1114 -14.34 2.46 11.93
CA TYR A 1114 -14.72 2.61 13.32
C TYR A 1114 -15.34 1.32 13.86
N PRO A 1115 -15.15 1.04 15.15
CA PRO A 1115 -15.61 -0.23 15.72
C PRO A 1115 -17.11 -0.45 15.50
N GLY A 1116 -17.46 -1.69 15.18
CA GLY A 1116 -18.83 -2.06 14.90
C GLY A 1116 -19.28 -1.84 13.46
N VAL A 1117 -18.46 -1.21 12.63
CA VAL A 1117 -18.81 -0.92 11.25
C VAL A 1117 -18.07 -1.92 10.36
N PHE A 1118 -18.74 -2.40 9.32
CA PHE A 1118 -18.25 -3.54 8.55
C PHE A 1118 -18.34 -3.16 7.06
N GLU A 1119 -17.42 -2.30 6.61
CA GLU A 1119 -17.54 -1.75 5.28
C GLU A 1119 -17.06 -2.75 4.23
N THR A 1120 -17.52 -2.56 3.00
CA THR A 1120 -17.12 -3.38 1.86
C THR A 1120 -16.56 -2.53 0.73
N VAL A 1121 -15.32 -2.82 0.32
CA VAL A 1121 -14.63 -2.06 -0.71
C VAL A 1121 -14.05 -3.06 -1.71
N GLU A 1122 -13.82 -2.60 -2.94
CA GLU A 1122 -13.26 -3.45 -3.98
C GLU A 1122 -12.09 -2.76 -4.68
N MET A 1123 -11.03 -3.52 -4.96
CA MET A 1123 -9.87 -2.98 -5.67
C MET A 1123 -9.37 -4.01 -6.68
N LEU A 1124 -8.74 -3.51 -7.78
CA LEU A 1124 -7.96 -4.44 -8.58
C LEU A 1124 -6.45 -4.16 -8.42
N PRO A 1125 -5.63 -5.19 -8.28
CA PRO A 1125 -4.18 -5.00 -8.09
C PRO A 1125 -3.47 -4.76 -9.42
N SER A 1126 -2.96 -3.54 -9.59
CA SER A 1126 -2.26 -3.19 -10.84
C SER A 1126 -0.96 -3.99 -10.98
N LYS A 1127 0.00 -3.76 -10.07
CA LYS A 1127 1.39 -4.16 -10.26
C LYS A 1127 1.68 -5.45 -9.50
N VAL A 1128 2.38 -6.36 -10.18
CA VAL A 1128 2.87 -7.58 -9.55
C VAL A 1128 3.89 -7.29 -8.46
N GLY A 1129 3.83 -8.08 -7.41
CA GLY A 1129 4.84 -8.10 -6.36
C GLY A 1129 4.21 -8.46 -5.02
N ILE A 1130 4.96 -8.18 -3.96
CA ILE A 1130 4.52 -8.39 -2.58
C ILE A 1130 4.31 -7.04 -1.91
N TRP A 1131 3.07 -6.77 -1.50
CA TRP A 1131 2.65 -5.45 -1.04
C TRP A 1131 2.12 -5.55 0.37
N ARG A 1132 2.15 -4.42 1.09
CA ARG A 1132 1.84 -4.37 2.50
C ARG A 1132 0.42 -3.86 2.75
N ILE A 1133 -0.22 -4.44 3.76
CA ILE A 1133 -1.49 -3.96 4.31
C ILE A 1133 -1.19 -3.46 5.72
N GLU A 1134 -1.31 -2.15 5.92
CA GLU A 1134 -0.98 -1.53 7.19
C GLU A 1134 -2.24 -1.04 7.89
N CYS A 1135 -2.05 -0.56 9.10
CA CYS A 1135 -2.92 0.42 9.73
C CYS A 1135 -2.07 1.67 9.97
N LEU A 1136 -2.41 2.76 9.28
CA LEU A 1136 -1.59 3.96 9.27
C LEU A 1136 -1.57 4.67 10.61
N ILE A 1137 -2.28 4.16 11.62
CA ILE A 1137 -2.07 4.60 12.99
C ILE A 1137 -0.66 4.22 13.38
N GLY A 1138 0.23 5.20 13.52
CA GLY A 1138 1.66 4.90 13.58
C GLY A 1138 2.00 3.99 14.75
N GLU A 1139 1.41 4.25 15.91
CA GLU A 1139 1.59 3.38 17.08
C GLU A 1139 1.22 1.94 16.78
N HIS A 1140 0.02 1.72 16.24
CA HIS A 1140 -0.43 0.37 15.89
C HIS A 1140 0.55 -0.34 14.96
N LEU A 1141 1.03 0.35 13.92
CA LEU A 1141 1.95 -0.28 12.98
C LEU A 1141 3.17 -0.83 13.69
N GLN A 1142 3.89 0.03 14.41
CA GLN A 1142 5.10 -0.45 15.07
C GLN A 1142 4.78 -1.48 16.17
N ALA A 1143 3.54 -1.49 16.68
CA ALA A 1143 3.15 -2.55 17.60
C ALA A 1143 2.78 -3.86 16.90
N GLY A 1144 2.99 -3.95 15.58
CA GLY A 1144 2.81 -5.18 14.85
C GLY A 1144 1.66 -5.23 13.86
N MET A 1145 0.64 -4.37 14.01
CA MET A 1145 -0.55 -4.42 13.17
C MET A 1145 -0.24 -4.30 11.67
N SER A 1146 0.28 -5.35 11.07
CA SER A 1146 0.62 -5.32 9.66
C SER A 1146 0.66 -6.73 9.09
N THR A 1147 0.54 -6.82 7.77
CA THR A 1147 0.75 -8.05 7.02
C THR A 1147 1.04 -7.68 5.58
N THR A 1148 1.20 -8.71 4.73
CA THR A 1148 1.45 -8.53 3.32
C THR A 1148 0.49 -9.40 2.53
N PHE A 1149 0.39 -9.13 1.24
CA PHE A 1149 -0.25 -10.02 0.29
C PHE A 1149 0.67 -10.20 -0.90
N LEU A 1150 0.42 -11.26 -1.66
CA LEU A 1150 1.19 -11.55 -2.86
C LEU A 1150 0.24 -11.42 -4.03
N VAL A 1151 0.58 -10.57 -4.99
CA VAL A 1151 -0.05 -10.55 -6.30
C VAL A 1151 0.93 -11.13 -7.29
N TYR A 1152 0.48 -12.13 -8.05
CA TYR A 1152 1.29 -12.84 -9.02
C TYR A 1152 0.70 -12.66 -10.41
N SER A 1153 1.55 -12.80 -11.42
CA SER A 1153 1.03 -12.83 -12.78
C SER A 1153 0.59 -14.25 -13.07
N LYS A 1154 -0.64 -14.40 -13.56
CA LYS A 1154 -1.09 -15.70 -14.04
C LYS A 1154 -0.31 -16.16 -15.26
N LYS A 1155 0.40 -15.25 -15.93
CA LYS A 1155 1.17 -15.56 -17.12
C LYS A 1155 2.64 -15.88 -16.81
N CYS A 1156 2.99 -16.10 -15.53
CA CYS A 1156 4.34 -16.54 -15.18
C CYS A 1156 4.33 -18.00 -14.76
N GLN A 1157 4.05 -18.85 -15.73
CA GLN A 1157 4.32 -20.28 -15.59
C GLN A 1157 5.61 -20.55 -16.37
N THR A 1158 6.60 -21.14 -15.69
CA THR A 1158 7.86 -21.52 -16.31
C THR A 1158 8.36 -22.79 -15.64
N PRO A 1159 9.10 -23.64 -16.35
CA PRO A 1159 9.72 -24.82 -15.73
C PRO A 1159 10.76 -24.40 -14.69
N LEU A 1160 10.59 -24.89 -13.46
CA LEU A 1160 11.49 -24.60 -12.34
C LEU A 1160 12.84 -25.28 -12.46
N GLY A 1161 13.21 -25.79 -13.62
CA GLY A 1161 14.52 -26.40 -13.79
C GLY A 1161 14.59 -27.88 -13.51
N MET A 1162 13.46 -28.58 -13.46
CA MET A 1162 13.46 -29.98 -13.05
C MET A 1162 14.00 -30.87 -14.16
N ALA A 1163 13.52 -30.66 -15.39
CA ALA A 1163 14.08 -31.38 -16.52
C ALA A 1163 15.46 -30.83 -16.88
N SER A 1164 15.64 -29.52 -16.80
CA SER A 1164 16.89 -28.91 -17.26
C SER A 1164 18.06 -29.17 -16.32
N GLY A 1165 17.87 -29.91 -15.24
CA GLY A 1165 18.95 -30.15 -14.30
C GLY A 1165 19.42 -28.97 -13.48
N HIS A 1166 18.87 -27.76 -13.69
CA HIS A 1166 19.19 -26.67 -12.78
C HIS A 1166 18.91 -27.04 -11.33
N ILE A 1167 17.85 -27.79 -11.07
CA ILE A 1167 17.65 -28.36 -9.74
C ILE A 1167 18.58 -29.56 -9.64
N ARG A 1168 19.59 -29.47 -8.80
CA ARG A 1168 20.53 -30.56 -8.67
C ARG A 1168 19.86 -31.75 -7.97
N ASP A 1169 20.28 -32.95 -8.38
CA ASP A 1169 19.72 -34.23 -7.93
C ASP A 1169 19.43 -34.28 -6.42
N PHE A 1170 20.30 -33.69 -5.60
CA PHE A 1170 20.26 -33.96 -4.16
C PHE A 1170 19.02 -33.37 -3.49
N GLN A 1171 18.26 -32.52 -4.19
CA GLN A 1171 17.10 -31.88 -3.57
C GLN A 1171 15.85 -32.75 -3.63
N ILE A 1172 15.81 -33.73 -4.52
CA ILE A 1172 14.67 -34.65 -4.57
C ILE A 1172 14.89 -35.73 -3.52
N THR A 1173 13.81 -36.16 -2.87
CA THR A 1173 13.94 -36.94 -1.64
C THR A 1173 12.65 -37.68 -1.38
N ALA A 1174 12.74 -38.97 -1.05
CA ALA A 1174 11.53 -39.73 -0.75
C ALA A 1174 11.66 -40.53 0.55
N SER A 1175 11.34 -41.82 0.50
CA SER A 1175 11.00 -42.56 1.72
C SER A 1175 10.80 -44.03 1.42
N GLY A 1176 11.88 -44.73 1.08
CA GLY A 1176 11.71 -46.00 0.41
C GLY A 1176 11.90 -45.86 -1.09
N GLN A 1177 12.41 -46.91 -1.72
CA GLN A 1177 12.90 -46.77 -3.08
C GLN A 1177 12.69 -47.99 -3.96
N TYR A 1178 11.97 -49.03 -3.49
CA TYR A 1178 11.94 -50.31 -4.20
C TYR A 1178 13.36 -50.86 -4.32
N GLY A 1179 14.14 -50.28 -5.22
CA GLY A 1179 15.54 -50.60 -5.35
C GLY A 1179 16.06 -50.08 -6.67
N GLN A 1180 17.19 -49.37 -6.62
CA GLN A 1180 17.82 -48.73 -7.78
C GLN A 1180 16.88 -47.75 -8.47
N TRP A 1181 15.58 -47.85 -8.21
CA TRP A 1181 14.57 -46.92 -8.70
C TRP A 1181 14.51 -45.66 -7.82
N ALA A 1182 15.63 -44.95 -7.79
CA ALA A 1182 15.89 -43.95 -6.77
C ALA A 1182 15.11 -42.67 -7.08
N PRO A 1183 14.70 -41.93 -6.06
CA PRO A 1183 13.99 -40.66 -6.30
C PRO A 1183 14.75 -39.68 -7.18
N LYS A 1184 16.07 -39.77 -7.28
CA LYS A 1184 16.87 -38.89 -8.13
C LYS A 1184 16.65 -39.11 -9.64
N LEU A 1185 15.64 -39.89 -10.02
CA LEU A 1185 15.36 -40.20 -11.42
C LEU A 1185 14.04 -39.60 -11.90
N ALA A 1186 13.32 -38.89 -11.04
CA ALA A 1186 11.95 -38.49 -11.31
C ALA A 1186 11.82 -37.35 -12.33
N ARG A 1187 12.73 -37.30 -13.31
CA ARG A 1187 12.99 -36.11 -14.11
C ARG A 1187 12.39 -36.31 -15.49
N LEU A 1188 11.32 -35.55 -15.78
CA LEU A 1188 10.54 -35.66 -17.00
C LEU A 1188 11.42 -35.88 -18.24
N HIS A 1189 11.06 -36.88 -19.03
CA HIS A 1189 11.70 -37.29 -20.27
C HIS A 1189 12.94 -38.19 -20.11
N TYR A 1190 13.46 -38.41 -18.89
CA TYR A 1190 14.59 -39.32 -18.74
C TYR A 1190 14.27 -40.65 -19.42
N SER A 1191 15.30 -41.27 -20.01
CA SER A 1191 15.06 -42.40 -20.90
C SER A 1191 15.87 -43.61 -20.47
N GLY A 1192 15.48 -44.74 -21.04
CA GLY A 1192 16.21 -46.00 -20.96
C GLY A 1192 15.65 -46.91 -19.88
N SER A 1193 16.01 -48.19 -20.00
CA SER A 1193 16.22 -49.11 -18.87
C SER A 1193 15.33 -48.84 -17.66
N ILE A 1194 15.96 -48.69 -16.50
CA ILE A 1194 15.38 -48.00 -15.36
C ILE A 1194 15.54 -46.49 -15.54
N ASN A 1195 14.43 -45.75 -15.39
CA ASN A 1195 14.48 -44.32 -15.68
C ASN A 1195 13.52 -43.49 -14.83
N ALA A 1196 13.21 -43.91 -13.61
CA ALA A 1196 12.29 -43.14 -12.78
C ALA A 1196 12.45 -43.53 -11.32
N TRP A 1197 11.78 -42.77 -10.46
CA TRP A 1197 11.45 -43.25 -9.12
C TRP A 1197 10.46 -44.41 -9.22
N SER A 1198 10.48 -45.29 -8.21
CA SER A 1198 9.44 -46.29 -8.04
C SER A 1198 9.54 -46.87 -6.64
N THR A 1199 8.39 -47.06 -5.99
CA THR A 1199 8.34 -47.72 -4.69
C THR A 1199 7.15 -48.67 -4.61
N LYS A 1200 7.39 -49.83 -4.01
CA LYS A 1200 6.37 -50.83 -3.70
C LYS A 1200 5.64 -50.58 -2.38
N GLU A 1201 6.03 -49.57 -1.63
CA GLU A 1201 5.27 -49.24 -0.42
C GLU A 1201 3.92 -48.63 -0.78
N PRO A 1202 2.86 -48.94 -0.01
CA PRO A 1202 1.57 -48.29 -0.24
C PRO A 1202 1.67 -46.80 0.11
N PHE A 1203 1.77 -46.51 1.40
CA PHE A 1203 1.94 -45.15 1.86
C PHE A 1203 3.37 -44.74 1.60
N SER A 1204 3.59 -43.89 0.59
CA SER A 1204 4.91 -43.39 0.28
C SER A 1204 4.79 -41.91 -0.05
N TRP A 1205 5.91 -41.28 -0.36
CA TRP A 1205 5.90 -39.90 -0.84
C TRP A 1205 7.26 -39.57 -1.41
N ILE A 1206 7.26 -38.67 -2.38
CA ILE A 1206 8.49 -38.04 -2.87
C ILE A 1206 8.39 -36.56 -2.59
N LYS A 1207 9.55 -35.94 -2.32
CA LYS A 1207 9.58 -34.60 -1.76
C LYS A 1207 10.71 -33.86 -2.45
N VAL A 1208 10.38 -32.68 -2.98
CA VAL A 1208 11.34 -31.85 -3.70
C VAL A 1208 11.58 -30.57 -2.91
N ASP A 1209 12.85 -30.27 -2.65
CA ASP A 1209 13.26 -29.03 -2.00
C ASP A 1209 13.70 -28.07 -3.11
N LEU A 1210 12.84 -27.09 -3.40
CA LEU A 1210 13.14 -26.08 -4.41
C LEU A 1210 14.32 -25.19 -4.02
N LEU A 1211 14.74 -25.24 -2.75
CA LEU A 1211 15.86 -24.60 -2.06
C LEU A 1211 15.48 -23.22 -1.50
N ALA A 1212 14.35 -22.65 -1.91
CA ALA A 1212 13.86 -21.40 -1.37
C ALA A 1212 12.37 -21.31 -1.64
N PRO A 1213 11.63 -20.51 -0.86
CA PRO A 1213 10.21 -20.28 -1.16
C PRO A 1213 9.97 -19.96 -2.63
N MET A 1214 8.94 -20.58 -3.21
CA MET A 1214 8.63 -20.41 -4.62
C MET A 1214 7.12 -20.42 -4.82
N ILE A 1215 6.70 -19.96 -6.00
CA ILE A 1215 5.31 -19.99 -6.44
C ILE A 1215 5.17 -21.11 -7.48
N ILE A 1216 4.26 -22.05 -7.23
CA ILE A 1216 4.03 -23.20 -8.10
C ILE A 1216 2.61 -23.13 -8.67
N HIS A 1217 2.49 -23.16 -10.00
CA HIS A 1217 1.19 -23.13 -10.66
C HIS A 1217 0.75 -24.47 -11.23
N GLY A 1218 1.62 -25.48 -11.28
CA GLY A 1218 1.19 -26.74 -11.86
C GLY A 1218 2.21 -27.84 -11.65
N ILE A 1219 1.85 -29.03 -12.13
CA ILE A 1219 2.72 -30.19 -12.06
C ILE A 1219 2.46 -31.16 -13.22
N LYS A 1220 3.49 -31.45 -14.01
CA LYS A 1220 3.39 -32.38 -15.13
C LYS A 1220 3.93 -33.74 -14.71
N THR A 1221 3.23 -34.79 -15.12
CA THR A 1221 3.35 -36.12 -14.50
C THR A 1221 3.39 -37.18 -15.58
N GLN A 1222 4.35 -38.09 -15.47
CA GLN A 1222 4.44 -39.26 -16.35
C GLN A 1222 4.58 -40.56 -15.56
N GLY A 1223 5.57 -41.34 -15.93
CA GLY A 1223 5.74 -42.72 -15.50
C GLY A 1223 6.30 -43.49 -16.68
N ALA A 1224 7.14 -44.46 -16.38
CA ALA A 1224 7.98 -45.12 -17.37
C ALA A 1224 7.45 -46.50 -17.74
N ARG A 1225 8.22 -47.23 -18.53
CA ARG A 1225 7.93 -48.61 -18.87
C ARG A 1225 9.06 -49.48 -18.34
N GLN A 1226 8.70 -50.63 -17.78
CA GLN A 1226 9.64 -51.67 -17.40
C GLN A 1226 9.46 -52.93 -18.22
N LYS A 1227 10.45 -53.26 -19.05
CA LYS A 1227 10.27 -54.29 -20.06
C LYS A 1227 8.89 -54.11 -20.69
N PHE A 1228 7.87 -54.77 -20.11
CA PHE A 1228 6.58 -54.91 -20.76
C PHE A 1228 5.39 -54.41 -19.94
N SER A 1229 5.60 -53.83 -18.77
CA SER A 1229 4.52 -53.20 -18.04
C SER A 1229 4.50 -51.68 -18.16
N SER A 1230 3.31 -51.11 -17.90
CA SER A 1230 3.11 -49.67 -17.93
C SER A 1230 2.90 -49.28 -16.48
N LEU A 1231 3.78 -48.45 -15.95
CA LEU A 1231 3.72 -48.01 -14.56
C LEU A 1231 3.31 -46.55 -14.45
N TYR A 1232 2.35 -46.28 -13.57
CA TYR A 1232 1.91 -44.90 -13.39
C TYR A 1232 0.94 -44.77 -12.22
N ILE A 1233 0.94 -43.58 -11.63
CA ILE A 1233 -0.02 -43.12 -10.64
C ILE A 1233 -1.31 -42.66 -11.32
N SER A 1234 -2.42 -43.31 -10.97
CA SER A 1234 -3.72 -42.94 -11.53
C SER A 1234 -4.45 -41.92 -10.64
N GLN A 1235 -3.94 -41.68 -9.44
CA GLN A 1235 -4.59 -40.85 -8.41
C GLN A 1235 -3.61 -40.53 -7.29
N PHE A 1236 -3.21 -39.26 -7.17
CA PHE A 1236 -2.25 -38.86 -6.15
C PHE A 1236 -2.84 -37.71 -5.34
N ILE A 1237 -2.10 -37.28 -4.31
CA ILE A 1237 -2.40 -36.06 -3.57
C ILE A 1237 -1.10 -35.32 -3.34
N ILE A 1238 -1.19 -34.01 -3.15
CA ILE A 1238 -0.03 -33.14 -3.07
C ILE A 1238 0.03 -32.52 -1.68
N MET A 1239 1.17 -32.67 -1.02
CA MET A 1239 1.50 -31.93 0.18
C MET A 1239 2.68 -30.99 -0.09
N TYR A 1240 2.73 -29.88 0.65
CA TYR A 1240 3.80 -28.92 0.49
C TYR A 1240 4.18 -28.39 1.86
N SER A 1241 5.34 -27.74 1.94
CA SER A 1241 5.80 -27.17 3.20
C SER A 1241 6.75 -26.02 2.95
N LEU A 1242 6.82 -25.12 3.94
CA LEU A 1242 7.70 -23.96 3.93
C LEU A 1242 8.99 -24.15 4.71
N ASP A 1243 8.94 -24.77 5.89
CA ASP A 1243 10.13 -25.02 6.70
C ASP A 1243 10.73 -26.40 6.49
N GLY A 1244 9.90 -27.43 6.30
CA GLY A 1244 10.42 -28.77 6.11
C GLY A 1244 9.87 -29.82 7.05
N LYS A 1245 9.11 -29.38 8.06
CA LYS A 1245 8.29 -30.30 8.81
C LYS A 1245 6.95 -29.65 9.17
N LYS A 1246 6.35 -28.91 8.23
CA LYS A 1246 5.02 -28.32 8.41
C LYS A 1246 4.15 -28.61 7.20
N TRP A 1247 4.13 -29.88 6.78
CA TRP A 1247 3.48 -30.23 5.54
C TRP A 1247 1.98 -30.00 5.71
N GLN A 1248 1.34 -29.52 4.66
CA GLN A 1248 -0.11 -29.37 4.64
C GLN A 1248 -0.68 -29.88 3.33
N THR A 1249 -1.86 -30.48 3.39
CA THR A 1249 -2.43 -31.06 2.18
C THR A 1249 -3.10 -29.98 1.34
N TYR A 1250 -2.87 -30.03 0.03
CA TYR A 1250 -3.38 -29.05 -0.92
C TYR A 1250 -4.85 -29.33 -1.21
N ARG A 1251 -5.74 -28.90 -0.32
CA ARG A 1251 -7.18 -29.01 -0.60
C ARG A 1251 -7.68 -28.08 -1.70
N GLY A 1252 -6.96 -28.02 -2.81
CA GLY A 1252 -7.13 -26.95 -3.78
C GLY A 1252 -8.56 -26.89 -4.30
N ASN A 1253 -9.07 -25.68 -4.43
CA ASN A 1253 -10.40 -25.38 -5.01
C ASN A 1253 -11.53 -26.08 -4.27
N SER A 1254 -11.45 -26.07 -2.94
CA SER A 1254 -12.37 -26.71 -2.00
C SER A 1254 -12.69 -28.20 -2.20
N THR A 1255 -13.45 -28.50 -3.27
CA THR A 1255 -14.04 -29.80 -3.58
C THR A 1255 -14.55 -30.61 -2.38
N GLY A 1256 -13.66 -30.98 -1.45
CA GLY A 1256 -14.10 -31.80 -0.34
C GLY A 1256 -13.17 -31.82 0.85
N THR A 1257 -13.01 -33.01 1.45
CA THR A 1257 -12.06 -33.23 2.53
C THR A 1257 -10.65 -32.95 2.07
N LEU A 1258 -10.41 -33.07 0.76
CA LEU A 1258 -9.10 -33.00 0.12
C LEU A 1258 -9.33 -33.14 -1.38
N MET A 1259 -8.32 -32.77 -2.15
CA MET A 1259 -8.35 -32.93 -3.60
C MET A 1259 -7.72 -34.26 -3.99
N VAL A 1260 -8.53 -35.14 -4.59
CA VAL A 1260 -8.03 -36.32 -5.29
C VAL A 1260 -7.77 -35.90 -6.73
N PHE A 1261 -6.52 -36.06 -7.16
CA PHE A 1261 -6.12 -35.69 -8.51
C PHE A 1261 -6.18 -36.92 -9.39
N PHE A 1262 -6.43 -36.71 -10.69
CA PHE A 1262 -6.43 -37.80 -11.64
C PHE A 1262 -5.03 -37.88 -12.26
N GLY A 1263 -4.36 -39.01 -12.06
CA GLY A 1263 -3.01 -39.17 -12.60
C GLY A 1263 -2.94 -39.41 -14.09
N ASN A 1264 -2.29 -40.49 -14.49
CA ASN A 1264 -2.04 -40.79 -15.89
C ASN A 1264 -2.95 -41.92 -16.35
N VAL A 1265 -2.78 -42.34 -17.60
CA VAL A 1265 -3.41 -43.55 -18.10
C VAL A 1265 -2.40 -44.51 -18.71
N ASP A 1266 -1.12 -44.16 -18.78
CA ASP A 1266 -0.14 -44.97 -19.49
C ASP A 1266 1.24 -44.42 -19.20
N SER A 1267 2.26 -45.12 -19.72
CA SER A 1267 3.62 -44.63 -19.84
C SER A 1267 3.71 -43.20 -20.37
N SER A 1268 3.49 -43.04 -21.68
CA SER A 1268 4.02 -41.87 -22.39
C SER A 1268 3.37 -40.57 -21.92
N GLY A 1269 2.05 -40.57 -21.72
CA GLY A 1269 1.32 -39.33 -21.65
C GLY A 1269 1.69 -38.48 -20.44
N ILE A 1270 1.65 -37.17 -20.63
CA ILE A 1270 1.76 -36.19 -19.56
C ILE A 1270 0.36 -35.80 -19.10
N LYS A 1271 0.14 -35.82 -17.79
CA LYS A 1271 -1.06 -35.25 -17.19
C LYS A 1271 -0.66 -33.95 -16.50
N HIS A 1272 -1.26 -32.85 -16.92
CA HIS A 1272 -0.87 -31.50 -16.51
C HIS A 1272 -1.91 -30.90 -15.57
N ASN A 1273 -2.00 -31.43 -14.35
CA ASN A 1273 -2.76 -30.73 -13.34
C ASN A 1273 -2.18 -29.33 -13.10
N ILE A 1274 -3.03 -28.39 -12.71
CA ILE A 1274 -2.61 -27.03 -12.41
C ILE A 1274 -3.04 -26.65 -10.99
N PHE A 1275 -2.29 -25.72 -10.39
CA PHE A 1275 -2.60 -25.21 -9.06
C PHE A 1275 -3.21 -23.82 -9.18
N ASN A 1276 -4.53 -23.71 -8.99
CA ASN A 1276 -5.18 -22.46 -9.39
C ASN A 1276 -5.52 -21.63 -8.16
N PRO A 1277 -5.28 -22.15 -6.96
CA PRO A 1277 -4.65 -21.33 -5.91
C PRO A 1277 -3.19 -21.67 -5.76
N PRO A 1278 -2.31 -21.05 -6.55
CA PRO A 1278 -0.93 -21.55 -6.69
C PRO A 1278 -0.29 -21.85 -5.33
N ILE A 1279 0.65 -22.79 -5.33
CA ILE A 1279 1.25 -23.28 -4.10
C ILE A 1279 2.43 -22.38 -3.75
N ILE A 1280 2.40 -21.83 -2.54
CA ILE A 1280 3.54 -21.08 -2.00
C ILE A 1280 4.25 -21.97 -0.99
N ALA A 1281 5.49 -22.36 -1.30
CA ALA A 1281 6.18 -23.39 -0.55
C ALA A 1281 7.63 -23.39 -0.98
N ARG A 1282 8.44 -24.19 -0.28
CA ARG A 1282 9.76 -24.57 -0.77
C ARG A 1282 10.01 -26.07 -0.68
N TYR A 1283 9.16 -26.83 0.01
CA TYR A 1283 9.16 -28.28 -0.01
C TYR A 1283 7.77 -28.73 -0.47
N ILE A 1284 7.71 -29.44 -1.61
CA ILE A 1284 6.46 -30.02 -2.10
C ILE A 1284 6.59 -31.55 -2.08
N ARG A 1285 5.48 -32.23 -1.83
CA ARG A 1285 5.52 -33.66 -1.51
C ARG A 1285 4.27 -34.35 -2.05
N LEU A 1286 4.47 -35.29 -2.98
CA LEU A 1286 3.39 -35.94 -3.72
C LEU A 1286 3.11 -37.33 -3.14
N HIS A 1287 1.85 -37.59 -2.78
CA HIS A 1287 1.46 -38.84 -2.13
C HIS A 1287 0.63 -39.73 -3.05
N PRO A 1288 1.20 -40.79 -3.62
CA PRO A 1288 0.42 -41.70 -4.48
C PRO A 1288 -0.70 -42.40 -3.72
N THR A 1289 -1.93 -42.30 -4.22
CA THR A 1289 -3.06 -43.01 -3.62
C THR A 1289 -3.65 -44.11 -4.51
N HIS A 1290 -3.35 -44.13 -5.81
CA HIS A 1290 -3.79 -45.22 -6.68
C HIS A 1290 -2.85 -45.35 -7.87
N TYR A 1291 -2.21 -46.51 -8.00
CA TYR A 1291 -1.25 -46.76 -9.06
C TYR A 1291 -1.62 -48.05 -9.81
N SER A 1292 -1.07 -48.19 -11.01
CA SER A 1292 -1.13 -49.43 -11.78
C SER A 1292 0.18 -50.19 -11.59
N ILE A 1293 0.11 -51.32 -10.90
CA ILE A 1293 1.22 -52.22 -10.61
C ILE A 1293 2.19 -51.61 -9.60
N ARG A 1294 2.61 -50.37 -9.83
CA ARG A 1294 3.62 -49.74 -8.98
C ARG A 1294 3.57 -48.22 -9.13
N SER A 1295 3.55 -47.52 -7.99
CA SER A 1295 3.86 -46.10 -7.97
C SER A 1295 5.17 -45.82 -8.70
N THR A 1296 5.12 -44.97 -9.72
CA THR A 1296 6.29 -44.71 -10.56
C THR A 1296 6.11 -43.37 -11.25
N LEU A 1297 7.08 -42.49 -11.14
CA LEU A 1297 6.85 -41.08 -11.46
C LEU A 1297 8.11 -40.41 -12.00
N ARG A 1298 7.96 -39.79 -13.16
CA ARG A 1298 8.79 -38.67 -13.61
C ARG A 1298 7.95 -37.41 -13.66
N MET A 1299 8.47 -36.31 -13.12
CA MET A 1299 7.67 -35.11 -12.95
C MET A 1299 8.49 -33.87 -13.31
N GLU A 1300 7.76 -32.79 -13.59
CA GLU A 1300 8.30 -31.45 -13.78
C GLU A 1300 7.41 -30.44 -13.06
N LEU A 1301 8.03 -29.42 -12.47
CA LEU A 1301 7.32 -28.44 -11.67
C LEU A 1301 7.24 -27.11 -12.43
N MET A 1302 6.01 -26.70 -12.75
CA MET A 1302 5.73 -25.41 -13.36
C MET A 1302 5.58 -24.37 -12.27
N GLY A 1303 6.21 -23.21 -12.45
CA GLY A 1303 6.20 -22.20 -11.42
C GLY A 1303 6.82 -20.88 -11.81
N CYS A 1304 7.39 -20.19 -10.82
CA CYS A 1304 7.84 -18.81 -10.96
C CYS A 1304 8.49 -18.38 -9.66
N ASP A 1305 9.43 -17.44 -9.73
CA ASP A 1305 9.96 -16.83 -8.52
C ASP A 1305 8.89 -15.97 -7.84
N LEU A 1306 9.22 -15.48 -6.64
CA LEU A 1306 8.24 -14.80 -5.81
C LEU A 1306 7.84 -13.47 -6.43
N ASN A 1307 8.80 -12.79 -7.05
CA ASN A 1307 8.59 -11.48 -7.65
C ASN A 1307 8.20 -11.58 -9.11
N SER A 1308 7.89 -12.78 -9.59
CA SER A 1308 7.33 -12.96 -10.93
C SER A 1308 8.28 -12.42 -11.99
N CYS A 1309 9.56 -12.78 -11.87
CA CYS A 1309 10.54 -12.45 -12.90
C CYS A 1309 11.14 -13.73 -13.46
N SER A 1310 10.36 -14.44 -14.28
CA SER A 1310 10.85 -15.61 -14.98
C SER A 1310 10.45 -15.71 -16.45
N MET A 1311 9.47 -14.93 -16.93
CA MET A 1311 8.94 -15.11 -18.27
C MET A 1311 9.78 -14.50 -19.39
N PRO A 1312 9.70 -15.10 -20.58
CA PRO A 1312 10.32 -14.50 -21.77
C PRO A 1312 9.82 -13.07 -21.98
N LEU A 1313 10.65 -12.19 -22.56
CA LEU A 1313 10.09 -10.92 -22.99
C LEU A 1313 9.75 -10.87 -24.47
N GLY A 1314 9.43 -12.02 -25.06
CA GLY A 1314 9.04 -12.13 -26.47
C GLY A 1314 10.01 -12.13 -27.63
N MET A 1315 10.97 -13.07 -27.55
CA MET A 1315 11.80 -13.53 -28.66
C MET A 1315 11.11 -14.69 -29.38
N GLU A 1316 10.70 -15.67 -28.59
CA GLU A 1316 10.00 -16.86 -29.07
C GLU A 1316 8.61 -16.54 -29.63
N SER A 1317 7.81 -15.79 -28.89
CA SER A 1317 6.54 -15.28 -29.44
C SER A 1317 6.63 -14.18 -30.50
N LYS A 1318 7.81 -14.01 -31.13
CA LYS A 1318 8.16 -12.83 -31.90
C LYS A 1318 7.69 -11.46 -31.41
N ALA A 1319 7.14 -11.38 -30.19
CA ALA A 1319 6.70 -10.15 -29.54
C ALA A 1319 7.64 -8.95 -29.66
N ILE A 1320 8.86 -9.17 -30.15
CA ILE A 1320 9.81 -8.10 -30.44
C ILE A 1320 10.01 -8.03 -31.94
N SER A 1321 9.25 -7.13 -32.59
CA SER A 1321 9.25 -7.00 -34.04
C SER A 1321 10.67 -6.78 -34.56
N ASP A 1322 10.92 -7.30 -35.77
CA ASP A 1322 12.25 -7.33 -36.37
C ASP A 1322 12.93 -5.97 -36.45
N ALA A 1323 12.20 -4.88 -36.24
CA ALA A 1323 12.84 -3.56 -36.26
C ALA A 1323 13.55 -3.24 -34.96
N GLN A 1324 13.12 -3.83 -33.84
CA GLN A 1324 13.78 -3.61 -32.57
C GLN A 1324 15.11 -4.34 -32.43
N ILE A 1325 15.32 -5.41 -33.18
CA ILE A 1325 16.59 -6.13 -33.18
C ILE A 1325 17.50 -5.57 -34.27
N THR A 1326 18.73 -5.25 -33.89
CA THR A 1326 19.69 -4.57 -34.74
C THR A 1326 21.09 -4.96 -34.28
N ALA A 1327 22.01 -5.06 -35.23
CA ALA A 1327 23.37 -5.49 -34.91
C ALA A 1327 24.38 -4.65 -35.68
N SER A 1328 25.65 -4.90 -35.37
CA SER A 1328 26.75 -4.14 -35.94
C SER A 1328 27.06 -4.51 -37.38
N SER A 1329 26.88 -5.78 -37.77
CA SER A 1329 26.93 -6.15 -39.18
C SER A 1329 26.17 -7.46 -39.36
N TYR A 1330 26.07 -7.90 -40.62
CA TYR A 1330 25.26 -9.06 -40.97
C TYR A 1330 25.68 -9.56 -42.34
N PHE A 1331 26.33 -10.72 -42.38
CA PHE A 1331 26.83 -11.27 -43.64
C PHE A 1331 25.68 -11.52 -44.61
N THR A 1332 25.79 -11.00 -45.83
CA THR A 1332 24.88 -11.32 -46.90
C THR A 1332 25.64 -11.52 -48.21
N ASN A 1333 25.16 -12.47 -49.02
CA ASN A 1333 25.72 -12.66 -50.35
C ASN A 1333 24.59 -12.75 -51.39
N MET A 1334 23.61 -13.63 -51.16
CA MET A 1334 22.53 -13.90 -52.10
C MET A 1334 21.69 -15.09 -51.63
N PHE A 1335 22.37 -16.16 -51.24
CA PHE A 1335 21.75 -17.41 -50.82
C PHE A 1335 21.57 -17.51 -49.30
N ALA A 1336 22.14 -16.58 -48.54
CA ALA A 1336 22.06 -16.68 -47.09
C ALA A 1336 21.24 -15.56 -46.43
N THR A 1337 21.86 -14.40 -46.21
CA THR A 1337 21.23 -13.24 -45.57
C THR A 1337 20.91 -13.53 -44.10
N TRP A 1338 21.95 -13.54 -43.26
CA TRP A 1338 21.84 -13.87 -41.84
C TRP A 1338 21.54 -12.61 -41.02
N SER A 1339 20.35 -12.05 -41.25
CA SER A 1339 20.07 -10.77 -40.61
C SER A 1339 19.59 -10.97 -39.17
N PRO A 1340 20.00 -10.08 -38.25
CA PRO A 1340 19.61 -10.15 -36.84
C PRO A 1340 18.18 -10.59 -36.48
N SER A 1341 17.17 -9.92 -37.03
CA SER A 1341 15.77 -10.34 -36.99
C SER A 1341 15.47 -11.82 -36.78
N LYS A 1342 16.30 -12.72 -37.31
CA LYS A 1342 16.02 -14.15 -37.25
C LYS A 1342 16.70 -14.87 -36.08
N ALA A 1343 17.46 -14.15 -35.26
CA ALA A 1343 18.27 -14.76 -34.21
C ALA A 1343 17.47 -15.13 -32.95
N ARG A 1344 16.31 -15.76 -33.12
CA ARG A 1344 15.35 -16.06 -32.05
C ARG A 1344 15.41 -17.54 -31.69
N LEU A 1345 15.42 -17.80 -30.38
CA LEU A 1345 15.59 -19.14 -29.83
C LEU A 1345 14.62 -20.15 -30.42
N HIS A 1346 15.19 -21.21 -31.02
CA HIS A 1346 14.56 -22.41 -31.57
C HIS A 1346 13.98 -22.24 -32.98
N LEU A 1347 14.03 -21.05 -33.58
CA LEU A 1347 13.56 -20.89 -34.95
C LEU A 1347 14.25 -21.94 -35.83
N GLN A 1348 13.54 -22.46 -36.82
CA GLN A 1348 14.06 -23.56 -37.62
C GLN A 1348 14.06 -23.19 -39.10
N GLY A 1349 14.61 -24.08 -39.91
CA GLY A 1349 14.61 -23.91 -41.34
C GLY A 1349 15.93 -23.37 -41.85
N ARG A 1350 15.88 -22.88 -43.09
CA ARG A 1350 17.05 -22.32 -43.75
C ARG A 1350 17.50 -21.01 -43.10
N SER A 1351 18.83 -20.83 -42.98
CA SER A 1351 19.45 -19.61 -42.46
C SER A 1351 18.80 -19.10 -41.17
N ASN A 1352 18.81 -19.96 -40.15
CA ASN A 1352 18.04 -19.71 -38.94
C ASN A 1352 18.97 -19.28 -37.79
N ALA A 1353 19.46 -18.04 -37.90
CA ALA A 1353 20.25 -17.33 -36.88
C ALA A 1353 20.91 -16.06 -37.45
N TRP A 1354 21.64 -15.35 -36.59
CA TRP A 1354 22.37 -14.14 -36.94
C TRP A 1354 23.87 -14.39 -37.10
N ARG A 1355 24.46 -13.82 -38.14
CA ARG A 1355 25.89 -13.98 -38.41
C ARG A 1355 26.46 -12.60 -38.73
N PRO A 1356 27.37 -12.07 -37.90
CA PRO A 1356 28.03 -10.80 -38.24
C PRO A 1356 28.83 -10.90 -39.53
N GLN A 1357 28.75 -9.84 -40.35
CA GLN A 1357 29.41 -9.83 -41.65
C GLN A 1357 30.88 -10.21 -41.56
N VAL A 1358 31.51 -10.02 -40.40
CA VAL A 1358 32.84 -10.55 -40.11
C VAL A 1358 32.88 -10.98 -38.66
N ASN A 1359 33.78 -11.91 -38.36
CA ASN A 1359 33.98 -12.40 -37.00
C ASN A 1359 35.08 -11.60 -36.32
N ASN A 1360 34.75 -10.94 -35.20
CA ASN A 1360 35.76 -10.30 -34.38
C ASN A 1360 35.15 -10.00 -33.02
N PRO A 1361 35.95 -9.99 -31.96
CA PRO A 1361 35.38 -9.85 -30.60
C PRO A 1361 34.80 -8.46 -30.31
N LYS A 1362 34.92 -7.51 -31.23
CA LYS A 1362 34.38 -6.16 -31.07
C LYS A 1362 32.92 -6.02 -31.50
N GLU A 1363 32.36 -6.99 -32.22
CA GLU A 1363 31.00 -6.90 -32.70
C GLU A 1363 29.98 -7.00 -31.56
N TRP A 1364 28.77 -6.52 -31.82
CA TRP A 1364 27.70 -6.53 -30.83
C TRP A 1364 26.34 -6.56 -31.52
N LEU A 1365 25.39 -7.21 -30.86
CA LEU A 1365 23.98 -7.26 -31.19
C LEU A 1365 23.14 -6.49 -30.18
N GLN A 1366 22.09 -5.80 -30.65
CA GLN A 1366 21.41 -4.79 -29.86
C GLN A 1366 19.91 -4.98 -30.01
N VAL A 1367 19.18 -4.65 -28.94
CA VAL A 1367 17.74 -4.78 -28.86
C VAL A 1367 17.19 -3.55 -28.15
N ASP A 1368 16.32 -2.81 -28.83
CA ASP A 1368 15.64 -1.67 -28.21
C ASP A 1368 14.28 -2.18 -27.71
N PHE A 1369 14.18 -2.37 -26.38
CA PHE A 1369 12.93 -2.79 -25.77
C PHE A 1369 11.85 -1.72 -25.84
N GLN A 1370 12.21 -0.48 -26.22
CA GLN A 1370 11.35 0.70 -26.13
C GLN A 1370 11.06 1.18 -24.71
N LYS A 1371 11.06 0.29 -23.72
CA LYS A 1371 10.89 0.68 -22.33
C LYS A 1371 12.04 0.13 -21.51
N THR A 1372 12.29 0.75 -20.35
CA THR A 1372 13.19 0.15 -19.36
C THR A 1372 12.62 -1.14 -18.80
N MET A 1373 13.42 -2.21 -18.86
CA MET A 1373 13.04 -3.53 -18.38
C MET A 1373 13.99 -3.99 -17.27
N LYS A 1374 13.51 -4.93 -16.45
CA LYS A 1374 14.32 -5.58 -15.42
C LYS A 1374 14.76 -6.94 -15.95
N VAL A 1375 15.94 -6.96 -16.58
CA VAL A 1375 16.49 -8.17 -17.19
C VAL A 1375 17.14 -9.04 -16.12
N THR A 1376 16.66 -10.26 -15.95
CA THR A 1376 17.16 -11.15 -14.90
C THR A 1376 17.87 -12.38 -15.45
N GLY A 1377 17.94 -12.56 -16.76
CA GLY A 1377 18.81 -13.60 -17.29
C GLY A 1377 18.87 -13.56 -18.80
N VAL A 1378 19.67 -14.48 -19.34
CA VAL A 1378 19.81 -14.64 -20.79
C VAL A 1378 20.02 -16.11 -21.16
N THR A 1379 19.01 -16.71 -21.78
CA THR A 1379 19.17 -17.98 -22.46
C THR A 1379 19.86 -17.73 -23.80
N THR A 1380 20.62 -18.72 -24.26
CA THR A 1380 21.59 -18.51 -25.33
C THR A 1380 21.83 -19.81 -26.10
N GLN A 1381 21.98 -19.67 -27.41
CA GLN A 1381 21.95 -20.77 -28.36
C GLN A 1381 22.96 -20.56 -29.47
N GLY A 1382 23.21 -21.65 -30.19
CA GLY A 1382 24.02 -21.75 -31.38
C GLY A 1382 23.10 -22.27 -32.45
N VAL A 1383 23.62 -22.80 -33.54
CA VAL A 1383 22.81 -23.22 -34.68
C VAL A 1383 23.45 -24.44 -35.29
N LYS A 1384 22.63 -25.39 -35.72
CA LYS A 1384 23.10 -26.41 -36.65
C LYS A 1384 22.88 -25.93 -38.09
N SER A 1385 23.92 -26.09 -38.90
CA SER A 1385 23.88 -25.76 -40.31
C SER A 1385 24.85 -26.69 -41.01
N LEU A 1386 24.57 -26.98 -42.28
CA LEU A 1386 25.43 -27.82 -43.11
C LEU A 1386 25.92 -29.04 -42.33
N LEU A 1387 27.03 -28.88 -41.63
CA LEU A 1387 27.77 -29.99 -41.03
C LEU A 1387 28.82 -29.40 -40.11
N THR A 1388 29.17 -28.13 -40.36
CA THR A 1388 30.16 -27.41 -39.59
C THR A 1388 29.45 -26.62 -38.50
N SER A 1389 29.83 -26.85 -37.25
CA SER A 1389 29.00 -26.47 -36.12
C SER A 1389 29.52 -25.16 -35.55
N MET A 1390 28.61 -24.25 -35.23
CA MET A 1390 28.97 -22.91 -34.79
C MET A 1390 28.16 -22.53 -33.55
N TYR A 1391 28.83 -21.84 -32.63
CA TYR A 1391 28.26 -21.42 -31.35
C TYR A 1391 29.25 -20.45 -30.72
N VAL A 1392 28.82 -19.79 -29.65
CA VAL A 1392 29.58 -18.70 -29.05
C VAL A 1392 30.06 -19.12 -27.66
N LYS A 1393 31.38 -19.26 -27.50
CA LYS A 1393 31.93 -19.82 -26.28
C LYS A 1393 31.89 -18.83 -25.14
N GLU A 1394 32.03 -17.55 -25.44
CA GLU A 1394 32.19 -16.49 -24.46
C GLU A 1394 31.63 -15.20 -25.02
N PHE A 1395 30.99 -14.41 -24.15
CA PHE A 1395 30.49 -13.10 -24.54
C PHE A 1395 30.49 -12.19 -23.34
N LEU A 1396 30.21 -10.91 -23.58
CA LEU A 1396 29.97 -9.92 -22.55
C LEU A 1396 28.82 -9.00 -22.96
N ILE A 1397 28.40 -8.15 -22.03
CA ILE A 1397 27.12 -7.47 -22.10
C ILE A 1397 27.35 -5.99 -21.79
N SER A 1398 26.81 -5.11 -22.63
CA SER A 1398 26.82 -3.69 -22.37
C SER A 1398 25.37 -3.24 -22.23
N SER A 1399 25.15 -2.17 -21.48
CA SER A 1399 23.81 -1.72 -21.20
C SER A 1399 23.74 -0.20 -21.27
N SER A 1400 22.53 0.30 -21.51
CA SER A 1400 22.35 1.72 -21.76
C SER A 1400 20.91 2.10 -21.47
N GLN A 1401 20.73 3.37 -21.11
CA GLN A 1401 19.40 3.95 -20.96
C GLN A 1401 19.03 4.85 -22.13
N ASP A 1402 20.02 5.26 -22.93
CA ASP A 1402 19.86 6.26 -23.98
C ASP A 1402 20.20 5.75 -25.37
N GLY A 1403 21.02 4.70 -25.49
CA GLY A 1403 21.46 4.22 -26.77
C GLY A 1403 22.73 4.84 -27.33
N HIS A 1404 23.30 5.84 -26.68
CA HIS A 1404 24.59 6.37 -27.12
C HIS A 1404 25.69 6.31 -26.06
N GLN A 1405 25.35 5.91 -24.84
CA GLN A 1405 26.30 5.68 -23.76
C GLN A 1405 26.19 4.23 -23.32
N TRP A 1406 27.26 3.67 -22.78
CA TRP A 1406 27.25 2.25 -22.48
C TRP A 1406 28.09 1.98 -21.25
N THR A 1407 27.70 0.96 -20.50
CA THR A 1407 28.47 0.43 -19.39
C THR A 1407 28.38 -1.09 -19.34
N LEU A 1408 29.52 -1.74 -19.19
CA LEU A 1408 29.52 -3.19 -19.01
C LEU A 1408 29.07 -3.53 -17.59
N PHE A 1409 28.28 -4.60 -17.47
CA PHE A 1409 27.76 -5.03 -16.18
C PHE A 1409 28.88 -5.56 -15.29
N PHE A 1410 29.54 -4.66 -14.56
CA PHE A 1410 30.54 -5.08 -13.60
C PHE A 1410 29.90 -5.95 -12.52
N GLN A 1411 30.75 -6.62 -11.75
CA GLN A 1411 30.27 -7.40 -10.63
C GLN A 1411 31.43 -7.65 -9.67
N ASN A 1412 31.13 -7.52 -8.37
CA ASN A 1412 32.06 -7.74 -7.27
C ASN A 1412 33.46 -7.23 -7.57
N GLY A 1413 33.55 -6.16 -8.37
CA GLY A 1413 34.83 -5.66 -8.82
C GLY A 1413 34.90 -5.53 -10.32
N LYS A 1414 34.59 -6.63 -11.01
CA LYS A 1414 35.18 -6.96 -12.29
C LYS A 1414 34.13 -7.04 -13.40
N VAL A 1415 34.59 -6.75 -14.62
CA VAL A 1415 33.89 -6.95 -15.87
C VAL A 1415 33.62 -8.44 -16.07
N LYS A 1416 32.38 -8.84 -15.81
CA LYS A 1416 31.97 -10.24 -15.94
C LYS A 1416 32.22 -10.79 -17.34
N VAL A 1417 32.75 -12.00 -17.39
CA VAL A 1417 32.84 -12.81 -18.61
C VAL A 1417 31.93 -14.02 -18.44
N PHE A 1418 30.90 -14.09 -19.28
CA PHE A 1418 29.88 -15.13 -19.19
C PHE A 1418 30.26 -16.40 -19.91
N GLN A 1419 29.89 -17.54 -19.31
CA GLN A 1419 30.10 -18.84 -19.93
C GLN A 1419 29.31 -18.89 -21.23
N GLY A 1420 29.69 -19.82 -22.10
CA GLY A 1420 29.01 -20.03 -23.36
C GLY A 1420 28.47 -21.44 -23.56
N ASN A 1421 27.69 -21.55 -24.64
CA ASN A 1421 27.34 -22.84 -25.22
C ASN A 1421 28.58 -23.71 -25.41
N GLN A 1422 28.41 -25.02 -25.24
CA GLN A 1422 29.41 -25.99 -25.66
C GLN A 1422 29.02 -26.73 -26.93
N ASP A 1423 27.77 -26.63 -27.38
CA ASP A 1423 27.34 -27.24 -28.62
C ASP A 1423 26.40 -26.29 -29.35
N SER A 1424 26.16 -26.58 -30.63
CA SER A 1424 25.43 -25.68 -31.49
C SER A 1424 23.93 -25.97 -31.54
N PHE A 1425 23.41 -26.70 -30.55
CA PHE A 1425 21.98 -26.98 -30.45
C PHE A 1425 21.38 -26.81 -29.05
N THR A 1426 22.18 -26.93 -27.99
CA THR A 1426 21.66 -26.96 -26.61
C THR A 1426 21.54 -25.55 -26.04
N PRO A 1427 20.35 -25.11 -25.64
CA PRO A 1427 20.24 -23.82 -24.95
C PRO A 1427 20.76 -23.87 -23.53
N VAL A 1428 21.29 -22.74 -23.08
CA VAL A 1428 21.90 -22.63 -21.76
C VAL A 1428 21.47 -21.30 -21.14
N VAL A 1429 20.96 -21.37 -19.89
CA VAL A 1429 20.48 -20.19 -19.18
C VAL A 1429 21.65 -19.53 -18.46
N ASN A 1430 21.52 -18.23 -18.14
CA ASN A 1430 22.62 -17.45 -17.60
C ASN A 1430 22.07 -16.29 -16.77
N SER A 1431 21.61 -16.60 -15.55
CA SER A 1431 20.94 -15.59 -14.72
C SER A 1431 21.87 -14.42 -14.44
N LEU A 1432 21.30 -13.22 -14.50
CA LEU A 1432 21.99 -11.96 -14.20
C LEU A 1432 21.75 -11.47 -12.76
N ASP A 1433 22.83 -11.36 -12.00
CA ASP A 1433 22.79 -11.32 -10.53
C ASP A 1433 23.88 -10.38 -10.03
N PRO A 1434 23.53 -9.16 -9.60
CA PRO A 1434 22.15 -8.68 -9.37
C PRO A 1434 21.60 -7.98 -10.61
N PRO A 1435 20.36 -8.28 -10.98
CA PRO A 1435 19.94 -8.01 -12.37
C PRO A 1435 19.86 -6.52 -12.70
N LEU A 1436 20.37 -6.20 -13.88
CA LEU A 1436 20.49 -4.83 -14.34
C LEU A 1436 19.12 -4.27 -14.76
N LEU A 1437 18.95 -2.97 -14.62
CA LEU A 1437 17.81 -2.26 -15.23
C LEU A 1437 18.31 -1.48 -16.44
N THR A 1438 17.68 -1.70 -17.59
CA THR A 1438 18.01 -0.94 -18.79
C THR A 1438 16.97 -1.18 -19.88
N ARG A 1439 16.91 -0.24 -20.83
CA ARG A 1439 16.02 -0.34 -21.97
C ARG A 1439 16.78 -0.70 -23.24
N TYR A 1440 18.11 -0.83 -23.13
CA TYR A 1440 19.00 -1.10 -24.25
C TYR A 1440 19.92 -2.24 -23.82
N LEU A 1441 20.06 -3.27 -24.66
CA LEU A 1441 20.92 -4.38 -24.27
C LEU A 1441 21.78 -4.82 -25.44
N ARG A 1442 23.09 -4.90 -25.20
CA ARG A 1442 24.04 -5.32 -26.21
C ARG A 1442 24.83 -6.53 -25.70
N ILE A 1443 25.07 -7.48 -26.61
CA ILE A 1443 25.85 -8.69 -26.34
C ILE A 1443 27.17 -8.56 -27.07
N HIS A 1444 28.29 -8.68 -26.34
CA HIS A 1444 29.62 -8.53 -26.94
C HIS A 1444 30.35 -9.86 -26.91
N PRO A 1445 30.25 -10.65 -27.98
CA PRO A 1445 30.97 -11.93 -28.05
C PRO A 1445 32.48 -11.71 -28.13
N GLN A 1446 33.22 -12.42 -27.29
CA GLN A 1446 34.67 -12.27 -27.21
C GLN A 1446 35.43 -13.46 -27.78
N SER A 1447 35.04 -14.68 -27.43
CA SER A 1447 35.66 -15.89 -27.96
C SER A 1447 34.58 -16.84 -28.46
N TRP A 1448 34.82 -17.45 -29.63
CA TRP A 1448 33.77 -18.26 -30.27
C TRP A 1448 34.33 -19.60 -30.73
N VAL A 1449 33.57 -20.29 -31.57
CA VAL A 1449 33.98 -21.57 -32.16
C VAL A 1449 33.50 -21.60 -33.60
N HIS A 1450 34.45 -21.80 -34.53
CA HIS A 1450 34.22 -21.74 -35.97
C HIS A 1450 33.66 -20.40 -36.43
N GLN A 1451 32.43 -20.08 -36.02
CA GLN A 1451 31.73 -18.87 -36.43
C GLN A 1451 30.86 -18.34 -35.29
N ILE A 1452 30.72 -17.02 -35.25
CA ILE A 1452 29.77 -16.37 -34.36
C ILE A 1452 28.34 -16.60 -34.85
N ALA A 1453 27.51 -17.18 -33.99
CA ALA A 1453 26.12 -17.47 -34.36
C ALA A 1453 25.27 -17.54 -33.09
N LEU A 1454 24.25 -16.68 -33.02
CA LEU A 1454 23.47 -16.46 -31.80
C LEU A 1454 21.99 -16.74 -32.03
N ARG A 1455 21.40 -17.57 -31.18
CA ARG A 1455 19.97 -17.53 -30.89
C ARG A 1455 19.80 -17.36 -29.38
N MET A 1456 18.79 -16.61 -28.95
CA MET A 1456 18.67 -16.39 -27.53
C MET A 1456 17.22 -16.14 -27.13
N GLU A 1457 16.95 -16.28 -25.83
CA GLU A 1457 15.80 -15.71 -25.17
C GLU A 1457 16.30 -14.75 -24.08
N VAL A 1458 15.44 -13.83 -23.66
CA VAL A 1458 15.68 -12.98 -22.51
C VAL A 1458 14.63 -13.28 -21.45
N LEU A 1459 15.04 -13.24 -20.19
CA LEU A 1459 14.18 -13.59 -19.07
C LEU A 1459 13.98 -12.39 -18.16
N GLY A 1460 12.73 -12.11 -17.80
CA GLY A 1460 12.48 -10.96 -16.95
C GLY A 1460 11.03 -10.48 -17.00
N CYS A 1461 10.86 -9.17 -16.81
CA CYS A 1461 9.56 -8.56 -16.58
C CYS A 1461 9.71 -7.05 -16.72
N GLU A 1462 8.58 -6.35 -16.62
CA GLU A 1462 8.52 -4.91 -16.79
C GLU A 1462 8.95 -4.22 -15.48
N GLN B 1 40.01 15.09 -24.51
CA GLN B 1 41.26 14.89 -23.78
C GLN B 1 41.50 13.40 -23.51
N VAL B 2 41.98 12.69 -24.54
CA VAL B 2 42.31 11.28 -24.44
C VAL B 2 43.81 11.15 -24.66
N GLN B 3 44.53 10.65 -23.65
CA GLN B 3 45.98 10.60 -23.67
C GLN B 3 46.46 9.21 -23.28
N LEU B 4 47.64 8.86 -23.80
CA LEU B 4 48.33 7.62 -23.47
C LEU B 4 49.74 7.94 -22.95
N GLN B 5 50.46 6.90 -22.57
CA GLN B 5 51.80 7.07 -21.98
C GLN B 5 52.49 5.70 -22.01
N GLN B 6 53.79 5.73 -21.70
CA GLN B 6 54.58 4.51 -21.52
C GLN B 6 55.91 4.87 -20.87
N SER B 7 56.26 4.17 -19.78
CA SER B 7 57.50 4.46 -19.04
C SER B 7 58.72 4.27 -19.92
N GLY B 8 59.39 5.36 -20.27
CA GLY B 8 60.56 5.31 -21.11
C GLY B 8 61.75 4.63 -20.46
N GLU B 10 65.42 1.64 -21.22
CA GLU B 10 66.20 0.70 -20.43
C GLU B 10 66.44 -0.59 -21.23
N LEU B 11 67.56 -1.25 -20.95
CA LEU B 11 67.95 -2.46 -21.66
C LEU B 11 68.56 -3.45 -20.68
N MET B 12 68.86 -4.64 -21.17
CA MET B 12 69.47 -5.69 -20.37
C MET B 12 70.20 -6.65 -21.31
N LYS B 13 70.62 -7.79 -20.79
CA LYS B 13 71.32 -8.80 -21.58
C LYS B 13 70.32 -9.80 -22.16
N PRO B 14 70.68 -10.45 -23.26
CA PRO B 14 69.80 -11.50 -23.81
C PRO B 14 69.61 -12.63 -22.82
N GLY B 15 68.40 -13.17 -22.78
CA GLY B 15 68.07 -14.24 -21.86
C GLY B 15 67.75 -13.71 -20.47
N ALA B 16 66.74 -12.86 -20.36
CA ALA B 16 66.34 -12.29 -19.08
C ALA B 16 64.83 -12.07 -19.08
N SER B 17 64.23 -12.22 -17.91
CA SER B 17 62.78 -12.05 -17.75
C SER B 17 62.38 -10.58 -17.93
N CYS B 22 52.06 1.27 -20.14
CA CYS B 22 51.02 2.02 -20.85
C CYS B 22 50.01 2.63 -19.87
N LYS B 23 50.26 3.87 -19.46
CA LYS B 23 49.38 4.61 -18.57
C LYS B 23 48.48 5.54 -19.36
N ALA B 24 47.27 5.76 -18.85
CA ALA B 24 46.31 6.59 -19.55
C ALA B 24 45.36 7.23 -18.55
N THR B 25 44.99 8.48 -18.83
CA THR B 25 44.00 9.21 -18.05
C THR B 25 43.11 10.00 -19.00
N GLY B 26 41.95 10.39 -18.50
CA GLY B 26 40.99 11.16 -19.28
C GLY B 26 39.87 10.36 -19.91
N TYR B 27 39.65 9.12 -19.46
CA TYR B 27 38.62 8.25 -20.01
C TYR B 27 38.35 7.13 -18.99
N THR B 28 37.71 6.05 -19.45
CA THR B 28 37.44 4.90 -18.60
C THR B 28 38.51 3.84 -18.85
N PHE B 29 39.29 3.54 -17.81
CA PHE B 29 40.43 2.65 -17.96
C PHE B 29 40.02 1.21 -18.24
N SER B 30 38.92 0.75 -17.65
CA SER B 30 38.54 -0.65 -17.77
C SER B 30 37.78 -0.94 -19.05
N SER B 31 36.73 -0.18 -19.35
CA SER B 31 35.81 -0.53 -20.43
C SER B 31 36.35 -0.19 -21.81
N TYR B 32 37.65 -0.36 -22.01
CA TYR B 32 38.26 -0.13 -23.32
C TYR B 32 39.49 -1.04 -23.46
N TRP B 33 39.60 -1.68 -24.62
CA TRP B 33 40.73 -2.55 -24.90
C TRP B 33 42.01 -1.74 -25.09
N ILE B 34 43.14 -2.35 -24.74
CA ILE B 34 44.45 -1.79 -24.99
C ILE B 34 45.26 -2.82 -25.78
N GLU B 35 46.08 -2.34 -26.71
CA GLU B 35 46.82 -3.18 -27.63
C GLU B 35 48.30 -2.81 -27.58
N TRP B 36 49.16 -3.82 -27.54
CA TRP B 36 50.60 -3.61 -27.55
C TRP B 36 51.16 -3.79 -28.95
N VAL B 37 52.36 -3.26 -29.17
CA VAL B 37 53.01 -3.31 -30.47
C VAL B 37 54.52 -3.25 -30.27
N LYS B 38 55.25 -3.97 -31.13
CA LYS B 38 56.72 -4.00 -31.11
C LYS B 38 57.20 -3.84 -32.56
N GLN B 39 57.20 -2.61 -33.04
CA GLN B 39 57.61 -2.33 -34.42
C GLN B 39 59.09 -2.65 -34.60
N ARG B 40 59.39 -3.82 -35.17
CA ARG B 40 60.74 -4.26 -35.45
C ARG B 40 61.49 -3.21 -36.27
N PRO B 41 62.79 -3.06 -36.06
CA PRO B 41 63.54 -1.99 -36.76
C PRO B 41 63.61 -2.25 -38.26
N GLY B 42 63.35 -1.22 -39.05
CA GLY B 42 63.34 -1.27 -40.52
C GLY B 42 62.11 -1.83 -41.21
N HIS B 43 61.45 -2.82 -40.60
CA HIS B 43 60.28 -3.43 -41.18
C HIS B 43 59.08 -2.50 -41.05
N GLY B 44 58.09 -2.90 -40.25
CA GLY B 44 56.90 -2.09 -40.06
C GLY B 44 56.32 -2.24 -38.66
N LEU B 45 55.01 -2.46 -38.59
CA LEU B 45 54.31 -2.67 -37.33
C LEU B 45 53.55 -3.98 -37.40
N GLU B 46 53.75 -4.84 -36.41
CA GLU B 46 53.14 -6.15 -36.35
C GLU B 46 51.94 -6.10 -35.37
N TRP B 47 51.80 -7.04 -34.44
CA TRP B 47 50.67 -7.04 -33.51
C TRP B 47 51.03 -7.90 -32.31
N ILE B 48 50.58 -7.48 -31.13
CA ILE B 48 50.82 -8.25 -29.92
C ILE B 48 49.51 -8.87 -29.45
N GLY B 49 48.86 -8.24 -28.49
CA GLY B 49 47.61 -8.76 -27.96
C GLY B 49 46.76 -7.67 -27.36
N GLU B 50 45.44 -7.89 -27.35
CA GLU B 50 44.50 -6.95 -26.78
C GLU B 50 44.19 -7.35 -25.34
N ILE B 51 44.44 -6.43 -24.40
CA ILE B 51 44.13 -6.65 -23.00
C ILE B 51 42.86 -5.89 -22.66
N LEU B 52 41.94 -6.55 -21.96
CA LEU B 52 40.80 -5.85 -21.40
C LEU B 52 41.12 -5.59 -19.93
N PRO B 53 41.63 -4.40 -19.56
CA PRO B 53 41.98 -4.17 -18.15
C PRO B 53 40.82 -4.27 -17.15
N GLY B 54 39.58 -4.46 -17.58
CA GLY B 54 38.53 -4.58 -16.60
C GLY B 54 38.18 -5.99 -16.25
N SER B 55 38.70 -6.96 -17.01
CA SER B 55 38.44 -8.36 -16.70
C SER B 55 39.72 -9.20 -16.78
N GLY B 56 40.48 -9.04 -17.86
CA GLY B 56 41.61 -9.93 -18.12
C GLY B 56 41.54 -10.73 -19.41
N SER B 57 40.45 -10.62 -20.18
CA SER B 57 40.36 -11.33 -21.45
C SER B 57 41.44 -10.84 -22.40
N THR B 58 42.13 -11.78 -23.03
CA THR B 58 43.25 -11.47 -23.90
C THR B 58 43.21 -12.33 -25.15
N ASN B 59 43.65 -11.76 -26.26
CA ASN B 59 43.75 -12.47 -27.55
C ASN B 59 45.14 -12.16 -28.11
N TYR B 60 46.09 -13.04 -27.81
CA TYR B 60 47.48 -12.82 -28.21
C TYR B 60 47.67 -13.19 -29.69
N ASN B 61 48.89 -12.97 -30.18
CA ASN B 61 49.25 -13.21 -31.57
C ASN B 61 50.17 -14.42 -31.67
N GLU B 62 50.06 -15.14 -32.79
CA GLU B 62 50.80 -16.40 -32.98
C GLU B 62 52.29 -16.23 -32.72
N ARG B 63 52.86 -15.11 -33.15
CA ARG B 63 54.30 -14.87 -33.00
C ARG B 63 54.68 -14.71 -31.53
N PHE B 64 54.29 -13.60 -30.91
CA PHE B 64 54.64 -13.32 -29.52
C PHE B 64 53.83 -14.17 -28.55
N LYS B 65 53.38 -15.35 -28.99
CA LYS B 65 52.52 -16.18 -28.15
C LYS B 65 53.22 -16.60 -26.87
N GLY B 66 54.52 -16.90 -26.96
CA GLY B 66 55.34 -17.24 -25.82
C GLY B 66 56.03 -16.08 -25.16
N LYS B 67 55.79 -14.85 -25.62
CA LYS B 67 56.44 -13.68 -25.03
C LYS B 67 55.50 -12.51 -24.77
N ALA B 68 54.19 -12.66 -24.94
CA ALA B 68 53.23 -11.56 -24.73
C ALA B 68 52.30 -11.97 -23.59
N SER B 69 52.79 -11.86 -22.36
CA SER B 69 51.94 -11.98 -21.18
C SER B 69 51.27 -10.64 -20.91
N PHE B 70 50.13 -10.69 -20.24
CA PHE B 70 49.25 -9.53 -20.14
C PHE B 70 48.78 -9.36 -18.69
N THR B 71 49.32 -8.35 -18.02
CA THR B 71 48.91 -8.01 -16.65
C THR B 71 48.52 -6.54 -16.61
N ALA B 72 47.83 -6.17 -15.54
CA ALA B 72 47.38 -4.78 -15.35
C ALA B 72 46.95 -4.63 -13.90
N ASP B 73 46.47 -3.43 -13.56
CA ASP B 73 45.95 -3.12 -12.24
C ASP B 73 44.85 -2.08 -12.38
N SER B 74 43.72 -2.30 -11.69
CA SER B 74 42.55 -1.45 -11.87
C SER B 74 42.71 -0.09 -11.19
N SER B 75 42.87 -0.08 -9.87
CA SER B 75 42.93 1.17 -9.10
C SER B 75 44.30 1.83 -9.23
N SER B 76 44.67 2.12 -10.48
CA SER B 76 45.93 2.78 -10.79
C SER B 76 45.95 3.28 -12.23
N ASN B 77 45.12 2.68 -13.09
CA ASN B 77 45.02 3.03 -14.51
C ASN B 77 46.38 2.87 -15.20
N THR B 78 46.86 1.63 -15.23
CA THR B 78 48.11 1.30 -15.89
C THR B 78 48.07 -0.14 -16.37
N ALA B 79 48.85 -0.44 -17.40
CA ALA B 79 48.93 -1.79 -17.94
C ALA B 79 50.35 -2.04 -18.42
N TYR B 80 50.91 -3.20 -18.07
CA TYR B 80 52.27 -3.56 -18.41
C TYR B 80 52.29 -4.77 -19.34
N MET B 81 53.50 -5.23 -19.65
CA MET B 81 53.70 -6.42 -20.48
C MET B 81 55.07 -6.99 -20.13
N GLN B 82 55.12 -8.29 -19.88
CA GLN B 82 56.35 -8.97 -19.48
C GLN B 82 56.72 -10.02 -20.51
N LEU B 83 58.02 -10.08 -20.83
CA LEU B 83 58.57 -11.06 -21.75
C LEU B 83 59.83 -11.65 -21.15
N SER B 84 60.07 -12.93 -21.43
CA SER B 84 61.22 -13.66 -20.93
C SER B 84 62.16 -14.02 -22.07
N SER B 85 63.47 -14.04 -21.76
CA SER B 85 64.53 -14.34 -22.71
C SER B 85 64.47 -13.44 -23.93
N LEU B 86 65.24 -12.36 -23.92
CA LEU B 86 65.25 -11.41 -25.02
C LEU B 86 66.29 -11.78 -26.07
N THR B 87 66.10 -11.26 -27.27
CA THR B 87 66.96 -11.56 -28.41
C THR B 87 67.57 -10.28 -28.96
N SER B 88 68.86 -10.34 -29.28
CA SER B 88 69.58 -9.20 -29.81
C SER B 88 69.10 -8.85 -31.22
N SER B 91 64.97 -5.76 -29.52
CA SER B 91 65.54 -4.57 -30.15
C SER B 91 64.58 -4.05 -31.19
N ALA B 92 63.95 -2.91 -30.91
CA ALA B 92 62.98 -2.30 -31.82
C ALA B 92 62.68 -0.90 -31.28
N VAL B 93 61.60 -0.30 -31.78
CA VAL B 93 61.11 0.99 -31.28
C VAL B 93 59.63 1.07 -31.63
N TYR B 94 58.83 1.61 -30.70
CA TYR B 94 57.39 1.69 -30.89
C TYR B 94 56.78 2.72 -29.95
N CYS B 96 51.67 1.55 -27.57
CA CYS B 96 50.35 0.94 -27.39
C CYS B 96 49.26 1.80 -28.02
N THR B 97 48.04 1.27 -28.04
CA THR B 97 46.91 1.99 -28.61
C THR B 97 45.63 1.42 -28.01
N ARG B 98 44.51 2.09 -28.30
CA ARG B 98 43.23 1.80 -27.68
C ARG B 98 42.19 1.40 -28.72
N THR B 99 41.42 0.36 -28.40
CA THR B 99 40.28 -0.05 -29.19
C THR B 99 39.09 -0.26 -28.28
N SER B 100 37.89 -0.03 -28.80
CA SER B 100 36.66 -0.14 -28.03
C SER B 100 36.11 -1.57 -28.11
N TYR B 101 35.27 -1.90 -27.12
CA TYR B 101 34.71 -3.24 -27.04
C TYR B 101 33.48 -3.44 -27.91
N TYR B 102 32.90 -2.37 -28.45
CA TYR B 102 31.72 -2.45 -29.30
C TYR B 102 32.03 -1.83 -30.66
N PHE B 103 31.35 -2.31 -31.69
CA PHE B 103 31.50 -1.73 -33.02
C PHE B 103 30.57 -0.54 -33.18
N GLY B 104 31.11 0.55 -33.72
CA GLY B 104 30.31 1.74 -33.96
C GLY B 104 30.97 3.02 -33.49
N SER B 105 31.67 2.97 -32.37
CA SER B 105 32.28 4.17 -31.82
C SER B 105 33.52 4.55 -32.62
N SER B 106 34.03 5.75 -32.34
CA SER B 106 35.22 6.27 -32.99
C SER B 106 36.45 6.22 -32.11
N TYR B 107 36.36 5.62 -30.92
CA TYR B 107 37.52 5.47 -30.04
C TYR B 107 38.23 4.15 -30.36
N ASP B 108 38.83 4.12 -31.55
CA ASP B 108 39.57 2.95 -32.02
C ASP B 108 40.90 3.42 -32.59
N PHE B 109 41.98 3.15 -31.84
CA PHE B 109 43.35 3.53 -32.23
C PHE B 109 43.51 5.03 -32.47
N ASP B 110 42.68 5.85 -31.81
CA ASP B 110 42.79 7.30 -31.98
C ASP B 110 44.09 7.82 -31.36
N VAL B 111 44.32 7.51 -30.09
CA VAL B 111 45.56 7.88 -29.41
C VAL B 111 46.53 6.72 -29.50
N TRP B 112 47.80 7.01 -29.70
CA TRP B 112 48.83 6.00 -29.86
C TRP B 112 49.81 6.05 -28.70
N GLY B 113 50.72 5.07 -28.68
CA GLY B 113 51.67 4.97 -27.60
C GLY B 113 52.69 6.08 -27.61
N ALA B 114 53.32 6.29 -26.45
CA ALA B 114 54.32 7.33 -26.28
C ALA B 114 55.71 6.91 -26.73
N GLY B 115 55.87 5.69 -27.23
CA GLY B 115 57.17 5.22 -27.67
C GLY B 115 58.11 4.87 -26.53
N THR B 116 58.97 3.88 -26.74
CA THR B 116 59.89 3.45 -25.70
C THR B 116 61.12 2.83 -26.36
N THR B 117 62.29 3.08 -25.77
CA THR B 117 63.54 2.50 -26.24
C THR B 117 63.73 1.11 -25.62
N VAL B 118 64.24 0.19 -26.45
CA VAL B 118 64.47 -1.19 -26.03
C VAL B 118 65.69 -1.72 -26.79
N THR B 119 66.60 -2.37 -26.06
CA THR B 119 67.83 -2.90 -26.64
C THR B 119 68.18 -4.21 -25.95
N VAL B 120 68.83 -5.10 -26.70
CA VAL B 120 69.28 -6.40 -26.21
C VAL B 120 70.71 -6.62 -26.70
N SER B 121 71.67 -6.52 -25.80
CA SER B 121 73.08 -6.79 -26.08
C SER B 121 73.81 -6.82 -24.73
N SER B 122 75.15 -6.87 -24.77
CA SER B 122 75.98 -6.93 -23.56
C SER B 122 77.25 -6.13 -23.86
N ALA B 123 77.10 -4.80 -23.85
CA ALA B 123 78.23 -3.89 -24.06
C ALA B 123 79.02 -3.68 -22.78
N MET C 4 48.67 -8.34 -46.38
CA MET C 4 48.56 -6.89 -46.34
C MET C 4 49.87 -6.23 -46.75
N THR C 5 49.92 -5.75 -47.98
CA THR C 5 51.07 -5.06 -48.54
C THR C 5 50.67 -3.65 -48.95
N GLN C 6 51.64 -2.90 -49.49
CA GLN C 6 51.43 -1.54 -49.92
C GLN C 6 51.98 -1.36 -51.33
N SER C 7 51.36 -0.44 -52.08
CA SER C 7 51.75 -0.17 -53.47
C SER C 7 51.81 1.33 -53.71
N PRO C 8 52.89 1.86 -54.31
CA PRO C 8 54.06 1.06 -54.66
C PRO C 8 55.08 1.01 -53.53
N SER C 9 54.64 1.37 -52.32
CA SER C 9 55.44 1.36 -51.11
C SER C 9 56.65 2.29 -51.18
N SER C 10 56.79 3.03 -52.28
CA SER C 10 57.90 3.96 -52.47
C SER C 10 57.66 4.86 -53.67
N LEU C 11 56.97 5.99 -53.45
CA LEU C 11 56.74 6.97 -54.51
C LEU C 11 56.67 8.34 -53.83
N SER C 12 57.84 8.99 -53.72
CA SER C 12 57.92 10.27 -53.05
C SER C 12 57.25 11.36 -53.88
N ALA C 13 57.12 12.54 -53.27
CA ALA C 13 56.52 13.70 -53.93
C ALA C 13 56.98 14.98 -53.26
N SER C 14 56.06 15.95 -53.12
CA SER C 14 56.41 17.21 -52.49
C SER C 14 55.22 17.78 -51.70
N LEU C 15 54.59 18.82 -52.22
CA LEU C 15 53.54 19.54 -51.50
C LEU C 15 52.38 19.84 -52.46
N GLY C 16 51.44 18.90 -52.53
CA GLY C 16 50.17 19.18 -53.17
C GLY C 16 49.99 18.69 -54.60
N GLU C 17 50.27 17.42 -54.86
CA GLU C 17 49.99 16.80 -56.15
C GLU C 17 49.54 15.36 -55.90
N ARG C 18 49.42 14.59 -56.97
CA ARG C 18 48.95 13.20 -56.89
C ARG C 18 50.15 12.28 -56.78
N VAL C 19 50.41 11.79 -55.56
CA VAL C 19 51.54 10.91 -55.29
C VAL C 19 51.10 9.45 -55.44
N SER C 20 51.29 8.66 -54.38
CA SER C 20 50.93 7.25 -54.41
C SER C 20 50.97 6.62 -53.02
N LEU C 21 49.82 6.18 -52.52
CA LEU C 21 49.75 5.49 -51.23
C LEU C 21 48.45 4.70 -51.20
N THR C 22 48.53 3.43 -51.57
CA THR C 22 47.36 2.56 -51.70
C THR C 22 47.62 1.25 -50.98
N CYS C 23 46.58 0.70 -50.36
CA CYS C 23 46.67 -0.53 -49.60
C CYS C 23 45.89 -1.64 -50.28
N ARG C 24 46.43 -2.86 -50.20
CA ARG C 24 45.78 -4.05 -50.76
C ARG C 24 45.71 -5.12 -49.68
N ALA C 25 44.53 -5.72 -49.51
CA ALA C 25 44.28 -6.66 -48.43
C ALA C 25 44.40 -8.10 -48.93
N SER C 26 44.69 -9.00 -47.99
CA SER C 26 44.81 -10.42 -48.33
C SER C 26 43.45 -11.01 -48.70
N GLN C 27 42.47 -10.84 -47.83
CA GLN C 27 41.13 -11.36 -48.05
C GLN C 27 40.13 -10.19 -48.10
N GLU C 28 38.85 -10.54 -48.13
CA GLU C 28 37.79 -9.55 -48.08
C GLU C 28 37.66 -9.02 -46.66
N ILE C 29 37.68 -7.70 -46.53
CA ILE C 29 37.61 -7.02 -45.24
C ILE C 29 36.28 -6.31 -45.08
N SER C 30 35.83 -5.64 -46.14
CA SER C 30 34.56 -4.93 -46.17
C SER C 30 34.42 -3.79 -45.16
N GLY C 31 35.13 -2.65 -45.29
CA GLY C 31 34.88 -1.55 -44.37
C GLY C 31 35.91 -1.34 -43.28
N TYR C 32 36.63 -2.38 -42.85
CA TYR C 32 37.47 -2.32 -41.67
C TYR C 32 38.92 -1.98 -42.00
N LEU C 33 39.11 -0.87 -42.72
CA LEU C 33 40.44 -0.41 -43.11
C LEU C 33 40.67 0.98 -42.56
N SER C 34 41.93 1.32 -42.31
CA SER C 34 42.32 2.62 -41.80
C SER C 34 43.60 3.07 -42.51
N TRP C 35 44.07 4.26 -42.14
CA TRP C 35 45.31 4.81 -42.68
C TRP C 35 45.76 5.90 -41.74
N LEU C 36 47.05 5.91 -41.41
CA LEU C 36 47.58 6.83 -40.41
C LEU C 36 48.90 7.41 -40.92
N GLN C 37 49.68 8.00 -40.01
CA GLN C 37 50.90 8.72 -40.32
C GLN C 37 51.93 8.48 -39.23
N GLN C 38 53.20 8.39 -39.62
CA GLN C 38 54.30 8.17 -38.70
C GLN C 38 55.23 9.38 -38.69
N LYS C 39 55.40 10.00 -37.52
CA LYS C 39 56.42 11.03 -37.39
C LYS C 39 57.75 10.43 -36.98
N PRO C 40 58.87 11.07 -37.34
CA PRO C 40 60.18 10.46 -37.06
C PRO C 40 60.47 10.24 -35.58
N ASP C 41 60.09 11.19 -34.71
CA ASP C 41 60.38 11.05 -33.29
C ASP C 41 59.49 10.04 -32.58
N GLY C 42 58.66 9.29 -33.29
CA GLY C 42 57.79 8.29 -32.69
C GLY C 42 56.35 8.70 -32.57
N THR C 43 55.99 9.91 -32.98
CA THR C 43 54.61 10.38 -32.86
C THR C 43 53.73 9.67 -33.88
N ILE C 44 52.68 9.00 -33.39
CA ILE C 44 51.75 8.25 -34.23
C ILE C 44 50.36 8.84 -34.03
N LYS C 45 49.70 9.16 -35.14
CA LYS C 45 48.37 9.76 -35.12
C LYS C 45 47.39 8.83 -35.83
N ARG C 46 46.20 9.35 -36.13
CA ARG C 46 45.19 8.59 -36.85
C ARG C 46 44.38 9.56 -37.71
N LEU C 47 43.93 9.07 -38.87
CA LEU C 47 43.10 9.87 -39.76
C LEU C 47 41.96 9.04 -40.34
N ILE C 48 42.23 8.32 -41.42
CA ILE C 48 41.20 7.52 -42.08
C ILE C 48 40.86 6.32 -41.20
N TYR C 49 39.57 6.08 -41.00
CA TYR C 49 39.09 4.88 -40.35
C TYR C 49 37.70 4.55 -40.90
N ALA C 50 37.36 3.27 -40.90
CA ALA C 50 36.13 2.77 -41.51
C ALA C 50 36.01 3.23 -42.96
N ALA C 51 37.11 3.09 -43.71
CA ALA C 51 37.18 3.44 -45.13
C ALA C 51 36.98 4.92 -45.38
N SER C 52 35.73 5.39 -45.38
CA SER C 52 35.38 6.76 -45.71
C SER C 52 34.76 7.44 -44.48
N THR C 53 35.60 7.95 -43.59
CA THR C 53 35.14 8.67 -42.42
C THR C 53 36.24 9.62 -41.96
N LEU C 54 35.84 10.78 -41.45
CA LEU C 54 36.77 11.81 -41.03
C LEU C 54 37.16 11.64 -39.56
N ASP C 55 38.22 12.34 -39.17
CA ASP C 55 38.76 12.24 -37.82
C ASP C 55 38.36 13.48 -37.00
N SER C 56 38.97 13.63 -35.83
CA SER C 56 38.65 14.72 -34.90
C SER C 56 39.68 15.84 -34.97
N SER C 57 40.84 15.64 -34.35
CA SER C 57 41.88 16.66 -34.32
C SER C 57 42.79 16.60 -35.55
N VAL C 58 42.26 16.19 -36.69
CA VAL C 58 43.02 16.16 -37.94
C VAL C 58 42.28 16.98 -38.98
N PRO C 59 42.98 17.60 -39.94
CA PRO C 59 42.28 18.41 -40.95
C PRO C 59 41.36 17.60 -41.85
N LYS C 60 40.68 18.28 -42.78
CA LYS C 60 39.70 17.63 -43.64
C LYS C 60 40.16 17.62 -45.09
N ARG C 61 41.27 16.91 -45.38
CA ARG C 61 41.78 16.86 -46.73
C ARG C 61 41.95 15.45 -47.27
N PHE C 62 42.14 14.45 -46.42
CA PHE C 62 42.43 13.09 -46.86
C PHE C 62 41.14 12.30 -47.12
N GLY C 64 41.31 9.23 -49.13
CA GLY C 64 40.30 8.45 -48.43
C GLY C 64 39.26 7.86 -49.35
N SER C 65 39.38 6.56 -49.60
CA SER C 65 38.49 5.86 -50.52
C SER C 65 38.55 4.37 -50.22
N ARG C 66 37.64 3.63 -50.86
CA ARG C 66 37.58 2.19 -50.65
C ARG C 66 36.84 1.54 -51.82
N SER C 67 37.17 0.27 -52.06
CA SER C 67 36.51 -0.56 -53.06
C SER C 67 37.05 -1.99 -52.96
N GLY C 68 36.16 -2.95 -52.74
CA GLY C 68 36.56 -4.34 -52.60
C GLY C 68 37.36 -4.86 -53.77
N SER C 69 38.61 -5.28 -53.52
CA SER C 69 39.17 -5.31 -52.17
C SER C 69 40.42 -4.45 -52.04
N ASP C 70 40.23 -3.12 -52.07
CA ASP C 70 41.33 -2.17 -51.93
C ASP C 70 40.80 -0.92 -51.25
N TYR C 71 41.73 -0.10 -50.77
CA TYR C 71 41.39 1.17 -50.12
C TYR C 71 42.68 1.95 -49.90
N SER C 72 42.53 3.17 -49.38
CA SER C 72 43.66 4.06 -49.13
C SER C 72 43.74 4.43 -47.65
N ASP C 79 50.74 18.96 -49.46
CA ASP C 79 51.01 20.11 -48.61
C ASP C 79 51.32 19.67 -47.17
N SER C 80 51.56 20.65 -46.31
CA SER C 80 51.82 20.43 -44.89
C SER C 80 53.07 19.58 -44.67
N GLU C 81 53.27 19.12 -43.43
CA GLU C 81 54.42 18.30 -43.06
C GLU C 81 54.38 16.98 -43.80
N ASP C 82 55.05 16.91 -44.96
CA ASP C 82 54.96 15.76 -45.85
C ASP C 82 56.23 14.93 -45.75
N PHE C 83 56.31 14.12 -44.68
CA PHE C 83 57.37 13.13 -44.53
C PHE C 83 56.91 12.09 -43.52
N ALA C 84 56.55 10.91 -44.01
CA ALA C 84 56.04 9.85 -43.15
C ALA C 84 56.08 8.53 -43.93
N VAL C 85 55.77 7.45 -43.22
CA VAL C 85 55.63 6.13 -43.82
C VAL C 85 54.20 5.70 -43.53
N TYR C 86 53.34 5.78 -44.54
CA TYR C 86 51.92 5.50 -44.36
C TYR C 86 51.70 3.99 -44.30
N TYR C 87 51.22 3.51 -43.15
CA TYR C 87 50.83 2.11 -42.97
C TYR C 87 49.31 2.03 -42.87
N CYS C 88 48.72 1.04 -43.52
CA CYS C 88 47.28 0.81 -43.42
C CYS C 88 46.98 -0.16 -42.29
N LEU C 89 45.71 -0.24 -41.92
CA LEU C 89 45.26 -1.07 -40.80
C LEU C 89 44.15 -2.00 -41.26
N GLN C 90 44.22 -3.24 -40.80
CA GLN C 90 43.22 -4.27 -41.10
C GLN C 90 42.54 -4.66 -39.80
N TYR C 91 41.26 -4.31 -39.66
CA TYR C 91 40.54 -4.57 -38.42
C TYR C 91 39.32 -5.45 -38.67
N ALA C 92 39.49 -6.55 -39.41
CA ALA C 92 38.39 -7.42 -39.76
C ALA C 92 38.36 -8.74 -38.99
N SER C 93 39.51 -9.24 -38.55
CA SER C 93 39.56 -10.50 -37.80
C SER C 93 40.93 -10.63 -37.16
N TYR C 94 40.94 -11.28 -35.98
CA TYR C 94 42.19 -11.56 -35.28
C TYR C 94 42.91 -12.74 -35.95
N PRO C 95 44.24 -12.67 -36.10
CA PRO C 95 45.09 -11.57 -35.64
C PRO C 95 45.14 -10.39 -36.61
N TYR C 96 45.32 -9.18 -36.07
CA TYR C 96 45.38 -7.97 -36.87
C TYR C 96 46.81 -7.73 -37.35
N THR C 97 46.94 -6.85 -38.35
CA THR C 97 48.25 -6.55 -38.93
C THR C 97 48.19 -5.18 -39.58
N PHE C 98 49.33 -4.48 -39.53
CA PHE C 98 49.44 -3.17 -40.15
C PHE C 98 49.74 -3.30 -41.63
N GLY C 99 50.85 -2.72 -42.10
CA GLY C 99 51.17 -2.75 -43.51
C GLY C 99 52.65 -2.90 -43.81
N GLY C 100 53.03 -2.64 -45.06
CA GLY C 100 54.42 -2.74 -45.48
C GLY C 100 55.18 -1.45 -45.32
N GLY C 101 54.61 -0.35 -45.80
CA GLY C 101 55.25 0.97 -45.60
C GLY C 101 55.54 1.66 -46.92
N THR C 102 55.05 2.89 -47.03
CA THR C 102 55.27 3.75 -48.19
C THR C 102 56.19 4.89 -47.77
N LYS C 103 57.45 4.80 -48.17
CA LYS C 103 58.47 5.76 -47.75
C LYS C 103 58.52 6.94 -48.71
N VAL C 104 58.64 8.15 -48.15
CA VAL C 104 58.76 9.38 -48.92
C VAL C 104 59.78 10.28 -48.25
N GLU C 105 60.31 11.23 -49.03
CA GLU C 105 61.28 12.19 -48.53
C GLU C 105 61.24 13.43 -49.41
N ILE C 106 61.37 14.60 -48.79
CA ILE C 106 61.31 15.86 -49.51
C ILE C 106 62.69 16.24 -50.04
#